data_9CE9
#
_entry.id   9CE9
#
_entity_poly.entity_id   1
_entity_poly.type   'polypeptide(L)'
_entity_poly.pdbx_seq_one_letter_code
;GHAPAEKRSTTREGRGTWYDTGLGACGWNNVNSDTVIALSPSVYSGGSHCGQTVTVTNVVTGAKATGTVADECPGCGPND
IDMTPGLFQQLGSLDEGVLTVSWTL
;
_entity_poly.pdbx_strand_id   A
#
# COMPACT_ATOMS: atom_id res chain seq x y z
N GLY A 1 -21.68 -11.87 -5.36
CA GLY A 1 -22.12 -12.57 -4.13
C GLY A 1 -20.94 -12.82 -3.19
N HIS A 2 -20.89 -14.01 -2.56
CA HIS A 2 -19.79 -14.38 -1.66
C HIS A 2 -18.54 -14.78 -2.46
N ALA A 3 -17.36 -14.63 -1.84
CA ALA A 3 -16.07 -14.95 -2.46
C ALA A 3 -15.01 -15.13 -1.36
N PRO A 4 -14.70 -16.40 -0.91
CA PRO A 4 -13.68 -16.67 0.12
C PRO A 4 -12.24 -16.59 -0.44
N ALA A 5 -11.79 -15.36 -0.74
CA ALA A 5 -10.50 -15.09 -1.40
C ALA A 5 -9.31 -15.52 -0.52
N GLU A 6 -8.51 -16.46 -1.05
CA GLU A 6 -7.33 -17.03 -0.37
C GLU A 6 -6.07 -16.62 -1.16
N LYS A 7 -5.60 -15.40 -0.89
CA LYS A 7 -4.40 -14.84 -1.52
C LYS A 7 -3.13 -15.43 -0.87
N ARG A 8 -2.18 -15.86 -1.72
CA ARG A 8 -0.85 -16.27 -1.29
C ARG A 8 -0.09 -15.02 -0.80
N SER A 9 -0.10 -14.80 0.53
CA SER A 9 0.58 -13.67 1.18
C SER A 9 2.10 -13.90 1.10
N THR A 10 2.73 -13.25 0.10
CA THR A 10 4.13 -13.49 -0.29
C THR A 10 4.81 -12.14 -0.48
N THR A 11 6.01 -11.98 0.12
CA THR A 11 6.80 -10.76 -0.01
C THR A 11 7.31 -10.63 -1.45
N ARG A 12 7.01 -9.48 -2.07
CA ARG A 12 7.39 -9.18 -3.46
C ARG A 12 7.61 -7.68 -3.58
N GLU A 13 8.50 -7.30 -4.51
CA GLU A 13 8.79 -5.90 -4.76
C GLU A 13 7.70 -5.32 -5.68
N GLY A 14 7.44 -4.05 -5.47
CA GLY A 14 6.48 -3.28 -6.22
C GLY A 14 6.72 -1.82 -6.02
N ARG A 15 5.89 -0.99 -6.59
CA ARG A 15 5.96 0.46 -6.42
C ARG A 15 4.97 0.89 -5.34
N GLY A 16 5.34 1.92 -4.58
CA GLY A 16 4.54 2.46 -3.51
C GLY A 16 4.75 3.95 -3.41
N THR A 17 3.71 4.72 -3.75
CA THR A 17 3.73 6.20 -3.74
C THR A 17 2.90 6.75 -2.59
N TRP A 18 3.07 8.03 -2.26
CA TRP A 18 2.26 8.69 -1.22
C TRP A 18 1.07 9.42 -1.84
N TYR A 19 -0.02 9.53 -1.08
CA TYR A 19 -1.19 10.36 -1.45
C TYR A 19 -1.61 11.24 -0.25
N ASP A 20 -2.55 12.17 -0.45
CA ASP A 20 -3.09 13.02 0.63
C ASP A 20 -4.21 12.27 1.34
N THR A 21 -3.85 11.67 2.47
CA THR A 21 -4.73 10.84 3.29
C THR A 21 -5.68 11.70 4.14
N GLY A 22 -6.99 11.41 4.03
CA GLY A 22 -8.04 12.08 4.80
C GLY A 22 -9.18 11.11 5.05
N LEU A 23 -9.69 10.50 3.98
CA LEU A 23 -10.78 9.52 4.02
C LEU A 23 -10.44 8.33 3.12
N GLY A 24 -10.30 7.13 3.73
CA GLY A 24 -10.05 5.89 2.99
C GLY A 24 -11.27 5.42 2.23
N ALA A 25 -11.03 4.67 1.14
CA ALA A 25 -12.09 4.07 0.28
C ALA A 25 -12.78 2.88 0.97
N CYS A 26 -12.19 2.42 2.09
CA CYS A 26 -12.84 1.49 3.04
C CYS A 26 -13.27 2.29 4.28
N GLY A 27 -13.92 1.62 5.25
CA GLY A 27 -14.39 2.28 6.48
C GLY A 27 -13.27 2.67 7.46
N TRP A 28 -12.44 3.63 7.03
CA TRP A 28 -11.32 4.20 7.80
C TRP A 28 -11.20 5.68 7.39
N ASN A 29 -10.88 6.53 8.37
CA ASN A 29 -10.62 7.96 8.16
C ASN A 29 -9.34 8.33 8.94
N ASN A 30 -8.27 8.67 8.18
CA ASN A 30 -6.90 8.84 8.74
C ASN A 30 -6.28 10.13 8.22
N VAL A 31 -5.36 10.70 8.99
CA VAL A 31 -4.58 11.88 8.59
C VAL A 31 -3.29 11.46 7.86
N ASN A 32 -2.55 12.46 7.37
CA ASN A 32 -1.30 12.28 6.62
C ASN A 32 -0.19 11.60 7.45
N SER A 33 -0.17 11.91 8.76
CA SER A 33 0.88 11.43 9.70
C SER A 33 0.72 9.94 10.03
N ASP A 34 -0.48 9.39 9.77
CA ASP A 34 -0.81 7.96 10.02
C ASP A 34 -0.04 7.03 9.07
N THR A 35 -0.16 5.72 9.33
CA THR A 35 0.47 4.66 8.55
C THR A 35 -0.60 3.70 7.99
N VAL A 36 -1.32 4.15 6.95
CA VAL A 36 -2.29 3.30 6.21
C VAL A 36 -1.91 3.28 4.72
N ILE A 37 -2.51 2.34 3.99
CA ILE A 37 -2.16 2.05 2.58
C ILE A 37 -3.40 2.11 1.68
N ALA A 38 -3.16 2.50 0.42
CA ALA A 38 -4.11 2.44 -0.68
C ALA A 38 -3.68 1.33 -1.64
N LEU A 39 -4.46 0.26 -1.69
CA LEU A 39 -4.10 -0.96 -2.48
C LEU A 39 -4.87 -0.91 -3.80
N SER A 40 -4.39 -1.67 -4.81
CA SER A 40 -5.06 -1.84 -6.11
C SER A 40 -6.58 -2.15 -5.92
N PRO A 41 -7.48 -1.68 -6.85
CA PRO A 41 -8.96 -1.74 -6.69
C PRO A 41 -9.48 -3.13 -6.26
N SER A 42 -10.43 -3.14 -5.28
CA SER A 42 -10.97 -4.37 -4.64
C SER A 42 -11.56 -5.37 -5.66
N VAL A 43 -11.95 -4.86 -6.84
CA VAL A 43 -12.36 -5.70 -8.00
C VAL A 43 -11.22 -6.67 -8.36
N TYR A 44 -10.00 -6.12 -8.50
CA TYR A 44 -8.79 -6.86 -8.87
C TYR A 44 -8.17 -7.56 -7.64
N SER A 45 -8.39 -6.97 -6.45
CA SER A 45 -7.81 -7.47 -5.19
C SER A 45 -8.76 -8.40 -4.41
N GLY A 46 -9.88 -8.80 -5.07
CA GLY A 46 -10.82 -9.80 -4.53
C GLY A 46 -11.66 -9.32 -3.35
N GLY A 47 -11.55 -8.03 -2.99
CA GLY A 47 -12.26 -7.44 -1.85
C GLY A 47 -11.52 -7.64 -0.51
N SER A 48 -10.86 -8.80 -0.37
CA SER A 48 -10.25 -9.26 0.89
C SER A 48 -8.88 -8.59 1.15
N HIS A 49 -8.47 -7.62 0.31
CA HIS A 49 -7.27 -6.79 0.58
C HIS A 49 -7.63 -5.58 1.46
N CYS A 50 -8.92 -5.20 1.45
CA CYS A 50 -9.45 -4.11 2.30
C CYS A 50 -9.37 -4.53 3.78
N GLY A 51 -8.58 -3.78 4.58
CA GLY A 51 -8.43 -4.06 6.01
C GLY A 51 -7.35 -5.09 6.34
N GLN A 52 -6.35 -5.21 5.46
CA GLN A 52 -5.20 -6.14 5.68
C GLN A 52 -3.96 -5.34 6.09
N THR A 53 -3.21 -5.84 7.08
CA THR A 53 -1.92 -5.26 7.46
C THR A 53 -0.84 -5.71 6.43
N VAL A 54 -0.05 -4.75 5.94
CA VAL A 54 0.97 -5.00 4.91
C VAL A 54 2.32 -4.41 5.36
N THR A 55 3.33 -5.29 5.44
CA THR A 55 4.72 -4.90 5.69
C THR A 55 5.38 -4.53 4.34
N VAL A 56 5.81 -3.27 4.24
CA VAL A 56 6.47 -2.69 3.04
C VAL A 56 7.95 -2.40 3.37
N THR A 57 8.89 -2.96 2.59
CA THR A 57 10.35 -2.74 2.79
C THR A 57 10.98 -2.07 1.56
N ASN A 58 11.23 -0.73 1.65
CA ASN A 58 11.82 0.04 0.54
C ASN A 58 13.23 -0.48 0.24
N VAL A 59 13.36 -1.19 -0.90
CA VAL A 59 14.59 -1.94 -1.27
C VAL A 59 15.77 -0.99 -1.60
N VAL A 60 15.44 0.30 -1.87
CA VAL A 60 16.43 1.34 -2.19
C VAL A 60 17.43 1.55 -1.02
N THR A 61 16.91 1.53 0.20
CA THR A 61 17.69 1.82 1.42
C THR A 61 17.55 0.67 2.48
N GLY A 62 16.64 -0.28 2.21
CA GLY A 62 16.34 -1.39 3.12
C GLY A 62 15.46 -1.01 4.30
N ALA A 63 14.80 0.18 4.22
CA ALA A 63 13.94 0.69 5.31
C ALA A 63 12.58 -0.02 5.29
N LYS A 64 12.25 -0.66 6.41
CA LYS A 64 11.04 -1.48 6.59
C LYS A 64 10.05 -0.70 7.47
N ALA A 65 8.80 -0.63 7.02
CA ALA A 65 7.69 -0.07 7.77
C ALA A 65 6.43 -0.91 7.51
N THR A 66 5.34 -0.61 8.23
CA THR A 66 4.08 -1.36 8.13
C THR A 66 2.88 -0.40 8.10
N GLY A 67 1.94 -0.66 7.18
CA GLY A 67 0.69 0.11 7.06
C GLY A 67 -0.48 -0.80 6.76
N THR A 68 -1.68 -0.40 7.18
CA THR A 68 -2.91 -1.20 6.99
C THR A 68 -3.74 -0.61 5.84
N VAL A 69 -4.19 -1.49 4.92
CA VAL A 69 -4.99 -1.09 3.75
C VAL A 69 -6.34 -0.52 4.20
N ALA A 70 -6.46 0.80 4.07
CA ALA A 70 -7.65 1.56 4.45
C ALA A 70 -8.29 2.20 3.21
N ASP A 71 -7.50 2.31 2.12
CA ASP A 71 -7.92 3.01 0.90
C ASP A 71 -7.63 2.14 -0.34
N GLU A 72 -8.20 2.56 -1.47
CA GLU A 72 -8.04 1.87 -2.77
C GLU A 72 -7.42 2.84 -3.78
N CYS A 73 -6.18 2.54 -4.19
CA CYS A 73 -5.48 3.21 -5.28
C CYS A 73 -6.12 2.81 -6.64
N PRO A 74 -6.90 3.74 -7.30
CA PRO A 74 -7.70 3.39 -8.51
C PRO A 74 -6.84 3.17 -9.79
N GLY A 75 -6.03 4.17 -10.16
CA GLY A 75 -5.27 4.16 -11.42
C GLY A 75 -3.90 3.50 -11.27
N CYS A 76 -3.88 2.28 -10.73
CA CYS A 76 -2.66 1.49 -10.54
C CYS A 76 -2.97 -0.02 -10.58
N GLY A 77 -1.96 -0.81 -10.97
CA GLY A 77 -2.07 -2.27 -11.06
C GLY A 77 -1.51 -2.97 -9.84
N PRO A 78 -1.56 -4.34 -9.77
CA PRO A 78 -1.12 -5.12 -8.56
C PRO A 78 0.42 -5.17 -8.35
N ASN A 79 1.15 -4.24 -8.99
CA ASN A 79 2.61 -4.08 -8.82
C ASN A 79 2.95 -2.61 -8.47
N ASP A 80 1.92 -1.81 -8.19
CA ASP A 80 2.05 -0.38 -7.85
C ASP A 80 0.84 0.03 -7.00
N ILE A 81 1.11 0.64 -5.86
CA ILE A 81 0.09 1.03 -4.87
C ILE A 81 0.43 2.42 -4.31
N ASP A 82 -0.48 2.97 -3.51
CA ASP A 82 -0.26 4.22 -2.75
C ASP A 82 -0.22 3.93 -1.24
N MET A 83 0.18 4.96 -0.46
CA MET A 83 0.26 4.89 1.01
C MET A 83 0.26 6.32 1.59
N THR A 84 0.11 6.41 2.92
CA THR A 84 0.24 7.66 3.67
C THR A 84 1.64 8.29 3.47
N PRO A 85 1.74 9.66 3.42
CA PRO A 85 3.04 10.36 3.32
C PRO A 85 3.90 10.12 4.58
N GLY A 86 3.24 10.01 5.76
CA GLY A 86 3.91 9.71 7.02
C GLY A 86 4.63 8.36 6.98
N LEU A 87 3.95 7.34 6.44
CA LEU A 87 4.52 6.01 6.20
C LEU A 87 5.63 6.08 5.13
N PHE A 88 5.38 6.86 4.07
CA PHE A 88 6.29 6.98 2.92
C PHE A 88 7.61 7.70 3.32
N GLN A 89 7.56 8.53 4.39
CA GLN A 89 8.76 9.13 5.02
C GLN A 89 9.58 8.05 5.76
N GLN A 90 8.88 7.04 6.29
CA GLN A 90 9.50 5.91 7.01
C GLN A 90 10.14 4.93 6.00
N LEU A 91 9.53 4.83 4.80
CA LEU A 91 10.12 4.07 3.67
C LEU A 91 11.34 4.82 3.06
N GLY A 92 11.17 6.14 2.84
CA GLY A 92 12.20 6.96 2.19
C GLY A 92 11.92 8.45 2.31
N SER A 93 11.71 9.14 1.18
CA SER A 93 11.50 10.60 1.14
C SER A 93 10.32 10.94 0.24
N LEU A 94 9.53 11.96 0.65
CA LEU A 94 8.33 12.44 -0.07
C LEU A 94 8.66 12.90 -1.50
N ASP A 95 9.86 13.50 -1.64
CA ASP A 95 10.37 14.04 -2.92
C ASP A 95 10.49 12.96 -4.01
N GLU A 96 10.64 11.69 -3.59
CA GLU A 96 10.71 10.53 -4.50
C GLU A 96 9.38 10.31 -5.23
N GLY A 97 8.27 10.66 -4.54
CA GLY A 97 6.93 10.44 -5.06
C GLY A 97 6.51 8.98 -4.92
N VAL A 98 7.13 8.11 -5.74
CA VAL A 98 7.01 6.64 -5.65
C VAL A 98 8.38 6.02 -5.26
N LEU A 99 8.34 4.86 -4.58
CA LEU A 99 9.54 4.07 -4.23
C LEU A 99 9.26 2.58 -4.41
N THR A 100 10.31 1.82 -4.77
CA THR A 100 10.24 0.37 -4.91
C THR A 100 10.28 -0.28 -3.52
N VAL A 101 9.10 -0.73 -3.05
CA VAL A 101 8.93 -1.32 -1.72
C VAL A 101 8.52 -2.80 -1.87
N SER A 102 8.99 -3.63 -0.92
CA SER A 102 8.73 -5.06 -0.91
C SER A 102 7.55 -5.29 0.04
N TRP A 103 6.36 -5.45 -0.55
CA TRP A 103 5.09 -5.54 0.19
C TRP A 103 4.57 -6.99 0.19
N THR A 104 3.98 -7.40 1.32
CA THR A 104 3.48 -8.77 1.53
C THR A 104 1.94 -8.77 1.69
N LEU A 105 1.24 -9.11 0.59
CA LEU A 105 -0.20 -9.39 0.60
C LEU A 105 -0.54 -10.04 -0.78
N GLY A 1 -18.53 -12.44 -10.34
CA GLY A 1 -18.12 -13.74 -9.75
C GLY A 1 -17.30 -13.57 -8.48
N HIS A 2 -16.53 -14.62 -8.11
CA HIS A 2 -15.59 -14.59 -6.97
C HIS A 2 -14.26 -15.19 -7.42
N ALA A 3 -13.14 -14.66 -6.87
CA ALA A 3 -11.79 -15.21 -7.08
C ALA A 3 -11.30 -15.89 -5.78
N PRO A 4 -11.47 -17.25 -5.63
CA PRO A 4 -10.93 -18.01 -4.47
C PRO A 4 -9.43 -18.35 -4.67
N ALA A 5 -8.63 -17.32 -4.99
CA ALA A 5 -7.20 -17.46 -5.27
C ALA A 5 -6.44 -17.79 -3.96
N GLU A 6 -6.02 -19.07 -3.82
CA GLU A 6 -5.23 -19.55 -2.68
C GLU A 6 -3.88 -18.80 -2.59
N LYS A 7 -3.93 -17.66 -1.90
CA LYS A 7 -2.78 -16.79 -1.64
C LYS A 7 -3.06 -16.06 -0.33
N ARG A 8 -2.12 -16.16 0.61
CA ARG A 8 -2.33 -15.77 2.01
C ARG A 8 -1.43 -14.58 2.37
N SER A 9 -0.16 -14.67 1.94
CA SER A 9 0.86 -13.63 2.14
C SER A 9 2.08 -13.95 1.26
N THR A 10 2.29 -13.13 0.22
CA THR A 10 3.37 -13.32 -0.77
C THR A 10 4.22 -12.04 -0.85
N THR A 11 5.43 -12.12 -0.28
CA THR A 11 6.41 -11.01 -0.27
C THR A 11 6.91 -10.71 -1.70
N ARG A 12 6.29 -9.69 -2.32
CA ARG A 12 6.59 -9.31 -3.71
C ARG A 12 7.22 -7.91 -3.72
N GLU A 13 8.18 -7.68 -4.63
CA GLU A 13 8.80 -6.36 -4.80
C GLU A 13 8.06 -5.59 -5.89
N GLY A 14 7.56 -4.41 -5.53
CA GLY A 14 6.83 -3.55 -6.45
C GLY A 14 7.04 -2.08 -6.15
N ARG A 15 6.12 -1.27 -6.65
CA ARG A 15 6.22 0.20 -6.55
C ARG A 15 5.42 0.70 -5.35
N GLY A 16 5.88 1.81 -4.76
CA GLY A 16 5.16 2.50 -3.70
C GLY A 16 5.14 3.99 -3.97
N THR A 17 3.94 4.56 -4.10
CA THR A 17 3.73 6.01 -4.22
C THR A 17 3.05 6.53 -2.95
N TRP A 18 3.07 7.87 -2.73
CA TRP A 18 2.32 8.48 -1.62
C TRP A 18 1.14 9.32 -2.15
N TYR A 19 0.08 9.43 -1.33
CA TYR A 19 -1.09 10.30 -1.62
C TYR A 19 -1.43 11.13 -0.37
N ASP A 20 -2.24 12.19 -0.53
CA ASP A 20 -2.69 13.02 0.61
C ASP A 20 -3.92 12.36 1.25
N THR A 21 -3.85 12.16 2.56
CA THR A 21 -4.79 11.31 3.31
C THR A 21 -6.04 12.11 3.78
N GLY A 22 -7.17 11.40 3.97
CA GLY A 22 -8.40 11.99 4.48
C GLY A 22 -9.36 10.93 4.99
N LEU A 23 -10.04 10.25 4.06
CA LEU A 23 -11.02 9.19 4.38
C LEU A 23 -10.82 8.04 3.37
N GLY A 24 -10.40 6.86 3.87
CA GLY A 24 -10.11 5.68 3.04
C GLY A 24 -11.36 5.07 2.39
N ALA A 25 -11.16 4.38 1.25
CA ALA A 25 -12.24 3.76 0.46
C ALA A 25 -12.92 2.60 1.20
N CYS A 26 -12.16 1.96 2.11
CA CYS A 26 -12.67 0.99 3.10
C CYS A 26 -12.66 1.66 4.49
N GLY A 27 -13.38 1.06 5.46
CA GLY A 27 -13.73 1.68 6.76
C GLY A 27 -12.55 2.16 7.63
N TRP A 28 -11.98 3.31 7.24
CA TRP A 28 -10.89 4.01 7.95
C TRP A 28 -10.98 5.51 7.62
N ASN A 29 -10.62 6.33 8.59
CA ASN A 29 -10.55 7.79 8.43
C ASN A 29 -9.27 8.27 9.13
N ASN A 30 -8.30 8.76 8.34
CA ASN A 30 -6.92 8.97 8.80
C ASN A 30 -6.39 10.33 8.32
N VAL A 31 -5.36 10.83 9.00
CA VAL A 31 -4.70 12.10 8.64
C VAL A 31 -3.35 11.83 7.95
N ASN A 32 -2.66 12.93 7.59
CA ASN A 32 -1.40 12.93 6.85
C ASN A 32 -0.29 12.14 7.59
N SER A 33 -0.31 12.22 8.94
CA SER A 33 0.72 11.62 9.82
C SER A 33 0.55 10.09 10.00
N ASP A 34 -0.63 9.55 9.62
CA ASP A 34 -0.96 8.11 9.75
C ASP A 34 -0.14 7.21 8.82
N THR A 35 -0.30 5.88 9.02
CA THR A 35 0.41 4.84 8.26
C THR A 35 -0.61 3.79 7.75
N VAL A 36 -1.41 4.16 6.73
CA VAL A 36 -2.34 3.24 6.03
C VAL A 36 -2.06 3.27 4.50
N ILE A 37 -2.51 2.21 3.78
CA ILE A 37 -2.17 1.98 2.36
C ILE A 37 -3.43 1.93 1.47
N ALA A 38 -3.22 2.26 0.18
CA ALA A 38 -4.21 2.11 -0.90
C ALA A 38 -3.71 1.06 -1.88
N LEU A 39 -4.55 0.09 -2.24
CA LEU A 39 -4.16 -1.03 -3.15
C LEU A 39 -5.01 -1.03 -4.43
N SER A 40 -4.53 -1.79 -5.45
CA SER A 40 -5.19 -1.97 -6.75
C SER A 40 -6.69 -2.34 -6.57
N PRO A 41 -7.61 -1.79 -7.45
CA PRO A 41 -9.08 -1.69 -7.24
C PRO A 41 -9.71 -2.84 -6.42
N SER A 42 -10.32 -2.49 -5.27
CA SER A 42 -10.91 -3.45 -4.33
C SER A 42 -11.90 -4.40 -5.04
N VAL A 43 -12.69 -3.84 -5.96
CA VAL A 43 -13.64 -4.61 -6.81
C VAL A 43 -12.89 -5.68 -7.64
N TYR A 44 -11.69 -5.31 -8.13
CA TYR A 44 -10.87 -6.17 -8.99
C TYR A 44 -10.15 -7.24 -8.14
N SER A 45 -9.90 -6.90 -6.87
CA SER A 45 -9.13 -7.73 -5.92
C SER A 45 -10.06 -8.57 -5.02
N GLY A 46 -11.38 -8.50 -5.27
CA GLY A 46 -12.38 -9.26 -4.50
C GLY A 46 -12.75 -8.64 -3.16
N GLY A 47 -12.10 -7.49 -2.83
CA GLY A 47 -12.27 -6.83 -1.53
C GLY A 47 -11.22 -7.27 -0.52
N SER A 48 -10.45 -8.31 -0.89
CA SER A 48 -9.48 -8.98 0.00
C SER A 48 -8.17 -8.17 0.19
N HIS A 49 -8.12 -6.93 -0.36
CA HIS A 49 -6.97 -6.02 -0.16
C HIS A 49 -7.16 -5.18 1.14
N CYS A 50 -8.40 -4.73 1.41
CA CYS A 50 -8.69 -3.94 2.63
C CYS A 50 -8.67 -4.83 3.89
N GLY A 51 -8.12 -4.29 4.99
CA GLY A 51 -8.01 -5.03 6.25
C GLY A 51 -6.65 -5.65 6.46
N GLN A 52 -5.88 -5.75 5.37
CA GLN A 52 -4.59 -6.45 5.34
C GLN A 52 -3.45 -5.56 5.88
N THR A 53 -2.90 -5.92 7.04
CA THR A 53 -1.73 -5.24 7.61
C THR A 53 -0.45 -5.70 6.86
N VAL A 54 -0.01 -4.85 5.91
CA VAL A 54 1.07 -5.17 4.97
C VAL A 54 2.39 -4.55 5.42
N THR A 55 3.40 -5.40 5.69
CA THR A 55 4.76 -4.95 5.98
C THR A 55 5.47 -4.55 4.67
N VAL A 56 5.92 -3.29 4.63
CA VAL A 56 6.55 -2.67 3.45
C VAL A 56 8.03 -2.33 3.78
N THR A 57 8.96 -2.63 2.84
CA THR A 57 10.40 -2.33 3.02
C THR A 57 10.96 -1.71 1.74
N ASN A 58 11.32 -0.42 1.80
CA ASN A 58 11.87 0.32 0.64
C ASN A 58 13.31 -0.14 0.41
N VAL A 59 13.52 -0.94 -0.65
CA VAL A 59 14.82 -1.59 -0.95
C VAL A 59 15.90 -0.56 -1.39
N VAL A 60 15.46 0.68 -1.66
CA VAL A 60 16.36 1.81 -2.01
C VAL A 60 17.31 2.16 -0.83
N THR A 61 16.73 2.32 0.37
CA THR A 61 17.47 2.71 1.60
C THR A 61 17.50 1.57 2.64
N GLY A 62 16.67 0.54 2.41
CA GLY A 62 16.54 -0.61 3.32
C GLY A 62 15.56 -0.38 4.48
N ALA A 63 14.84 0.76 4.46
CA ALA A 63 13.93 1.15 5.56
C ALA A 63 12.67 0.26 5.57
N LYS A 64 12.35 -0.31 6.75
CA LYS A 64 11.21 -1.21 6.95
C LYS A 64 10.16 -0.57 7.87
N ALA A 65 8.89 -0.74 7.51
CA ALA A 65 7.71 -0.29 8.29
C ALA A 65 6.52 -1.20 7.95
N THR A 66 5.35 -0.92 8.55
CA THR A 66 4.11 -1.66 8.27
C THR A 66 2.92 -0.69 8.23
N GLY A 67 1.95 -0.97 7.35
CA GLY A 67 0.70 -0.20 7.26
C GLY A 67 -0.44 -1.08 6.82
N THR A 68 -1.62 -0.88 7.43
CA THR A 68 -2.84 -1.61 7.04
C THR A 68 -3.49 -0.96 5.82
N VAL A 69 -3.95 -1.77 4.86
CA VAL A 69 -4.62 -1.28 3.65
C VAL A 69 -6.04 -0.82 4.00
N ALA A 70 -6.23 0.49 3.90
CA ALA A 70 -7.47 1.18 4.22
C ALA A 70 -8.20 1.68 2.97
N ASP A 71 -7.45 1.80 1.86
CA ASP A 71 -7.94 2.57 0.70
C ASP A 71 -7.71 1.84 -0.65
N GLU A 72 -8.32 2.39 -1.71
CA GLU A 72 -8.21 1.89 -3.09
C GLU A 72 -7.35 2.88 -3.91
N CYS A 73 -6.61 2.35 -4.89
CA CYS A 73 -5.85 3.15 -5.85
C CYS A 73 -6.06 2.53 -7.24
N PRO A 74 -7.11 2.99 -8.01
CA PRO A 74 -7.38 2.54 -9.40
C PRO A 74 -6.21 2.78 -10.37
N GLY A 75 -5.46 3.88 -10.11
CA GLY A 75 -4.28 4.24 -10.90
C GLY A 75 -3.10 3.32 -10.63
N CYS A 76 -3.10 2.70 -9.45
CA CYS A 76 -2.09 1.71 -9.05
C CYS A 76 -2.44 0.32 -9.64
N GLY A 77 -1.44 -0.31 -10.28
CA GLY A 77 -1.56 -1.68 -10.78
C GLY A 77 -1.45 -2.73 -9.67
N PRO A 78 -1.59 -4.06 -10.00
CA PRO A 78 -1.53 -5.16 -8.99
C PRO A 78 -0.14 -5.32 -8.32
N ASN A 79 0.88 -4.58 -8.81
CA ASN A 79 2.24 -4.57 -8.23
C ASN A 79 2.59 -3.16 -7.67
N ASP A 80 1.60 -2.26 -7.64
CA ASP A 80 1.75 -0.89 -7.11
C ASP A 80 0.90 -0.74 -5.85
N ILE A 81 1.47 -0.05 -4.84
CA ILE A 81 0.75 0.44 -3.67
C ILE A 81 0.84 1.97 -3.64
N ASP A 82 -0.07 2.60 -2.93
CA ASP A 82 -0.13 4.07 -2.78
C ASP A 82 -0.53 4.37 -1.35
N MET A 83 0.37 4.93 -0.55
CA MET A 83 0.22 4.96 0.92
C MET A 83 0.29 6.38 1.44
N THR A 84 -0.02 6.51 2.74
CA THR A 84 0.06 7.77 3.46
C THR A 84 1.49 8.36 3.45
N PRO A 85 1.65 9.71 3.44
CA PRO A 85 2.97 10.35 3.44
C PRO A 85 3.71 10.11 4.76
N GLY A 86 2.93 9.98 5.87
CA GLY A 86 3.46 9.62 7.19
C GLY A 86 4.14 8.26 7.21
N LEU A 87 3.74 7.37 6.28
CA LEU A 87 4.36 6.04 6.10
C LEU A 87 5.50 6.14 5.06
N PHE A 88 5.24 6.85 3.96
CA PHE A 88 6.15 6.92 2.81
C PHE A 88 7.49 7.62 3.17
N GLN A 89 7.43 8.55 4.13
CA GLN A 89 8.63 9.24 4.66
C GLN A 89 9.43 8.31 5.62
N GLN A 90 8.72 7.34 6.23
CA GLN A 90 9.36 6.28 7.05
C GLN A 90 10.07 5.27 6.14
N LEU A 91 9.47 5.01 4.96
CA LEU A 91 10.10 4.17 3.92
C LEU A 91 11.25 4.89 3.21
N GLY A 92 11.15 6.21 3.03
CA GLY A 92 12.18 6.99 2.32
C GLY A 92 11.94 8.48 2.39
N SER A 93 11.49 9.08 1.27
CA SER A 93 11.24 10.54 1.18
C SER A 93 10.11 10.80 0.18
N LEU A 94 9.23 11.79 0.52
CA LEU A 94 8.06 12.15 -0.29
C LEU A 94 8.48 12.68 -1.68
N ASP A 95 9.63 13.37 -1.72
CA ASP A 95 10.16 14.02 -2.94
C ASP A 95 10.42 12.99 -4.06
N GLU A 96 10.74 11.74 -3.66
CA GLU A 96 11.00 10.63 -4.59
C GLU A 96 9.74 10.27 -5.39
N GLY A 97 8.57 10.44 -4.75
CA GLY A 97 7.27 10.20 -5.41
C GLY A 97 6.92 8.73 -5.43
N VAL A 98 7.73 7.96 -6.18
CA VAL A 98 7.68 6.48 -6.18
C VAL A 98 9.01 5.94 -5.58
N LEU A 99 8.90 4.79 -4.89
CA LEU A 99 10.02 4.07 -4.27
C LEU A 99 9.77 2.57 -4.45
N THR A 100 10.82 1.81 -4.75
CA THR A 100 10.71 0.36 -4.91
C THR A 100 10.65 -0.31 -3.52
N VAL A 101 9.46 -0.80 -3.16
CA VAL A 101 9.18 -1.38 -1.84
C VAL A 101 8.83 -2.87 -1.98
N SER A 102 9.22 -3.67 -0.99
CA SER A 102 8.83 -5.07 -0.88
C SER A 102 7.66 -5.14 0.10
N TRP A 103 6.51 -5.59 -0.38
CA TRP A 103 5.25 -5.62 0.38
C TRP A 103 4.59 -6.99 0.23
N THR A 104 4.08 -7.52 1.35
CA THR A 104 3.52 -8.89 1.41
C THR A 104 1.98 -8.86 1.18
N LEU A 105 1.54 -9.59 0.14
CA LEU A 105 0.11 -9.80 -0.17
C LEU A 105 -0.01 -10.92 -1.25
N GLY A 1 -22.50 -20.61 -3.26
CA GLY A 1 -22.08 -20.87 -1.85
C GLY A 1 -20.95 -19.95 -1.42
N HIS A 2 -20.09 -20.44 -0.52
CA HIS A 2 -18.99 -19.65 0.07
C HIS A 2 -17.71 -19.82 -0.76
N ALA A 3 -17.35 -18.77 -1.51
CA ALA A 3 -16.15 -18.74 -2.38
C ALA A 3 -15.16 -17.66 -1.87
N PRO A 4 -14.13 -18.04 -1.06
CA PRO A 4 -13.07 -17.11 -0.64
C PRO A 4 -11.96 -16.99 -1.72
N ALA A 5 -11.77 -15.76 -2.24
CA ALA A 5 -10.69 -15.46 -3.20
C ALA A 5 -9.33 -15.37 -2.45
N GLU A 6 -8.79 -16.56 -2.11
CA GLU A 6 -7.57 -16.71 -1.29
C GLU A 6 -6.32 -16.79 -2.18
N LYS A 7 -5.17 -16.43 -1.58
CA LYS A 7 -3.87 -16.42 -2.25
C LYS A 7 -2.74 -16.36 -1.20
N ARG A 8 -1.56 -16.89 -1.57
CA ARG A 8 -0.33 -16.78 -0.76
C ARG A 8 0.02 -15.30 -0.53
N SER A 9 -0.31 -14.80 0.67
CA SER A 9 0.10 -13.49 1.15
C SER A 9 1.62 -13.53 1.41
N THR A 10 2.39 -12.90 0.53
CA THR A 10 3.83 -13.14 0.41
C THR A 10 4.55 -11.84 0.02
N THR A 11 5.84 -11.77 0.40
CA THR A 11 6.70 -10.61 0.16
C THR A 11 7.03 -10.50 -1.33
N ARG A 12 6.29 -9.63 -2.05
CA ARG A 12 6.41 -9.44 -3.50
C ARG A 12 6.95 -8.03 -3.79
N GLU A 13 7.79 -7.92 -4.84
CA GLU A 13 8.39 -6.66 -5.25
C GLU A 13 7.43 -5.89 -6.15
N GLY A 14 7.33 -4.61 -5.86
CA GLY A 14 6.53 -3.68 -6.62
C GLY A 14 6.87 -2.26 -6.21
N ARG A 15 5.90 -1.37 -6.26
CA ARG A 15 6.12 0.05 -5.97
C ARG A 15 5.06 0.56 -4.98
N GLY A 16 5.31 1.76 -4.45
CA GLY A 16 4.42 2.43 -3.51
C GLY A 16 4.53 3.92 -3.66
N THR A 17 3.42 4.62 -3.91
CA THR A 17 3.38 6.11 -3.99
C THR A 17 2.83 6.70 -2.67
N TRP A 18 3.01 8.01 -2.44
CA TRP A 18 2.37 8.70 -1.31
C TRP A 18 1.13 9.48 -1.80
N TYR A 19 0.04 9.48 -1.00
CA TYR A 19 -1.19 10.26 -1.34
C TYR A 19 -1.55 11.25 -0.22
N ASP A 20 -2.44 12.21 -0.54
CA ASP A 20 -3.02 13.12 0.45
C ASP A 20 -4.21 12.42 1.12
N THR A 21 -4.08 12.15 2.42
CA THR A 21 -4.98 11.28 3.17
C THR A 21 -6.21 12.05 3.69
N GLY A 22 -7.34 11.34 3.81
CA GLY A 22 -8.60 11.91 4.30
C GLY A 22 -9.57 10.81 4.68
N LEU A 23 -10.25 10.26 3.67
CA LEU A 23 -11.21 9.15 3.83
C LEU A 23 -10.71 7.92 3.05
N GLY A 24 -10.79 6.74 3.69
CA GLY A 24 -10.41 5.46 3.08
C GLY A 24 -11.60 4.80 2.40
N ALA A 25 -11.31 3.96 1.38
CA ALA A 25 -12.29 3.10 0.69
C ALA A 25 -13.03 2.17 1.67
N CYS A 26 -12.30 1.74 2.69
CA CYS A 26 -12.80 0.91 3.78
C CYS A 26 -12.98 1.80 5.02
N GLY A 27 -13.63 1.25 6.08
CA GLY A 27 -14.04 2.03 7.27
C GLY A 27 -12.87 2.63 8.06
N TRP A 28 -12.33 3.73 7.54
CA TRP A 28 -11.19 4.47 8.09
C TRP A 28 -11.29 5.93 7.63
N ASN A 29 -10.90 6.86 8.49
CA ASN A 29 -10.77 8.29 8.17
C ASN A 29 -9.58 8.84 8.96
N ASN A 30 -8.50 9.22 8.24
CA ASN A 30 -7.17 9.48 8.84
C ASN A 30 -6.50 10.69 8.18
N VAL A 31 -5.39 11.16 8.80
CA VAL A 31 -4.56 12.25 8.27
C VAL A 31 -3.26 11.68 7.67
N ASN A 32 -2.46 12.56 7.04
CA ASN A 32 -1.19 12.19 6.37
C ASN A 32 -0.17 11.61 7.36
N SER A 33 -0.27 12.00 8.64
CA SER A 33 0.65 11.52 9.70
C SER A 33 0.39 10.04 10.05
N ASP A 34 -0.88 9.58 9.92
CA ASP A 34 -1.25 8.15 10.13
C ASP A 34 -0.67 7.29 9.02
N THR A 35 -0.36 6.01 9.33
CA THR A 35 0.34 5.09 8.41
C THR A 35 -0.64 4.03 7.86
N VAL A 36 -1.52 4.45 6.94
CA VAL A 36 -2.44 3.52 6.25
C VAL A 36 -2.07 3.43 4.75
N ILE A 37 -2.54 2.36 4.10
CA ILE A 37 -2.16 2.03 2.71
C ILE A 37 -3.40 2.08 1.79
N ALA A 38 -3.15 2.45 0.53
CA ALA A 38 -4.13 2.34 -0.57
C ALA A 38 -3.65 1.23 -1.53
N LEU A 39 -4.46 0.20 -1.73
CA LEU A 39 -4.08 -0.98 -2.57
C LEU A 39 -4.72 -0.84 -3.96
N SER A 40 -4.28 -1.66 -4.93
CA SER A 40 -4.89 -1.72 -6.28
C SER A 40 -6.46 -1.80 -6.22
N PRO A 41 -7.22 -1.28 -7.26
CA PRO A 41 -8.71 -1.15 -7.19
C PRO A 41 -9.39 -2.47 -6.75
N SER A 42 -10.25 -2.38 -5.73
CA SER A 42 -10.79 -3.56 -4.97
C SER A 42 -11.46 -4.62 -5.86
N VAL A 43 -12.12 -4.20 -6.96
CA VAL A 43 -12.76 -5.12 -7.93
C VAL A 43 -11.71 -6.00 -8.66
N TYR A 44 -10.52 -5.43 -8.85
CA TYR A 44 -9.37 -6.11 -9.49
C TYR A 44 -8.53 -6.85 -8.45
N SER A 45 -8.51 -6.30 -7.23
CA SER A 45 -7.65 -6.76 -6.14
C SER A 45 -8.33 -7.88 -5.31
N GLY A 46 -9.63 -8.13 -5.59
CA GLY A 46 -10.43 -9.13 -4.88
C GLY A 46 -11.17 -8.57 -3.67
N GLY A 47 -10.71 -7.40 -3.17
CA GLY A 47 -11.26 -6.77 -1.95
C GLY A 47 -10.55 -7.22 -0.67
N SER A 48 -10.05 -8.48 -0.69
CA SER A 48 -9.38 -9.12 0.47
C SER A 48 -7.95 -8.56 0.73
N HIS A 49 -7.55 -7.56 -0.07
CA HIS A 49 -6.28 -6.81 0.11
C HIS A 49 -6.46 -5.65 1.10
N CYS A 50 -7.70 -5.12 1.20
CA CYS A 50 -8.01 -4.04 2.16
C CYS A 50 -8.27 -4.65 3.54
N GLY A 51 -8.04 -3.85 4.59
CA GLY A 51 -8.16 -4.27 5.98
C GLY A 51 -6.96 -5.08 6.48
N GLN A 52 -5.99 -5.31 5.59
CA GLN A 52 -4.83 -6.18 5.88
C GLN A 52 -3.62 -5.34 6.33
N THR A 53 -2.89 -5.81 7.35
CA THR A 53 -1.69 -5.14 7.84
C THR A 53 -0.47 -5.61 7.01
N VAL A 54 -0.10 -4.78 6.03
CA VAL A 54 0.95 -5.09 5.04
C VAL A 54 2.30 -4.50 5.48
N THR A 55 3.35 -5.34 5.40
CA THR A 55 4.72 -4.97 5.74
C THR A 55 5.49 -4.63 4.46
N VAL A 56 5.71 -3.33 4.25
CA VAL A 56 6.37 -2.79 3.05
C VAL A 56 7.87 -2.55 3.34
N THR A 57 8.77 -2.95 2.41
CA THR A 57 10.24 -2.73 2.57
C THR A 57 10.81 -2.07 1.31
N ASN A 58 11.08 -0.75 1.37
CA ASN A 58 11.68 -0.02 0.25
C ASN A 58 13.09 -0.54 0.00
N VAL A 59 13.29 -1.19 -1.16
CA VAL A 59 14.54 -1.87 -1.50
C VAL A 59 15.68 -0.85 -1.77
N VAL A 60 15.30 0.41 -2.06
CA VAL A 60 16.25 1.49 -2.39
C VAL A 60 17.19 1.79 -1.20
N THR A 61 16.59 1.99 0.00
CA THR A 61 17.34 2.37 1.23
C THR A 61 17.30 1.25 2.30
N GLY A 62 16.49 0.21 2.05
CA GLY A 62 16.34 -0.91 2.99
C GLY A 62 15.44 -0.57 4.18
N ALA A 63 14.60 0.46 4.03
CA ALA A 63 13.67 0.90 5.08
C ALA A 63 12.41 0.01 5.07
N LYS A 64 12.12 -0.61 6.23
CA LYS A 64 10.94 -1.47 6.41
C LYS A 64 9.95 -0.78 7.38
N ALA A 65 8.66 -0.93 7.07
CA ALA A 65 7.54 -0.40 7.86
C ALA A 65 6.29 -1.24 7.60
N THR A 66 5.25 -1.03 8.43
CA THR A 66 3.99 -1.80 8.35
C THR A 66 2.80 -0.86 8.52
N GLY A 67 1.72 -1.12 7.76
CA GLY A 67 0.49 -0.32 7.85
C GLY A 67 -0.73 -1.11 7.38
N THR A 68 -1.91 -0.79 7.94
CA THR A 68 -3.18 -1.38 7.51
C THR A 68 -3.67 -0.70 6.23
N VAL A 69 -4.17 -1.49 5.29
CA VAL A 69 -4.75 -0.97 4.05
C VAL A 69 -6.14 -0.39 4.35
N ALA A 70 -6.26 0.93 4.26
CA ALA A 70 -7.51 1.64 4.57
C ALA A 70 -8.25 2.00 3.29
N ASP A 71 -7.50 2.11 2.17
CA ASP A 71 -8.02 2.72 0.95
C ASP A 71 -7.65 1.89 -0.30
N GLU A 72 -8.18 2.31 -1.46
CA GLU A 72 -7.83 1.74 -2.78
C GLU A 72 -7.42 2.88 -3.72
N CYS A 73 -6.58 2.57 -4.70
CA CYS A 73 -6.00 3.52 -5.64
C CYS A 73 -6.41 3.10 -7.06
N PRO A 74 -7.37 3.84 -7.72
CA PRO A 74 -7.88 3.50 -9.08
C PRO A 74 -6.77 3.49 -10.15
N GLY A 75 -5.79 4.39 -10.00
CA GLY A 75 -4.66 4.51 -10.92
C GLY A 75 -3.40 3.83 -10.39
N CYS A 76 -3.56 2.61 -9.85
CA CYS A 76 -2.46 1.81 -9.29
C CYS A 76 -2.57 0.35 -9.76
N GLY A 77 -1.42 -0.31 -9.97
CA GLY A 77 -1.36 -1.66 -10.54
C GLY A 77 -1.22 -2.76 -9.49
N PRO A 78 -1.20 -4.07 -9.90
CA PRO A 78 -1.28 -5.24 -8.98
C PRO A 78 -0.22 -5.20 -7.86
N ASN A 79 1.03 -4.88 -8.24
CA ASN A 79 2.16 -4.74 -7.31
C ASN A 79 2.56 -3.26 -7.15
N ASP A 80 1.85 -2.36 -7.85
CA ASP A 80 2.13 -0.90 -7.81
C ASP A 80 1.03 -0.28 -6.95
N ILE A 81 1.35 0.00 -5.70
CA ILE A 81 0.38 0.42 -4.68
C ILE A 81 0.66 1.85 -4.24
N ASP A 82 -0.18 2.34 -3.35
CA ASP A 82 -0.18 3.71 -2.85
C ASP A 82 -0.21 3.65 -1.31
N MET A 83 0.21 4.72 -0.62
CA MET A 83 0.31 4.74 0.85
C MET A 83 0.34 6.18 1.36
N THR A 84 0.12 6.35 2.66
CA THR A 84 0.19 7.66 3.32
C THR A 84 1.62 8.24 3.30
N PRO A 85 1.78 9.59 3.38
CA PRO A 85 3.09 10.25 3.50
C PRO A 85 3.76 9.92 4.85
N GLY A 86 2.92 9.62 5.87
CA GLY A 86 3.38 9.24 7.20
C GLY A 86 4.06 7.88 7.21
N LEU A 87 3.69 7.03 6.23
CA LEU A 87 4.35 5.72 6.01
C LEU A 87 5.55 5.93 5.06
N PHE A 88 5.29 6.64 3.96
CA PHE A 88 6.25 6.86 2.87
C PHE A 88 7.50 7.64 3.34
N GLN A 89 7.34 8.46 4.39
CA GLN A 89 8.47 9.20 5.02
C GLN A 89 9.41 8.24 5.77
N GLN A 90 8.86 7.13 6.27
CA GLN A 90 9.61 6.06 6.92
C GLN A 90 10.26 5.16 5.87
N LEU A 91 9.54 4.95 4.75
CA LEU A 91 10.10 4.22 3.58
C LEU A 91 11.21 5.02 2.87
N GLY A 92 11.14 6.37 2.94
CA GLY A 92 12.14 7.23 2.31
C GLY A 92 11.71 8.70 2.29
N SER A 93 11.99 9.40 1.19
CA SER A 93 11.63 10.83 1.04
C SER A 93 10.37 10.97 0.18
N LEU A 94 9.50 11.93 0.53
CA LEU A 94 8.28 12.27 -0.26
C LEU A 94 8.66 12.80 -1.66
N ASP A 95 9.87 13.39 -1.76
CA ASP A 95 10.46 13.89 -3.02
C ASP A 95 10.75 12.76 -4.02
N GLU A 96 10.76 11.51 -3.55
CA GLU A 96 10.85 10.32 -4.44
C GLU A 96 9.56 10.15 -5.24
N GLY A 97 8.42 10.44 -4.58
CA GLY A 97 7.09 10.31 -5.19
C GLY A 97 6.60 8.86 -5.17
N VAL A 98 7.35 7.99 -5.87
CA VAL A 98 7.18 6.53 -5.82
C VAL A 98 8.48 5.87 -5.33
N LEU A 99 8.35 4.73 -4.64
CA LEU A 99 9.48 3.93 -4.13
C LEU A 99 9.19 2.45 -4.39
N THR A 100 10.22 1.73 -4.86
CA THR A 100 10.15 0.30 -5.14
C THR A 100 10.15 -0.47 -3.81
N VAL A 101 8.99 -1.01 -3.42
CA VAL A 101 8.79 -1.63 -2.10
C VAL A 101 8.48 -3.12 -2.25
N SER A 102 8.97 -3.90 -1.29
CA SER A 102 8.75 -5.34 -1.19
C SER A 102 7.74 -5.55 -0.06
N TRP A 103 6.49 -5.84 -0.42
CA TRP A 103 5.35 -5.80 0.51
C TRP A 103 4.68 -7.19 0.59
N THR A 104 4.40 -7.62 1.83
CA THR A 104 3.82 -8.95 2.08
C THR A 104 2.28 -8.89 2.07
N LEU A 105 1.69 -9.26 0.92
CA LEU A 105 0.26 -9.51 0.74
C LEU A 105 0.05 -9.98 -0.73
N GLY A 1 2.92 -19.87 -19.53
CA GLY A 1 2.42 -19.49 -18.19
C GLY A 1 3.42 -18.62 -17.44
N HIS A 2 3.54 -18.84 -16.13
CA HIS A 2 4.46 -18.09 -15.24
C HIS A 2 5.05 -19.06 -14.21
N ALA A 3 4.20 -19.47 -13.24
CA ALA A 3 4.57 -20.37 -12.13
C ALA A 3 3.34 -20.57 -11.22
N PRO A 4 3.06 -21.83 -10.73
CA PRO A 4 1.98 -22.07 -9.74
C PRO A 4 2.28 -21.35 -8.39
N ALA A 5 1.69 -20.15 -8.22
CA ALA A 5 1.86 -19.32 -7.02
C ALA A 5 1.12 -19.99 -5.84
N GLU A 6 1.89 -20.70 -4.99
CA GLU A 6 1.36 -21.46 -3.85
C GLU A 6 0.58 -20.53 -2.90
N LYS A 7 1.23 -19.42 -2.54
CA LYS A 7 0.68 -18.44 -1.60
C LYS A 7 0.80 -17.03 -2.20
N ARG A 8 -0.34 -16.32 -2.25
CA ARG A 8 -0.43 -14.94 -2.77
C ARG A 8 0.23 -13.96 -1.79
N SER A 9 0.09 -14.20 -0.47
CA SER A 9 0.69 -13.37 0.57
C SER A 9 2.20 -13.68 0.64
N THR A 10 2.96 -12.99 -0.20
CA THR A 10 4.40 -13.15 -0.35
C THR A 10 5.04 -11.79 -0.63
N THR A 11 6.34 -11.68 -0.34
CA THR A 11 7.11 -10.46 -0.59
C THR A 11 7.23 -10.23 -2.12
N ARG A 12 6.33 -9.39 -2.63
CA ARG A 12 6.24 -9.00 -4.04
C ARG A 12 6.85 -7.61 -4.21
N GLU A 13 7.19 -7.26 -5.46
CA GLU A 13 7.69 -5.92 -5.80
C GLU A 13 6.52 -4.94 -5.96
N GLY A 14 6.70 -3.72 -5.43
CA GLY A 14 5.65 -2.69 -5.45
C GLY A 14 6.20 -1.29 -5.54
N ARG A 15 5.56 -0.45 -6.35
CA ARG A 15 5.92 0.97 -6.45
C ARG A 15 5.02 1.75 -5.48
N GLY A 16 5.62 2.14 -4.34
CA GLY A 16 4.93 2.89 -3.29
C GLY A 16 4.94 4.38 -3.56
N THR A 17 3.77 4.99 -3.73
CA THR A 17 3.62 6.46 -3.87
C THR A 17 2.85 7.03 -2.67
N TRP A 18 2.90 8.37 -2.45
CA TRP A 18 2.16 9.01 -1.34
C TRP A 18 1.00 9.86 -1.86
N TYR A 19 -0.10 9.90 -1.10
CA TYR A 19 -1.26 10.75 -1.41
C TYR A 19 -1.68 11.56 -0.17
N ASP A 20 -2.62 12.49 -0.35
CA ASP A 20 -3.20 13.28 0.76
C ASP A 20 -4.33 12.50 1.42
N THR A 21 -4.03 11.97 2.62
CA THR A 21 -4.87 11.01 3.34
C THR A 21 -5.91 11.74 4.21
N GLY A 22 -7.20 11.40 3.99
CA GLY A 22 -8.33 11.98 4.74
C GLY A 22 -9.39 10.93 5.03
N LEU A 23 -10.07 10.48 3.96
CA LEU A 23 -11.12 9.46 4.03
C LEU A 23 -10.74 8.29 3.10
N GLY A 24 -10.51 7.10 3.70
CA GLY A 24 -10.13 5.92 2.93
C GLY A 24 -11.22 5.44 1.98
N ALA A 25 -10.83 4.90 0.82
CA ALA A 25 -11.76 4.33 -0.18
C ALA A 25 -12.40 3.02 0.33
N CYS A 26 -11.75 2.39 1.31
CA CYS A 26 -12.34 1.30 2.10
C CYS A 26 -12.71 1.87 3.48
N GLY A 27 -13.43 1.09 4.32
CA GLY A 27 -13.97 1.60 5.59
C GLY A 27 -12.91 2.08 6.60
N TRP A 28 -12.48 3.35 6.47
CA TRP A 28 -11.47 3.97 7.34
C TRP A 28 -11.48 5.49 7.20
N ASN A 29 -10.95 6.18 8.22
CA ASN A 29 -10.78 7.64 8.23
C ASN A 29 -9.46 7.94 8.99
N ASN A 30 -8.49 8.58 8.31
CA ASN A 30 -7.11 8.76 8.82
C ASN A 30 -6.55 10.10 8.37
N VAL A 31 -5.54 10.60 9.10
CA VAL A 31 -4.78 11.81 8.71
C VAL A 31 -3.44 11.41 8.03
N ASN A 32 -2.72 12.43 7.55
CA ASN A 32 -1.39 12.27 6.89
C ASN A 32 -0.34 11.64 7.84
N SER A 33 -0.55 11.80 9.16
CA SER A 33 0.33 11.28 10.22
C SER A 33 0.22 9.75 10.38
N ASP A 34 -0.94 9.18 9.99
CA ASP A 34 -1.21 7.72 10.08
C ASP A 34 -0.35 6.95 9.08
N THR A 35 -0.37 5.61 9.22
CA THR A 35 0.36 4.68 8.36
C THR A 35 -0.62 3.68 7.74
N VAL A 36 -1.19 4.07 6.59
CA VAL A 36 -2.19 3.24 5.86
C VAL A 36 -1.90 3.29 4.35
N ILE A 37 -2.39 2.24 3.65
CA ILE A 37 -2.08 1.99 2.23
C ILE A 37 -3.35 2.03 1.35
N ALA A 38 -3.14 2.44 0.10
CA ALA A 38 -4.09 2.43 -0.99
C ALA A 38 -3.69 1.33 -1.98
N LEU A 39 -4.43 0.22 -1.97
CA LEU A 39 -4.14 -0.99 -2.79
C LEU A 39 -5.05 -1.02 -4.02
N SER A 40 -4.72 -1.89 -5.00
CA SER A 40 -5.61 -2.21 -6.14
C SER A 40 -7.08 -2.41 -5.65
N PRO A 41 -8.09 -1.84 -6.37
CA PRO A 41 -9.48 -1.69 -5.85
C PRO A 41 -10.17 -3.04 -5.60
N SER A 42 -11.22 -3.00 -4.77
CA SER A 42 -11.93 -4.21 -4.28
C SER A 42 -12.61 -5.01 -5.41
N VAL A 43 -12.89 -4.36 -6.54
CA VAL A 43 -13.42 -5.04 -7.76
C VAL A 43 -12.36 -5.98 -8.38
N TYR A 44 -11.05 -5.69 -8.17
CA TYR A 44 -9.94 -6.58 -8.59
C TYR A 44 -9.60 -7.56 -7.46
N SER A 45 -9.51 -7.01 -6.24
CA SER A 45 -8.98 -7.72 -5.06
C SER A 45 -10.04 -8.54 -4.31
N GLY A 46 -11.31 -8.49 -4.77
CA GLY A 46 -12.45 -9.18 -4.12
C GLY A 46 -12.75 -8.66 -2.72
N GLY A 47 -12.23 -7.45 -2.41
CA GLY A 47 -12.31 -6.86 -1.05
C GLY A 47 -11.26 -7.40 -0.08
N SER A 48 -10.58 -8.51 -0.45
CA SER A 48 -9.70 -9.27 0.44
C SER A 48 -8.35 -8.57 0.69
N HIS A 49 -8.04 -7.51 -0.09
CA HIS A 49 -6.82 -6.70 0.13
C HIS A 49 -7.05 -5.58 1.16
N CYS A 50 -8.31 -5.24 1.47
CA CYS A 50 -8.63 -4.21 2.48
C CYS A 50 -8.54 -4.79 3.90
N GLY A 51 -8.16 -3.94 4.87
CA GLY A 51 -8.10 -4.33 6.29
C GLY A 51 -6.88 -5.19 6.63
N GLN A 52 -5.96 -5.34 5.66
CA GLN A 52 -4.79 -6.22 5.80
C GLN A 52 -3.55 -5.36 6.16
N THR A 53 -2.83 -5.80 7.20
CA THR A 53 -1.61 -5.13 7.68
C THR A 53 -0.40 -5.55 6.79
N VAL A 54 -0.01 -4.65 5.86
CA VAL A 54 1.03 -4.93 4.85
C VAL A 54 2.40 -4.40 5.28
N THR A 55 3.36 -5.31 5.50
CA THR A 55 4.73 -4.95 5.78
C THR A 55 5.45 -4.61 4.46
N VAL A 56 5.83 -3.32 4.32
CA VAL A 56 6.56 -2.78 3.15
C VAL A 56 8.04 -2.57 3.52
N THR A 57 8.97 -3.00 2.64
CA THR A 57 10.42 -2.84 2.86
C THR A 57 11.07 -2.19 1.64
N ASN A 58 11.36 -0.87 1.72
CA ASN A 58 11.99 -0.12 0.63
C ASN A 58 13.41 -0.66 0.38
N VAL A 59 13.57 -1.40 -0.72
CA VAL A 59 14.84 -2.08 -1.07
C VAL A 59 15.95 -1.08 -1.50
N VAL A 60 15.57 0.17 -1.88
CA VAL A 60 16.53 1.22 -2.31
C VAL A 60 17.41 1.66 -1.12
N THR A 61 16.75 2.08 -0.03
CA THR A 61 17.42 2.64 1.16
C THR A 61 17.60 1.57 2.27
N GLY A 62 16.78 0.50 2.19
CA GLY A 62 16.78 -0.58 3.20
C GLY A 62 15.94 -0.22 4.43
N ALA A 63 14.90 0.60 4.25
CA ALA A 63 13.97 0.97 5.35
C ALA A 63 12.76 0.04 5.33
N LYS A 64 12.29 -0.35 6.53
CA LYS A 64 11.18 -1.31 6.69
C LYS A 64 10.15 -0.73 7.66
N ALA A 65 8.86 -0.86 7.29
CA ALA A 65 7.71 -0.44 8.11
C ALA A 65 6.46 -1.23 7.68
N THR A 66 5.33 -0.96 8.34
CA THR A 66 4.05 -1.65 8.08
C THR A 66 2.90 -0.62 8.03
N GLY A 67 1.94 -0.86 7.13
CA GLY A 67 0.74 -0.02 7.00
C GLY A 67 -0.46 -0.85 6.62
N THR A 68 -1.61 -0.58 7.26
CA THR A 68 -2.86 -1.31 7.01
C THR A 68 -3.57 -0.71 5.78
N VAL A 69 -4.09 -1.56 4.88
CA VAL A 69 -4.82 -1.08 3.69
C VAL A 69 -6.18 -0.49 4.09
N ALA A 70 -6.32 0.82 3.88
CA ALA A 70 -7.51 1.60 4.22
C ALA A 70 -8.16 2.18 2.97
N ASP A 71 -7.37 2.26 1.90
CA ASP A 71 -7.78 2.94 0.67
C ASP A 71 -7.57 2.00 -0.54
N GLU A 72 -8.14 2.40 -1.66
CA GLU A 72 -8.19 1.64 -2.90
C GLU A 72 -7.80 2.58 -4.06
N CYS A 73 -6.59 2.40 -4.57
CA CYS A 73 -6.10 3.12 -5.75
C CYS A 73 -6.45 2.32 -7.04
N PRO A 74 -7.48 2.78 -7.85
CA PRO A 74 -7.88 2.10 -9.11
C PRO A 74 -6.77 2.11 -10.18
N GLY A 75 -5.98 3.20 -10.21
CA GLY A 75 -4.88 3.36 -11.17
C GLY A 75 -3.60 2.62 -10.74
N CYS A 76 -3.67 1.91 -9.62
CA CYS A 76 -2.55 1.15 -9.07
C CYS A 76 -2.75 -0.36 -9.33
N GLY A 77 -1.78 -0.96 -10.02
CA GLY A 77 -1.75 -2.38 -10.35
C GLY A 77 -1.24 -3.28 -9.22
N PRO A 78 -1.19 -4.64 -9.42
CA PRO A 78 -0.69 -5.59 -8.38
C PRO A 78 0.83 -5.51 -8.09
N ASN A 79 1.51 -4.51 -8.70
CA ASN A 79 2.93 -4.18 -8.43
C ASN A 79 3.10 -2.66 -8.23
N ASP A 80 1.98 -1.96 -8.01
CA ASP A 80 1.93 -0.52 -7.80
C ASP A 80 1.00 -0.24 -6.62
N ILE A 81 1.52 0.35 -5.54
CA ILE A 81 0.72 0.67 -4.34
C ILE A 81 0.89 2.16 -4.00
N ASP A 82 -0.18 2.78 -3.54
CA ASP A 82 -0.15 4.16 -3.06
C ASP A 82 -0.28 4.10 -1.52
N MET A 83 0.08 5.17 -0.79
CA MET A 83 0.05 5.15 0.70
C MET A 83 0.14 6.55 1.31
N THR A 84 0.04 6.59 2.65
CA THR A 84 0.22 7.83 3.44
C THR A 84 1.62 8.45 3.26
N PRO A 85 1.75 9.82 3.37
CA PRO A 85 3.06 10.48 3.47
C PRO A 85 3.74 10.12 4.81
N GLY A 86 2.91 9.76 5.83
CA GLY A 86 3.38 9.22 7.11
C GLY A 86 4.18 7.95 6.94
N LEU A 87 3.69 7.02 6.08
CA LEU A 87 4.45 5.82 5.67
C LEU A 87 5.66 6.22 4.81
N PHE A 88 5.40 7.05 3.80
CA PHE A 88 6.37 7.38 2.74
C PHE A 88 7.68 8.01 3.29
N GLN A 89 7.53 8.86 4.32
CA GLN A 89 8.66 9.54 4.99
C GLN A 89 9.48 8.56 5.86
N GLN A 90 8.85 7.43 6.27
CA GLN A 90 9.50 6.39 7.09
C GLN A 90 10.14 5.30 6.22
N LEU A 91 9.59 5.08 5.01
CA LEU A 91 10.17 4.14 4.03
C LEU A 91 11.29 4.82 3.22
N GLY A 92 11.30 6.16 3.17
CA GLY A 92 12.34 6.90 2.47
C GLY A 92 12.17 8.41 2.60
N SER A 93 11.87 9.07 1.47
CA SER A 93 11.76 10.54 1.39
C SER A 93 10.64 10.90 0.41
N LEU A 94 9.89 11.98 0.70
CA LEU A 94 8.76 12.45 -0.13
C LEU A 94 9.24 12.86 -1.54
N ASP A 95 10.46 13.42 -1.60
CA ASP A 95 11.09 13.93 -2.84
C ASP A 95 11.42 12.79 -3.84
N GLU A 96 11.44 11.52 -3.35
CA GLU A 96 11.65 10.33 -4.18
C GLU A 96 10.53 10.18 -5.24
N GLY A 97 9.29 10.55 -4.85
CA GLY A 97 8.13 10.44 -5.73
C GLY A 97 7.50 9.05 -5.70
N VAL A 98 8.36 8.02 -5.87
CA VAL A 98 7.99 6.62 -5.72
C VAL A 98 9.10 5.87 -4.95
N LEU A 99 8.74 4.78 -4.26
CA LEU A 99 9.67 3.95 -3.46
C LEU A 99 9.58 2.50 -3.95
N THR A 100 10.72 1.92 -4.32
CA THR A 100 10.81 0.52 -4.72
C THR A 100 10.75 -0.35 -3.44
N VAL A 101 9.54 -0.84 -3.10
CA VAL A 101 9.26 -1.56 -1.84
C VAL A 101 8.86 -3.03 -2.10
N SER A 102 9.27 -3.90 -1.17
CA SER A 102 8.87 -5.29 -1.13
C SER A 102 7.74 -5.41 -0.10
N TRP A 103 6.53 -5.67 -0.59
CA TRP A 103 5.29 -5.67 0.22
C TRP A 103 4.63 -7.06 0.16
N THR A 104 3.80 -7.38 1.15
CA THR A 104 3.18 -8.72 1.28
C THR A 104 1.65 -8.62 1.37
N LEU A 105 0.98 -8.95 0.25
CA LEU A 105 -0.48 -9.06 0.19
C LEU A 105 -0.88 -9.74 -1.17
N GLY A 1 -15.29 -13.76 -5.92
CA GLY A 1 -16.64 -13.24 -6.27
C GLY A 1 -17.22 -12.35 -5.17
N HIS A 2 -18.51 -12.58 -4.81
CA HIS A 2 -19.23 -11.79 -3.78
C HIS A 2 -18.88 -12.26 -2.33
N ALA A 3 -17.60 -12.56 -2.09
CA ALA A 3 -17.09 -13.03 -0.80
C ALA A 3 -15.55 -12.97 -0.85
N PRO A 4 -14.86 -12.30 0.14
CA PRO A 4 -13.38 -12.26 0.19
C PRO A 4 -12.74 -13.67 0.26
N ALA A 5 -11.57 -13.80 -0.36
CA ALA A 5 -10.80 -15.05 -0.44
C ALA A 5 -9.39 -14.79 0.08
N GLU A 6 -8.79 -15.78 0.76
CA GLU A 6 -7.39 -15.71 1.22
C GLU A 6 -6.47 -15.65 -0.01
N LYS A 7 -5.80 -14.52 -0.17
CA LYS A 7 -4.82 -14.31 -1.24
C LYS A 7 -3.46 -14.85 -0.77
N ARG A 8 -2.67 -15.43 -1.69
CA ARG A 8 -1.30 -15.87 -1.41
C ARG A 8 -0.45 -14.67 -1.00
N SER A 9 -0.32 -14.44 0.33
CA SER A 9 0.51 -13.37 0.88
C SER A 9 1.98 -13.63 0.55
N THR A 10 2.41 -12.95 -0.53
CA THR A 10 3.72 -13.14 -1.15
C THR A 10 4.47 -11.81 -1.10
N THR A 11 5.75 -11.86 -0.69
CA THR A 11 6.59 -10.67 -0.65
C THR A 11 7.02 -10.36 -2.10
N ARG A 12 6.30 -9.43 -2.74
CA ARG A 12 6.56 -9.00 -4.11
C ARG A 12 6.82 -7.50 -4.10
N GLU A 13 7.71 -7.05 -5.00
CA GLU A 13 8.11 -5.66 -5.10
C GLU A 13 7.07 -4.87 -5.91
N GLY A 14 7.09 -3.56 -5.74
CA GLY A 14 6.22 -2.66 -6.46
C GLY A 14 6.63 -1.23 -6.22
N ARG A 15 6.10 -0.30 -7.02
CA ARG A 15 6.26 1.13 -6.74
C ARG A 15 5.30 1.51 -5.59
N GLY A 16 5.65 2.55 -4.83
CA GLY A 16 4.82 3.04 -3.74
C GLY A 16 4.85 4.55 -3.73
N THR A 17 3.77 5.18 -4.21
CA THR A 17 3.60 6.64 -4.22
C THR A 17 2.91 7.09 -2.91
N TRP A 18 2.95 8.41 -2.60
CA TRP A 18 2.19 8.96 -1.45
C TRP A 18 0.96 9.77 -1.95
N TYR A 19 -0.10 9.84 -1.10
CA TYR A 19 -1.29 10.70 -1.33
C TYR A 19 -1.65 11.42 -0.03
N ASP A 20 -2.51 12.45 -0.12
CA ASP A 20 -3.01 13.18 1.06
C ASP A 20 -4.21 12.42 1.65
N THR A 21 -4.09 12.09 2.94
CA THR A 21 -5.01 11.18 3.62
C THR A 21 -6.43 11.78 3.78
N GLY A 22 -7.43 10.90 3.83
CA GLY A 22 -8.80 11.28 4.12
C GLY A 22 -9.64 10.08 4.48
N LEU A 23 -10.94 10.13 4.12
CA LEU A 23 -11.85 8.98 4.26
C LEU A 23 -11.54 8.01 3.11
N GLY A 24 -10.95 6.84 3.44
CA GLY A 24 -10.58 5.82 2.46
C GLY A 24 -11.79 5.09 1.88
N ALA A 25 -11.53 4.23 0.88
CA ALA A 25 -12.57 3.43 0.20
C ALA A 25 -13.20 2.38 1.15
N CYS A 26 -12.46 2.04 2.22
CA CYS A 26 -12.98 1.24 3.34
C CYS A 26 -13.23 2.15 4.56
N GLY A 27 -13.75 1.58 5.66
CA GLY A 27 -14.17 2.36 6.84
C GLY A 27 -13.03 2.88 7.71
N TRP A 28 -12.26 3.84 7.18
CA TRP A 28 -11.17 4.54 7.88
C TRP A 28 -11.14 6.00 7.43
N ASN A 29 -10.76 6.89 8.36
CA ASN A 29 -10.43 8.29 8.06
C ASN A 29 -9.29 8.69 9.02
N ASN A 30 -8.14 9.06 8.46
CA ASN A 30 -6.90 9.32 9.26
C ASN A 30 -6.26 10.65 8.87
N VAL A 31 -5.16 11.00 9.57
CA VAL A 31 -4.35 12.19 9.25
C VAL A 31 -3.19 11.80 8.31
N ASN A 32 -2.52 12.82 7.76
CA ASN A 32 -1.39 12.66 6.80
C ASN A 32 -0.20 11.90 7.43
N SER A 33 -0.04 12.04 8.77
CA SER A 33 1.05 11.40 9.54
C SER A 33 0.81 9.89 9.78
N ASP A 34 -0.46 9.44 9.72
CA ASP A 34 -0.81 8.01 9.92
C ASP A 34 -0.35 7.16 8.72
N THR A 35 -0.45 5.83 8.87
CA THR A 35 0.05 4.85 7.89
C THR A 35 -1.09 4.01 7.32
N VAL A 36 -1.87 4.58 6.38
CA VAL A 36 -2.87 3.82 5.61
C VAL A 36 -2.47 3.77 4.13
N ILE A 37 -2.90 2.69 3.46
CA ILE A 37 -2.49 2.36 2.08
C ILE A 37 -3.72 2.35 1.13
N ALA A 38 -3.44 2.77 -0.11
CA ALA A 38 -4.33 2.67 -1.25
C ALA A 38 -3.79 1.58 -2.21
N LEU A 39 -4.44 0.41 -2.17
CA LEU A 39 -4.05 -0.78 -2.97
C LEU A 39 -4.96 -0.86 -4.20
N SER A 40 -4.57 -1.70 -5.18
CA SER A 40 -5.40 -2.05 -6.33
C SER A 40 -6.83 -2.48 -5.87
N PRO A 41 -7.92 -2.06 -6.62
CA PRO A 41 -9.35 -2.20 -6.18
C PRO A 41 -9.67 -3.57 -5.56
N SER A 42 -10.13 -3.58 -4.30
CA SER A 42 -10.32 -4.81 -3.48
C SER A 42 -11.20 -5.84 -4.20
N VAL A 43 -12.25 -5.36 -4.91
CA VAL A 43 -13.14 -6.20 -5.74
C VAL A 43 -12.34 -7.04 -6.77
N TYR A 44 -11.30 -6.42 -7.35
CA TYR A 44 -10.39 -7.05 -8.34
C TYR A 44 -9.38 -7.94 -7.60
N SER A 45 -8.99 -7.51 -6.39
CA SER A 45 -7.91 -8.09 -5.60
C SER A 45 -8.42 -9.18 -4.61
N GLY A 46 -9.63 -9.72 -4.88
CA GLY A 46 -10.17 -10.86 -4.13
C GLY A 46 -10.78 -10.51 -2.78
N GLY A 47 -10.89 -9.21 -2.48
CA GLY A 47 -11.51 -8.71 -1.26
C GLY A 47 -10.52 -8.47 -0.13
N SER A 48 -9.47 -9.31 -0.07
CA SER A 48 -8.50 -9.34 1.04
C SER A 48 -7.56 -8.10 1.05
N HIS A 49 -7.51 -7.35 -0.06
CA HIS A 49 -6.62 -6.18 -0.21
C HIS A 49 -7.26 -4.87 0.29
N CYS A 50 -8.07 -4.99 1.36
CA CYS A 50 -8.50 -3.84 2.16
C CYS A 50 -8.99 -4.37 3.53
N GLY A 51 -8.55 -3.70 4.61
CA GLY A 51 -8.83 -4.15 5.97
C GLY A 51 -7.63 -4.82 6.62
N GLN A 52 -6.68 -5.29 5.80
CA GLN A 52 -5.49 -6.03 6.26
C GLN A 52 -4.28 -5.10 6.39
N THR A 53 -3.45 -5.34 7.43
CA THR A 53 -2.24 -4.58 7.70
C THR A 53 -1.02 -5.21 7.00
N VAL A 54 -0.43 -4.47 6.05
CA VAL A 54 0.68 -4.94 5.20
C VAL A 54 2.02 -4.36 5.69
N THR A 55 3.06 -5.20 5.76
CA THR A 55 4.43 -4.76 6.02
C THR A 55 5.15 -4.54 4.68
N VAL A 56 5.57 -3.30 4.43
CA VAL A 56 6.25 -2.88 3.19
C VAL A 56 7.75 -2.63 3.48
N THR A 57 8.65 -3.00 2.54
CA THR A 57 10.11 -2.76 2.70
C THR A 57 10.69 -2.10 1.43
N ASN A 58 11.08 -0.82 1.56
CA ASN A 58 11.68 -0.05 0.47
C ASN A 58 13.06 -0.61 0.13
N VAL A 59 13.14 -1.32 -1.00
CA VAL A 59 14.36 -2.04 -1.44
C VAL A 59 15.49 -1.07 -1.87
N VAL A 60 15.16 0.22 -2.02
CA VAL A 60 16.13 1.29 -2.36
C VAL A 60 17.18 1.46 -1.24
N THR A 61 16.70 1.48 0.02
CA THR A 61 17.54 1.78 1.20
C THR A 61 17.52 0.64 2.24
N GLY A 62 16.57 -0.31 2.09
CA GLY A 62 16.40 -1.44 3.02
C GLY A 62 15.57 -1.09 4.25
N ALA A 63 14.75 -0.03 4.15
CA ALA A 63 13.89 0.43 5.25
C ALA A 63 12.56 -0.32 5.24
N LYS A 64 12.11 -0.77 6.42
CA LYS A 64 10.89 -1.58 6.57
C LYS A 64 9.93 -0.86 7.52
N ALA A 65 8.66 -0.72 7.11
CA ALA A 65 7.60 -0.11 7.92
C ALA A 65 6.27 -0.81 7.64
N THR A 66 5.25 -0.51 8.45
CA THR A 66 3.97 -1.26 8.45
C THR A 66 2.79 -0.28 8.34
N GLY A 67 1.89 -0.54 7.37
CA GLY A 67 0.69 0.28 7.16
C GLY A 67 -0.53 -0.58 6.81
N THR A 68 -1.71 -0.19 7.31
CA THR A 68 -2.98 -0.88 7.01
C THR A 68 -3.56 -0.38 5.69
N VAL A 69 -4.00 -1.29 4.81
CA VAL A 69 -4.72 -0.92 3.60
C VAL A 69 -6.13 -0.47 3.98
N ALA A 70 -6.46 0.79 3.68
CA ALA A 70 -7.75 1.41 4.03
C ALA A 70 -8.45 1.98 2.80
N ASP A 71 -7.73 2.01 1.67
CA ASP A 71 -8.21 2.68 0.45
C ASP A 71 -7.93 1.83 -0.81
N GLU A 72 -8.75 2.07 -1.84
CA GLU A 72 -8.65 1.43 -3.16
C GLU A 72 -8.24 2.48 -4.21
N CYS A 73 -7.02 2.38 -4.70
CA CYS A 73 -6.53 3.18 -5.84
C CYS A 73 -6.79 2.44 -7.16
N PRO A 74 -7.80 2.88 -7.98
CA PRO A 74 -8.12 2.26 -9.29
C PRO A 74 -6.93 2.30 -10.27
N GLY A 75 -6.24 3.46 -10.27
CA GLY A 75 -5.11 3.73 -11.17
C GLY A 75 -3.78 3.20 -10.63
N CYS A 76 -3.84 2.29 -9.65
CA CYS A 76 -2.67 1.61 -9.09
C CYS A 76 -2.73 0.11 -9.43
N GLY A 77 -1.63 -0.44 -9.98
CA GLY A 77 -1.55 -1.85 -10.38
C GLY A 77 -0.92 -2.75 -9.31
N PRO A 78 -0.83 -4.10 -9.55
CA PRO A 78 -0.31 -5.08 -8.55
C PRO A 78 1.21 -4.92 -8.26
N ASN A 79 1.88 -4.05 -9.03
CA ASN A 79 3.31 -3.71 -8.84
C ASN A 79 3.51 -2.19 -8.83
N ASP A 80 2.45 -1.46 -8.45
CA ASP A 80 2.47 0.00 -8.36
C ASP A 80 1.29 0.43 -7.48
N ILE A 81 1.57 0.67 -6.20
CA ILE A 81 0.55 1.00 -5.19
C ILE A 81 0.75 2.44 -4.69
N ASP A 82 -0.20 2.89 -3.87
CA ASP A 82 -0.21 4.24 -3.31
C ASP A 82 -0.35 4.11 -1.78
N MET A 83 0.24 5.06 -1.03
CA MET A 83 0.35 5.00 0.45
C MET A 83 0.25 6.41 1.01
N THR A 84 0.06 6.56 2.33
CA THR A 84 0.13 7.88 2.98
C THR A 84 1.60 8.31 3.25
N PRO A 85 1.90 9.67 3.30
CA PRO A 85 3.27 10.20 3.45
C PRO A 85 3.88 9.90 4.84
N GLY A 86 3.00 9.63 5.82
CA GLY A 86 3.42 9.20 7.15
C GLY A 86 4.09 7.83 7.13
N LEU A 87 3.66 6.97 6.20
CA LEU A 87 4.28 5.66 5.94
C LEU A 87 5.51 5.85 5.01
N PHE A 88 5.28 6.60 3.93
CA PHE A 88 6.27 6.86 2.87
C PHE A 88 7.60 7.43 3.42
N GLN A 89 7.49 8.34 4.41
CA GLN A 89 8.66 8.98 5.05
C GLN A 89 9.48 7.97 5.88
N GLN A 90 8.82 6.93 6.37
CA GLN A 90 9.46 5.86 7.16
C GLN A 90 10.11 4.83 6.23
N LEU A 91 9.52 4.66 5.02
CA LEU A 91 10.15 3.85 3.95
C LEU A 91 11.39 4.56 3.35
N GLY A 92 11.35 5.90 3.26
CA GLY A 92 12.43 6.68 2.66
C GLY A 92 12.11 8.17 2.60
N SER A 93 12.73 8.88 1.65
CA SER A 93 12.56 10.34 1.49
C SER A 93 11.38 10.69 0.56
N LEU A 94 10.61 11.73 0.94
CA LEU A 94 9.55 12.32 0.09
C LEU A 94 10.15 12.89 -1.22
N ASP A 95 11.43 13.27 -1.15
CA ASP A 95 12.21 13.81 -2.30
C ASP A 95 12.32 12.79 -3.45
N GLU A 96 12.26 11.49 -3.09
CA GLU A 96 12.30 10.38 -4.07
C GLU A 96 11.02 10.36 -4.93
N GLY A 97 9.89 10.85 -4.36
CA GLY A 97 8.62 10.94 -5.07
C GLY A 97 7.85 9.63 -5.04
N VAL A 98 8.49 8.58 -5.58
CA VAL A 98 8.01 7.19 -5.49
C VAL A 98 9.13 6.30 -4.91
N LEU A 99 8.75 5.30 -4.10
CA LEU A 99 9.68 4.33 -3.48
C LEU A 99 9.32 2.91 -3.93
N THR A 100 10.32 2.15 -4.36
CA THR A 100 10.14 0.75 -4.73
C THR A 100 10.11 -0.10 -3.44
N VAL A 101 8.91 -0.53 -3.05
CA VAL A 101 8.66 -1.25 -1.79
C VAL A 101 8.20 -2.68 -2.08
N SER A 102 8.61 -3.61 -1.21
CA SER A 102 8.21 -5.01 -1.27
C SER A 102 7.13 -5.24 -0.22
N TRP A 103 5.91 -5.54 -0.70
CA TRP A 103 4.70 -5.67 0.12
C TRP A 103 4.21 -7.13 0.08
N THR A 104 3.48 -7.54 1.14
CA THR A 104 3.04 -8.94 1.31
C THR A 104 1.52 -9.00 1.58
N LEU A 105 0.76 -9.35 0.53
CA LEU A 105 -0.70 -9.63 0.62
C LEU A 105 -1.11 -10.33 -0.70
N GLY A 1 -9.39 -16.19 -17.17
CA GLY A 1 -8.22 -15.88 -16.31
C GLY A 1 -7.28 -14.90 -16.97
N HIS A 2 -7.53 -13.60 -16.78
CA HIS A 2 -6.70 -12.51 -17.36
C HIS A 2 -5.37 -12.37 -16.61
N ALA A 3 -5.47 -12.13 -15.29
CA ALA A 3 -4.31 -12.00 -14.39
C ALA A 3 -4.45 -13.04 -13.26
N PRO A 4 -3.35 -13.77 -12.88
CA PRO A 4 -3.38 -14.73 -11.75
C PRO A 4 -3.72 -14.04 -10.40
N ALA A 5 -4.50 -14.75 -9.55
CA ALA A 5 -4.98 -14.22 -8.25
C ALA A 5 -3.79 -13.95 -7.31
N GLU A 6 -3.74 -12.73 -6.77
CA GLU A 6 -2.59 -12.20 -6.00
C GLU A 6 -2.52 -12.76 -4.55
N LYS A 7 -3.44 -13.70 -4.21
CA LYS A 7 -3.47 -14.38 -2.89
C LYS A 7 -2.23 -15.27 -2.67
N ARG A 8 -1.43 -15.48 -3.72
CA ARG A 8 -0.09 -16.09 -3.61
C ARG A 8 0.78 -15.19 -2.70
N SER A 9 0.86 -15.57 -1.41
CA SER A 9 1.60 -14.82 -0.38
C SER A 9 3.12 -15.01 -0.61
N THR A 10 3.70 -14.06 -1.36
CA THR A 10 5.10 -14.06 -1.75
C THR A 10 5.63 -12.62 -1.68
N THR A 11 6.97 -12.47 -1.48
CA THR A 11 7.60 -11.15 -1.45
C THR A 11 7.57 -10.55 -2.87
N ARG A 12 6.59 -9.65 -3.08
CA ARG A 12 6.34 -9.00 -4.36
C ARG A 12 6.98 -7.62 -4.33
N GLU A 13 7.54 -7.18 -5.45
CA GLU A 13 8.23 -5.87 -5.53
C GLU A 13 7.63 -5.04 -6.66
N GLY A 14 7.73 -3.73 -6.50
CA GLY A 14 7.25 -2.80 -7.50
C GLY A 14 7.26 -1.39 -6.95
N ARG A 15 6.22 -0.62 -7.28
CA ARG A 15 6.21 0.84 -7.04
C ARG A 15 5.36 1.18 -5.81
N GLY A 16 5.85 2.14 -5.02
CA GLY A 16 5.15 2.65 -3.84
C GLY A 16 5.02 4.14 -3.94
N THR A 17 3.80 4.68 -3.83
CA THR A 17 3.52 6.12 -3.97
C THR A 17 2.80 6.65 -2.71
N TRP A 18 2.77 7.99 -2.54
CA TRP A 18 2.01 8.64 -1.44
C TRP A 18 0.84 9.47 -2.00
N TYR A 19 -0.26 9.54 -1.25
CA TYR A 19 -1.43 10.40 -1.60
C TYR A 19 -1.82 11.31 -0.42
N ASP A 20 -2.64 12.34 -0.67
CA ASP A 20 -3.13 13.24 0.39
C ASP A 20 -4.36 12.59 1.03
N THR A 21 -4.12 11.94 2.18
CA THR A 21 -5.09 11.10 2.85
C THR A 21 -6.14 11.91 3.63
N GLY A 22 -7.42 11.59 3.39
CA GLY A 22 -8.55 12.23 4.05
C GLY A 22 -9.64 11.22 4.42
N LEU A 23 -9.86 10.25 3.52
CA LEU A 23 -10.86 9.19 3.67
C LEU A 23 -10.34 7.88 3.05
N GLY A 24 -10.68 6.74 3.68
CA GLY A 24 -10.36 5.43 3.13
C GLY A 24 -11.50 4.91 2.26
N ALA A 25 -11.17 4.19 1.18
CA ALA A 25 -12.17 3.54 0.28
C ALA A 25 -12.96 2.47 1.01
N CYS A 26 -12.32 1.88 2.03
CA CYS A 26 -12.97 0.93 2.95
C CYS A 26 -13.21 1.66 4.30
N GLY A 27 -14.05 1.06 5.18
CA GLY A 27 -14.64 1.75 6.36
C GLY A 27 -13.65 2.34 7.38
N TRP A 28 -13.02 3.47 7.01
CA TRP A 28 -12.00 4.18 7.80
C TRP A 28 -11.96 5.66 7.37
N ASN A 29 -11.73 6.58 8.32
CA ASN A 29 -11.33 7.97 8.06
C ASN A 29 -9.92 8.15 8.62
N ASN A 30 -8.96 8.56 7.77
CA ASN A 30 -7.54 8.67 8.14
C ASN A 30 -6.96 10.01 7.68
N VAL A 31 -5.98 10.55 8.43
CA VAL A 31 -5.33 11.84 8.10
C VAL A 31 -4.11 11.63 7.18
N ASN A 32 -3.56 12.74 6.69
CA ASN A 32 -2.36 12.76 5.83
C ASN A 32 -1.14 12.14 6.56
N SER A 33 -0.98 12.46 7.86
CA SER A 33 0.13 11.96 8.69
C SER A 33 -0.19 10.59 9.35
N ASP A 34 -1.20 9.88 8.81
CA ASP A 34 -1.56 8.51 9.23
C ASP A 34 -0.55 7.48 8.66
N THR A 35 -0.65 6.21 9.06
CA THR A 35 0.23 5.12 8.58
C THR A 35 -0.54 4.03 7.81
N VAL A 36 -1.62 4.41 7.06
CA VAL A 36 -2.43 3.42 6.29
C VAL A 36 -2.04 3.39 4.80
N ILE A 37 -2.52 2.33 4.12
CA ILE A 37 -2.14 2.01 2.73
C ILE A 37 -3.39 2.04 1.80
N ALA A 38 -3.13 2.44 0.54
CA ALA A 38 -4.08 2.37 -0.57
C ALA A 38 -3.60 1.30 -1.57
N LEU A 39 -4.37 0.21 -1.72
CA LEU A 39 -3.95 -0.97 -2.55
C LEU A 39 -4.62 -0.94 -3.93
N SER A 40 -4.13 -1.77 -4.88
CA SER A 40 -4.77 -2.01 -6.20
C SER A 40 -6.32 -2.15 -6.06
N PRO A 41 -7.14 -1.54 -7.01
CA PRO A 41 -8.59 -1.22 -6.84
C PRO A 41 -9.41 -2.30 -6.11
N SER A 42 -10.22 -1.88 -5.12
CA SER A 42 -10.92 -2.80 -4.18
C SER A 42 -11.82 -3.82 -4.88
N VAL A 43 -12.38 -3.43 -6.05
CA VAL A 43 -13.20 -4.32 -6.90
C VAL A 43 -12.31 -5.42 -7.54
N TYR A 44 -11.07 -5.05 -7.89
CA TYR A 44 -10.08 -5.97 -8.49
C TYR A 44 -9.51 -6.91 -7.40
N SER A 45 -9.23 -6.31 -6.23
CA SER A 45 -8.55 -6.98 -5.13
C SER A 45 -9.57 -7.67 -4.18
N GLY A 46 -10.87 -7.60 -4.55
CA GLY A 46 -11.96 -8.29 -3.82
C GLY A 46 -12.31 -7.66 -2.47
N GLY A 47 -11.66 -6.52 -2.14
CA GLY A 47 -11.82 -5.88 -0.82
C GLY A 47 -11.02 -6.58 0.27
N SER A 48 -10.36 -7.68 -0.10
CA SER A 48 -9.71 -8.62 0.81
C SER A 48 -8.39 -8.09 1.40
N HIS A 49 -7.94 -6.93 0.88
CA HIS A 49 -6.71 -6.26 1.35
C HIS A 49 -7.03 -5.22 2.43
N CYS A 50 -8.26 -4.65 2.41
CA CYS A 50 -8.72 -3.71 3.46
C CYS A 50 -8.85 -4.46 4.80
N GLY A 51 -8.22 -3.91 5.86
CA GLY A 51 -8.17 -4.54 7.17
C GLY A 51 -6.87 -5.28 7.40
N GLN A 52 -6.23 -5.73 6.31
CA GLN A 52 -4.99 -6.50 6.35
C GLN A 52 -3.80 -5.57 6.52
N THR A 53 -2.87 -5.96 7.40
CA THR A 53 -1.64 -5.22 7.63
C THR A 53 -0.53 -5.81 6.71
N VAL A 54 0.19 -4.92 6.03
CA VAL A 54 1.25 -5.27 5.06
C VAL A 54 2.59 -4.65 5.50
N THR A 55 3.65 -5.47 5.58
CA THR A 55 5.02 -4.99 5.82
C THR A 55 5.66 -4.62 4.47
N VAL A 56 5.76 -3.31 4.22
CA VAL A 56 6.36 -2.76 3.00
C VAL A 56 7.84 -2.43 3.27
N THR A 57 8.73 -2.68 2.29
CA THR A 57 10.18 -2.56 2.47
C THR A 57 10.82 -1.82 1.28
N ASN A 58 11.31 -0.60 1.51
CA ASN A 58 11.99 0.19 0.47
C ASN A 58 13.35 -0.48 0.16
N VAL A 59 13.45 -1.12 -1.02
CA VAL A 59 14.60 -1.95 -1.42
C VAL A 59 15.89 -1.12 -1.65
N VAL A 60 15.73 0.22 -1.76
CA VAL A 60 16.84 1.16 -1.97
C VAL A 60 17.66 1.33 -0.67
N THR A 61 17.00 1.89 0.37
CA THR A 61 17.61 2.17 1.68
C THR A 61 17.68 0.91 2.55
N GLY A 62 16.79 -0.06 2.28
CA GLY A 62 16.71 -1.32 3.04
C GLY A 62 15.88 -1.19 4.32
N ALA A 63 15.00 -0.19 4.36
CA ALA A 63 14.12 0.07 5.53
C ALA A 63 12.72 -0.55 5.30
N LYS A 64 12.14 -1.12 6.36
CA LYS A 64 10.80 -1.71 6.32
C LYS A 64 9.90 -1.06 7.39
N ALA A 65 8.59 -1.11 7.14
CA ALA A 65 7.56 -0.62 8.07
C ALA A 65 6.24 -1.33 7.72
N THR A 66 5.42 -1.61 8.75
CA THR A 66 4.15 -2.31 8.59
C THR A 66 3.00 -1.31 8.76
N GLY A 67 2.08 -1.29 7.78
CA GLY A 67 0.90 -0.41 7.81
C GLY A 67 -0.34 -1.17 7.36
N THR A 68 -1.52 -0.76 7.83
CA THR A 68 -2.80 -1.41 7.47
C THR A 68 -3.42 -0.76 6.23
N VAL A 69 -3.93 -1.59 5.30
CA VAL A 69 -4.65 -1.09 4.11
C VAL A 69 -6.06 -0.64 4.52
N ALA A 70 -6.39 0.62 4.21
CA ALA A 70 -7.70 1.23 4.51
C ALA A 70 -8.36 1.77 3.24
N ASP A 71 -7.53 2.00 2.20
CA ASP A 71 -7.96 2.68 0.96
C ASP A 71 -7.57 1.85 -0.28
N GLU A 72 -8.07 2.27 -1.46
CA GLU A 72 -7.69 1.70 -2.75
C GLU A 72 -6.97 2.76 -3.61
N CYS A 73 -6.45 2.32 -4.75
CA CYS A 73 -5.77 3.15 -5.72
C CYS A 73 -6.01 2.54 -7.10
N PRO A 74 -7.12 2.95 -7.81
CA PRO A 74 -7.48 2.45 -9.17
C PRO A 74 -6.31 2.48 -10.17
N GLY A 75 -5.55 3.59 -10.15
CA GLY A 75 -4.39 3.77 -11.03
C GLY A 75 -3.23 2.81 -10.73
N CYS A 76 -3.14 2.38 -9.45
CA CYS A 76 -2.11 1.44 -8.99
C CYS A 76 -2.41 0.01 -9.49
N GLY A 77 -1.45 -0.56 -10.25
CA GLY A 77 -1.45 -1.97 -10.67
C GLY A 77 -1.20 -2.95 -9.51
N PRO A 78 -1.20 -4.30 -9.76
CA PRO A 78 -1.01 -5.33 -8.70
C PRO A 78 0.39 -5.26 -8.01
N ASN A 79 1.40 -4.76 -8.73
CA ASN A 79 2.77 -4.54 -8.18
C ASN A 79 3.00 -3.06 -7.81
N ASP A 80 1.91 -2.28 -7.83
CA ASP A 80 1.93 -0.85 -7.50
C ASP A 80 1.02 -0.62 -6.30
N ILE A 81 1.59 -0.12 -5.22
CA ILE A 81 0.85 0.28 -4.03
C ILE A 81 1.03 1.79 -3.81
N ASP A 82 0.02 2.35 -3.16
CA ASP A 82 -0.04 3.74 -2.74
C ASP A 82 -0.17 3.75 -1.21
N MET A 83 0.19 4.84 -0.54
CA MET A 83 0.14 4.91 0.93
C MET A 83 0.08 6.36 1.43
N THR A 84 -0.09 6.49 2.75
CA THR A 84 -0.01 7.77 3.44
C THR A 84 1.43 8.35 3.37
N PRO A 85 1.58 9.70 3.31
CA PRO A 85 2.89 10.39 3.47
C PRO A 85 3.56 10.06 4.82
N GLY A 86 2.72 9.82 5.85
CA GLY A 86 3.18 9.45 7.19
C GLY A 86 3.90 8.10 7.23
N LEU A 87 3.51 7.17 6.34
CA LEU A 87 4.20 5.87 6.19
C LEU A 87 5.35 5.99 5.15
N PHE A 88 5.10 6.79 4.09
CA PHE A 88 6.03 6.95 2.96
C PHE A 88 7.33 7.67 3.41
N GLN A 89 7.22 8.51 4.45
CA GLN A 89 8.38 9.20 5.06
C GLN A 89 9.20 8.21 5.92
N GLN A 90 8.54 7.14 6.41
CA GLN A 90 9.18 6.06 7.18
C GLN A 90 9.91 5.10 6.25
N LEU A 91 9.35 4.86 5.05
CA LEU A 91 10.03 4.06 4.00
C LEU A 91 11.19 4.84 3.34
N GLY A 92 10.93 6.10 2.97
CA GLY A 92 11.91 6.95 2.28
C GLY A 92 11.64 8.43 2.51
N SER A 93 11.42 9.20 1.43
CA SER A 93 11.07 10.63 1.52
C SER A 93 10.06 10.99 0.42
N LEU A 94 9.28 12.08 0.63
CA LEU A 94 8.29 12.56 -0.35
C LEU A 94 8.99 13.16 -1.60
N ASP A 95 10.30 13.50 -1.44
CA ASP A 95 11.18 13.98 -2.54
C ASP A 95 11.35 12.91 -3.63
N GLU A 96 11.36 11.65 -3.19
CA GLU A 96 11.44 10.48 -4.06
C GLU A 96 10.20 10.39 -4.96
N GLY A 97 9.03 10.63 -4.37
CA GLY A 97 7.74 10.53 -5.07
C GLY A 97 7.26 9.09 -5.19
N VAL A 98 8.08 8.26 -5.85
CA VAL A 98 7.89 6.80 -5.92
C VAL A 98 9.10 6.09 -5.26
N LEU A 99 8.85 4.91 -4.67
CA LEU A 99 9.87 4.06 -4.05
C LEU A 99 9.67 2.63 -4.54
N THR A 100 10.74 1.96 -4.98
CA THR A 100 10.68 0.54 -5.29
C THR A 100 10.63 -0.25 -3.96
N VAL A 101 9.43 -0.75 -3.63
CA VAL A 101 9.15 -1.43 -2.36
C VAL A 101 8.75 -2.89 -2.59
N SER A 102 9.05 -3.72 -1.59
CA SER A 102 8.71 -5.14 -1.55
C SER A 102 7.75 -5.38 -0.36
N TRP A 103 6.74 -6.24 -0.58
CA TRP A 103 5.61 -6.39 0.34
C TRP A 103 4.93 -7.75 0.14
N THR A 104 4.10 -8.16 1.12
CA THR A 104 3.30 -9.40 1.05
C THR A 104 1.96 -9.17 1.74
N LEU A 105 0.88 -9.65 1.11
CA LEU A 105 -0.44 -9.73 1.74
C LEU A 105 -0.52 -11.10 2.47
N GLY A 1 -10.43 -20.00 -8.71
CA GLY A 1 -9.39 -20.66 -7.90
C GLY A 1 -8.23 -19.73 -7.53
N HIS A 2 -8.12 -18.56 -8.21
CA HIS A 2 -6.97 -17.63 -8.05
C HIS A 2 -7.41 -16.17 -7.89
N ALA A 3 -8.36 -15.72 -8.75
CA ALA A 3 -8.87 -14.31 -8.80
C ALA A 3 -7.81 -13.34 -9.44
N PRO A 4 -8.23 -12.10 -9.94
CA PRO A 4 -7.25 -11.10 -10.51
C PRO A 4 -6.19 -10.63 -9.49
N ALA A 5 -6.52 -10.74 -8.19
CA ALA A 5 -5.59 -10.50 -7.07
C ALA A 5 -6.06 -11.33 -5.86
N GLU A 6 -5.39 -12.48 -5.67
CA GLU A 6 -5.69 -13.45 -4.59
C GLU A 6 -5.40 -12.89 -3.18
N LYS A 7 -6.05 -13.49 -2.19
CA LYS A 7 -5.82 -13.16 -0.76
C LYS A 7 -4.57 -13.86 -0.22
N ARG A 8 -4.06 -14.86 -0.96
CA ARG A 8 -2.83 -15.57 -0.61
C ARG A 8 -1.63 -14.59 -0.65
N SER A 9 -1.04 -14.37 0.54
CA SER A 9 0.00 -13.37 0.80
C SER A 9 1.23 -13.55 -0.15
N THR A 10 1.35 -12.62 -1.12
CA THR A 10 2.43 -12.65 -2.13
C THR A 10 3.61 -11.79 -1.63
N THR A 11 4.64 -12.45 -1.09
CA THR A 11 5.87 -11.80 -0.62
C THR A 11 6.79 -11.48 -1.83
N ARG A 12 6.74 -10.21 -2.27
CA ARG A 12 7.49 -9.74 -3.45
C ARG A 12 7.77 -8.23 -3.37
N GLU A 13 8.51 -7.73 -4.35
CA GLU A 13 8.76 -6.30 -4.54
C GLU A 13 7.59 -5.65 -5.30
N GLY A 14 7.49 -4.33 -5.19
CA GLY A 14 6.54 -3.55 -5.95
C GLY A 14 6.80 -2.07 -5.81
N ARG A 15 6.08 -1.23 -6.56
CA ARG A 15 6.19 0.23 -6.46
C ARG A 15 5.26 0.73 -5.35
N GLY A 16 5.55 1.92 -4.81
CA GLY A 16 4.70 2.57 -3.80
C GLY A 16 4.78 4.07 -3.91
N THR A 17 3.64 4.76 -3.95
CA THR A 17 3.58 6.25 -3.96
C THR A 17 2.96 6.79 -2.66
N TRP A 18 3.14 8.10 -2.37
CA TRP A 18 2.40 8.78 -1.27
C TRP A 18 1.23 9.59 -1.84
N TYR A 19 0.11 9.66 -1.09
CA TYR A 19 -1.04 10.53 -1.45
C TYR A 19 -1.49 11.39 -0.25
N ASP A 20 -2.39 12.36 -0.50
CA ASP A 20 -2.96 13.22 0.55
C ASP A 20 -4.14 12.50 1.21
N THR A 21 -3.87 11.90 2.37
CA THR A 21 -4.82 11.06 3.12
C THR A 21 -5.75 11.92 4.01
N GLY A 22 -7.03 11.49 4.14
CA GLY A 22 -8.03 12.21 4.96
C GLY A 22 -9.18 11.29 5.38
N LEU A 23 -9.66 10.47 4.43
CA LEU A 23 -10.71 9.45 4.66
C LEU A 23 -10.42 8.24 3.76
N GLY A 24 -10.24 7.06 4.39
CA GLY A 24 -9.93 5.82 3.65
C GLY A 24 -11.05 5.42 2.68
N ALA A 25 -10.66 4.94 1.48
CA ALA A 25 -11.61 4.48 0.44
C ALA A 25 -12.34 3.20 0.90
N CYS A 26 -11.71 2.46 1.81
CA CYS A 26 -12.34 1.30 2.47
C CYS A 26 -12.74 1.73 3.90
N GLY A 27 -13.44 0.85 4.64
CA GLY A 27 -14.05 1.20 5.95
C GLY A 27 -13.03 1.66 7.01
N TRP A 28 -12.64 2.95 6.94
CA TRP A 28 -11.54 3.53 7.72
C TRP A 28 -11.55 5.07 7.56
N ASN A 29 -10.99 5.78 8.55
CA ASN A 29 -10.81 7.24 8.52
C ASN A 29 -9.40 7.56 9.06
N ASN A 30 -8.51 8.06 8.20
CA ASN A 30 -7.09 8.32 8.54
C ASN A 30 -6.63 9.61 7.87
N VAL A 31 -5.89 10.45 8.59
CA VAL A 31 -5.31 11.70 8.05
C VAL A 31 -3.92 11.43 7.42
N ASN A 32 -3.32 12.50 6.87
CA ASN A 32 -2.03 12.46 6.13
C ASN A 32 -0.87 11.89 6.99
N SER A 33 -0.92 12.19 8.31
CA SER A 33 0.13 11.82 9.28
C SER A 33 0.13 10.31 9.62
N ASP A 34 -1.02 9.63 9.42
CA ASP A 34 -1.17 8.18 9.73
C ASP A 34 -0.28 7.29 8.85
N THR A 35 -0.27 5.99 9.17
CA THR A 35 0.49 4.97 8.44
C THR A 35 -0.48 3.90 7.91
N VAL A 36 -1.16 4.22 6.81
CA VAL A 36 -2.07 3.29 6.11
C VAL A 36 -1.75 3.24 4.61
N ILE A 37 -2.27 2.22 3.91
CA ILE A 37 -1.96 1.95 2.49
C ILE A 37 -3.25 2.03 1.62
N ALA A 38 -3.04 2.47 0.36
CA ALA A 38 -4.03 2.45 -0.71
C ALA A 38 -3.64 1.38 -1.74
N LEU A 39 -4.44 0.30 -1.81
CA LEU A 39 -4.14 -0.89 -2.67
C LEU A 39 -4.97 -0.83 -3.96
N SER A 40 -4.62 -1.68 -4.96
CA SER A 40 -5.44 -1.91 -6.17
C SER A 40 -6.93 -2.16 -5.78
N PRO A 41 -7.91 -1.60 -6.56
CA PRO A 41 -9.35 -1.50 -6.15
C PRO A 41 -9.98 -2.88 -5.82
N SER A 42 -11.00 -2.85 -4.93
CA SER A 42 -11.67 -4.05 -4.40
C SER A 42 -12.37 -4.86 -5.50
N VAL A 43 -12.73 -4.20 -6.61
CA VAL A 43 -13.31 -4.87 -7.79
C VAL A 43 -12.27 -5.79 -8.48
N TYR A 44 -10.98 -5.40 -8.39
CA TYR A 44 -9.86 -6.15 -8.97
C TYR A 44 -9.34 -7.18 -7.96
N SER A 45 -9.36 -6.79 -6.67
CA SER A 45 -8.78 -7.57 -5.58
C SER A 45 -9.79 -8.53 -4.91
N GLY A 46 -11.07 -8.42 -5.29
CA GLY A 46 -12.16 -9.14 -4.62
C GLY A 46 -12.45 -8.60 -3.21
N GLY A 47 -11.85 -7.43 -2.89
CA GLY A 47 -11.93 -6.83 -1.55
C GLY A 47 -10.99 -7.46 -0.54
N SER A 48 -10.23 -8.49 -0.96
CA SER A 48 -9.36 -9.29 -0.08
C SER A 48 -8.11 -8.51 0.38
N HIS A 49 -7.85 -7.38 -0.28
CA HIS A 49 -6.65 -6.56 -0.03
C HIS A 49 -6.89 -5.45 0.99
N CYS A 50 -8.16 -5.22 1.40
CA CYS A 50 -8.49 -4.21 2.43
C CYS A 50 -8.45 -4.83 3.83
N GLY A 51 -8.09 -4.01 4.84
CA GLY A 51 -8.03 -4.43 6.24
C GLY A 51 -6.78 -5.24 6.57
N GLN A 52 -5.82 -5.27 5.63
CA GLN A 52 -4.61 -6.12 5.73
C GLN A 52 -3.41 -5.26 6.12
N THR A 53 -2.80 -5.53 7.28
CA THR A 53 -1.65 -4.77 7.76
C THR A 53 -0.35 -5.29 7.09
N VAL A 54 0.15 -4.53 6.11
CA VAL A 54 1.25 -4.94 5.21
C VAL A 54 2.55 -4.24 5.59
N THR A 55 3.62 -5.02 5.81
CA THR A 55 4.95 -4.48 6.12
C THR A 55 5.71 -4.24 4.80
N VAL A 56 5.88 -2.97 4.45
CA VAL A 56 6.58 -2.54 3.23
C VAL A 56 8.08 -2.31 3.54
N THR A 57 8.97 -2.82 2.67
CA THR A 57 10.44 -2.71 2.85
C THR A 57 11.11 -2.03 1.63
N ASN A 58 11.44 -0.74 1.75
CA ASN A 58 12.08 0.03 0.67
C ASN A 58 13.43 -0.62 0.28
N VAL A 59 13.49 -1.10 -0.97
CA VAL A 59 14.62 -1.90 -1.48
C VAL A 59 15.92 -1.07 -1.67
N VAL A 60 15.81 0.28 -1.59
CA VAL A 60 16.94 1.21 -1.79
C VAL A 60 17.66 1.49 -0.44
N THR A 61 16.91 2.08 0.51
CA THR A 61 17.47 2.54 1.81
C THR A 61 17.33 1.46 2.91
N GLY A 62 16.60 0.36 2.59
CA GLY A 62 16.45 -0.77 3.51
C GLY A 62 15.47 -0.52 4.65
N ALA A 63 14.68 0.56 4.54
CA ALA A 63 13.68 0.93 5.57
C ALA A 63 12.50 -0.06 5.53
N LYS A 64 12.03 -0.50 6.71
CA LYS A 64 10.99 -1.53 6.81
C LYS A 64 9.94 -1.13 7.87
N ALA A 65 8.73 -0.79 7.40
CA ALA A 65 7.65 -0.26 8.27
C ALA A 65 6.30 -0.84 7.83
N THR A 66 5.36 -0.97 8.79
CA THR A 66 4.05 -1.57 8.56
C THR A 66 2.94 -0.48 8.43
N GLY A 67 2.05 -0.68 7.45
CA GLY A 67 0.87 0.16 7.26
C GLY A 67 -0.34 -0.70 6.90
N THR A 68 -1.49 -0.47 7.55
CA THR A 68 -2.72 -1.22 7.27
C THR A 68 -3.43 -0.64 6.04
N VAL A 69 -3.84 -1.51 5.12
CA VAL A 69 -4.57 -1.08 3.91
C VAL A 69 -5.97 -0.59 4.30
N ALA A 70 -6.17 0.71 4.14
CA ALA A 70 -7.40 1.42 4.53
C ALA A 70 -8.06 2.08 3.32
N ASP A 71 -7.29 2.18 2.22
CA ASP A 71 -7.70 2.95 1.04
C ASP A 71 -7.50 2.11 -0.24
N GLU A 72 -8.03 2.63 -1.36
CA GLU A 72 -8.01 1.97 -2.69
C GLU A 72 -7.42 2.95 -3.71
N CYS A 73 -6.87 2.41 -4.80
CA CYS A 73 -6.17 3.20 -5.80
C CYS A 73 -6.44 2.60 -7.20
N PRO A 74 -7.48 3.12 -7.93
CA PRO A 74 -7.82 2.68 -9.32
C PRO A 74 -6.66 2.85 -10.32
N GLY A 75 -5.80 3.84 -10.08
CA GLY A 75 -4.62 4.09 -10.92
C GLY A 75 -3.45 3.17 -10.61
N CYS A 76 -3.51 2.51 -9.44
CA CYS A 76 -2.45 1.60 -8.95
C CYS A 76 -2.64 0.17 -9.49
N GLY A 77 -1.51 -0.51 -9.74
CA GLY A 77 -1.47 -1.85 -10.34
C GLY A 77 -1.28 -2.98 -9.33
N PRO A 78 -1.28 -4.27 -9.79
CA PRO A 78 -1.15 -5.46 -8.89
C PRO A 78 0.20 -5.52 -8.14
N ASN A 79 1.24 -4.88 -8.72
CA ASN A 79 2.57 -4.77 -8.11
C ASN A 79 2.95 -3.28 -7.98
N ASP A 80 1.94 -2.40 -7.90
CA ASP A 80 2.12 -0.94 -7.81
C ASP A 80 1.06 -0.39 -6.86
N ILE A 81 1.48 0.17 -5.72
CA ILE A 81 0.56 0.65 -4.67
C ILE A 81 0.78 2.12 -4.35
N ASP A 82 -0.11 2.63 -3.52
CA ASP A 82 -0.10 3.98 -3.00
C ASP A 82 -0.17 3.88 -1.46
N MET A 83 0.21 4.93 -0.73
CA MET A 83 0.24 4.90 0.75
C MET A 83 0.28 6.32 1.33
N THR A 84 0.14 6.41 2.65
CA THR A 84 0.28 7.66 3.40
C THR A 84 1.71 8.23 3.30
N PRO A 85 1.85 9.59 3.35
CA PRO A 85 3.16 10.25 3.49
C PRO A 85 3.80 9.94 4.85
N GLY A 86 2.94 9.71 5.88
CA GLY A 86 3.40 9.29 7.20
C GLY A 86 4.21 8.00 7.16
N LEU A 87 3.79 7.06 6.30
CA LEU A 87 4.50 5.79 6.06
C LEU A 87 5.69 6.02 5.09
N PHE A 88 5.40 6.72 3.99
CA PHE A 88 6.33 6.89 2.87
C PHE A 88 7.61 7.68 3.27
N GLN A 89 7.48 8.59 4.25
CA GLN A 89 8.61 9.39 4.77
C GLN A 89 9.56 8.52 5.62
N GLN A 90 9.01 7.44 6.18
CA GLN A 90 9.79 6.44 6.92
C GLN A 90 10.46 5.49 5.93
N LEU A 91 9.73 5.15 4.84
CA LEU A 91 10.27 4.32 3.74
C LEU A 91 11.31 5.07 2.89
N GLY A 92 11.27 6.41 2.88
CA GLY A 92 12.25 7.22 2.13
C GLY A 92 11.78 8.64 1.96
N SER A 93 12.34 9.34 0.98
CA SER A 93 12.04 10.77 0.72
C SER A 93 10.66 10.92 0.03
N LEU A 94 9.82 11.86 0.54
CA LEU A 94 8.53 12.22 -0.08
C LEU A 94 8.76 12.85 -1.47
N ASP A 95 9.93 13.51 -1.62
CA ASP A 95 10.37 14.18 -2.87
C ASP A 95 10.41 13.19 -4.06
N GLU A 96 10.66 11.90 -3.76
CA GLU A 96 10.73 10.83 -4.77
C GLU A 96 9.40 10.67 -5.52
N GLY A 97 8.29 10.73 -4.77
CA GLY A 97 6.96 10.46 -5.31
C GLY A 97 6.65 8.97 -5.31
N VAL A 98 7.50 8.19 -6.00
CA VAL A 98 7.42 6.72 -6.05
C VAL A 98 8.72 6.08 -5.54
N LEU A 99 8.59 4.93 -4.87
CA LEU A 99 9.69 4.13 -4.31
C LEU A 99 9.32 2.64 -4.39
N THR A 100 10.28 1.80 -4.78
CA THR A 100 10.09 0.35 -4.84
C THR A 100 10.21 -0.23 -3.41
N VAL A 101 9.08 -0.73 -2.89
CA VAL A 101 8.98 -1.36 -1.57
C VAL A 101 8.60 -2.84 -1.73
N SER A 102 9.11 -3.69 -0.83
CA SER A 102 8.83 -5.11 -0.81
C SER A 102 7.68 -5.34 0.16
N TRP A 103 6.54 -5.78 -0.37
CA TRP A 103 5.28 -5.88 0.37
C TRP A 103 4.60 -7.23 0.09
N THR A 104 3.76 -7.66 1.03
CA THR A 104 3.16 -9.00 1.04
C THR A 104 1.62 -8.92 1.13
N LEU A 105 0.94 -9.15 -0.01
CA LEU A 105 -0.53 -9.18 -0.09
C LEU A 105 -0.95 -9.78 -1.47
N GLY A 1 -6.14 -25.31 -13.63
CA GLY A 1 -7.38 -24.53 -13.53
C GLY A 1 -7.35 -23.28 -14.38
N HIS A 2 -8.04 -22.22 -13.90
CA HIS A 2 -8.18 -20.92 -14.61
C HIS A 2 -8.58 -19.81 -13.60
N ALA A 3 -8.55 -20.11 -12.29
CA ALA A 3 -8.88 -19.14 -11.22
C ALA A 3 -7.62 -18.35 -10.77
N PRO A 4 -7.76 -17.02 -10.40
CA PRO A 4 -6.62 -16.21 -9.90
C PRO A 4 -6.15 -16.70 -8.51
N ALA A 5 -5.11 -17.55 -8.51
CA ALA A 5 -4.53 -18.14 -7.29
C ALA A 5 -3.75 -17.09 -6.49
N GLU A 6 -4.47 -16.40 -5.58
CA GLU A 6 -3.89 -15.40 -4.65
C GLU A 6 -3.40 -16.11 -3.36
N LYS A 7 -2.47 -15.48 -2.62
CA LYS A 7 -1.93 -16.02 -1.36
C LYS A 7 -2.21 -15.04 -0.22
N ARG A 8 -2.30 -15.57 1.02
CA ARG A 8 -2.56 -14.80 2.26
C ARG A 8 -1.56 -13.62 2.42
N SER A 9 -0.28 -13.87 2.11
CA SER A 9 0.79 -12.88 2.15
C SER A 9 1.82 -13.23 1.07
N THR A 10 1.66 -12.63 -0.10
CA THR A 10 2.55 -12.81 -1.26
C THR A 10 3.74 -11.84 -1.13
N THR A 11 4.89 -12.34 -0.64
CA THR A 11 6.12 -11.53 -0.53
C THR A 11 6.63 -11.20 -1.95
N ARG A 12 6.64 -9.89 -2.27
CA ARG A 12 6.93 -9.40 -3.61
C ARG A 12 7.47 -7.97 -3.54
N GLU A 13 8.30 -7.62 -4.53
CA GLU A 13 8.68 -6.23 -4.76
C GLU A 13 7.63 -5.56 -5.67
N GLY A 14 7.57 -4.25 -5.57
CA GLY A 14 6.71 -3.44 -6.38
C GLY A 14 6.99 -1.98 -6.16
N ARG A 15 6.08 -1.11 -6.59
CA ARG A 15 6.28 0.35 -6.50
C ARG A 15 5.41 0.91 -5.39
N GLY A 16 5.78 2.07 -4.85
CA GLY A 16 5.04 2.72 -3.76
C GLY A 16 5.04 4.23 -3.90
N THR A 17 3.89 4.80 -4.20
CA THR A 17 3.68 6.27 -4.24
C THR A 17 3.06 6.75 -2.92
N TRP A 18 3.10 8.07 -2.64
CA TRP A 18 2.36 8.66 -1.51
C TRP A 18 1.18 9.52 -2.00
N TYR A 19 0.06 9.52 -1.26
CA TYR A 19 -1.14 10.37 -1.54
C TYR A 19 -1.44 11.29 -0.34
N ASP A 20 -2.33 12.29 -0.56
CA ASP A 20 -2.86 13.15 0.52
C ASP A 20 -4.07 12.44 1.17
N THR A 21 -3.91 12.06 2.45
CA THR A 21 -4.84 11.20 3.19
C THR A 21 -5.97 12.00 3.86
N GLY A 22 -7.15 11.37 4.01
CA GLY A 22 -8.32 12.00 4.64
C GLY A 22 -9.35 10.95 5.04
N LEU A 23 -10.11 10.43 4.05
CA LEU A 23 -11.11 9.37 4.25
C LEU A 23 -10.71 8.14 3.42
N GLY A 24 -10.60 6.98 4.10
CA GLY A 24 -10.26 5.72 3.46
C GLY A 24 -11.35 5.21 2.51
N ALA A 25 -10.93 4.50 1.44
CA ALA A 25 -11.86 3.82 0.49
C ALA A 25 -12.65 2.69 1.21
N CYS A 26 -12.00 2.14 2.24
CA CYS A 26 -12.57 1.13 3.14
C CYS A 26 -12.93 1.80 4.48
N GLY A 27 -13.50 1.03 5.44
CA GLY A 27 -13.96 1.55 6.73
C GLY A 27 -12.85 2.13 7.63
N TRP A 28 -12.36 3.32 7.26
CA TRP A 28 -11.26 4.03 7.92
C TRP A 28 -11.34 5.52 7.58
N ASN A 29 -10.84 6.35 8.51
CA ASN A 29 -10.58 7.77 8.28
C ASN A 29 -9.22 8.06 8.93
N ASN A 30 -8.26 8.53 8.14
CA ASN A 30 -6.88 8.68 8.58
C ASN A 30 -6.34 10.05 8.18
N VAL A 31 -5.53 10.65 9.06
CA VAL A 31 -4.82 11.88 8.76
C VAL A 31 -3.53 11.54 7.99
N ASN A 32 -2.92 12.58 7.41
CA ASN A 32 -1.69 12.44 6.59
C ASN A 32 -0.51 11.87 7.40
N SER A 33 -0.54 12.08 8.73
CA SER A 33 0.48 11.62 9.67
C SER A 33 0.44 10.08 9.88
N ASP A 34 -0.75 9.46 9.67
CA ASP A 34 -0.94 8.00 9.87
C ASP A 34 -0.16 7.16 8.86
N THR A 35 -0.16 5.82 9.08
CA THR A 35 0.54 4.84 8.24
C THR A 35 -0.46 3.80 7.69
N VAL A 36 -1.26 4.20 6.70
CA VAL A 36 -2.17 3.28 5.97
C VAL A 36 -1.83 3.25 4.47
N ILE A 37 -2.31 2.19 3.80
CA ILE A 37 -1.92 1.86 2.42
C ILE A 37 -3.16 1.89 1.49
N ALA A 38 -2.89 2.10 0.20
CA ALA A 38 -3.85 2.13 -0.89
C ALA A 38 -3.46 1.08 -1.94
N LEU A 39 -4.31 0.05 -2.12
CA LEU A 39 -4.02 -1.12 -3.00
C LEU A 39 -4.77 -1.04 -4.34
N SER A 40 -4.37 -1.91 -5.30
CA SER A 40 -5.09 -2.14 -6.57
C SER A 40 -6.62 -2.34 -6.33
N PRO A 41 -7.52 -1.80 -7.23
CA PRO A 41 -8.98 -1.58 -6.96
C PRO A 41 -9.64 -2.73 -6.15
N SER A 42 -10.09 -2.40 -4.93
CA SER A 42 -10.53 -3.39 -3.91
C SER A 42 -11.66 -4.31 -4.43
N VAL A 43 -12.51 -3.76 -5.31
CA VAL A 43 -13.58 -4.52 -6.00
C VAL A 43 -12.95 -5.62 -6.89
N TYR A 44 -11.86 -5.25 -7.60
CA TYR A 44 -11.14 -6.15 -8.52
C TYR A 44 -10.38 -7.23 -7.73
N SER A 45 -9.87 -6.82 -6.56
CA SER A 45 -9.09 -7.68 -5.66
C SER A 45 -10.02 -8.49 -4.71
N GLY A 46 -11.36 -8.28 -4.81
CA GLY A 46 -12.34 -9.00 -3.98
C GLY A 46 -12.44 -8.46 -2.55
N GLY A 47 -11.63 -7.43 -2.22
CA GLY A 47 -11.60 -6.82 -0.89
C GLY A 47 -10.49 -7.36 -0.01
N SER A 48 -9.86 -8.47 -0.45
CA SER A 48 -8.84 -9.20 0.34
C SER A 48 -7.52 -8.43 0.46
N HIS A 49 -7.23 -7.52 -0.50
CA HIS A 49 -6.04 -6.65 -0.44
C HIS A 49 -6.29 -5.38 0.38
N CYS A 50 -7.54 -5.14 0.82
CA CYS A 50 -7.86 -4.06 1.78
C CYS A 50 -8.25 -4.69 3.13
N GLY A 51 -8.05 -3.93 4.22
CA GLY A 51 -8.36 -4.42 5.58
C GLY A 51 -7.17 -5.06 6.29
N GLN A 52 -6.21 -5.59 5.50
CA GLN A 52 -5.09 -6.39 6.01
C GLN A 52 -3.87 -5.50 6.27
N THR A 53 -3.06 -5.84 7.29
CA THR A 53 -1.85 -5.09 7.64
C THR A 53 -0.64 -5.67 6.86
N VAL A 54 -0.10 -4.84 5.95
CA VAL A 54 1.01 -5.21 5.05
C VAL A 54 2.33 -4.62 5.55
N THR A 55 3.37 -5.46 5.58
CA THR A 55 4.73 -5.04 5.85
C THR A 55 5.40 -4.58 4.53
N VAL A 56 5.62 -3.26 4.42
CA VAL A 56 6.29 -2.63 3.26
C VAL A 56 7.77 -2.38 3.63
N THR A 57 8.70 -2.70 2.72
CA THR A 57 10.14 -2.51 2.95
C THR A 57 10.80 -1.88 1.71
N ASN A 58 11.09 -0.58 1.78
CA ASN A 58 11.68 0.17 0.65
C ASN A 58 13.07 -0.38 0.36
N VAL A 59 13.21 -1.04 -0.80
CA VAL A 59 14.41 -1.81 -1.17
C VAL A 59 15.62 -0.89 -1.45
N VAL A 60 15.33 0.41 -1.67
CA VAL A 60 16.34 1.44 -1.99
C VAL A 60 17.27 1.69 -0.79
N THR A 61 16.68 2.12 0.34
CA THR A 61 17.42 2.44 1.58
C THR A 61 17.42 1.25 2.57
N GLY A 62 16.46 0.33 2.39
CA GLY A 62 16.29 -0.84 3.28
C GLY A 62 15.48 -0.51 4.55
N ALA A 63 14.50 0.42 4.42
CA ALA A 63 13.62 0.81 5.55
C ALA A 63 12.37 -0.09 5.56
N LYS A 64 12.02 -0.62 6.75
CA LYS A 64 10.92 -1.58 6.95
C LYS A 64 9.86 -0.99 7.92
N ALA A 65 8.60 -1.00 7.47
CA ALA A 65 7.44 -0.54 8.25
C ALA A 65 6.19 -1.38 7.89
N THR A 66 5.15 -1.31 8.73
CA THR A 66 3.92 -2.10 8.57
C THR A 66 2.68 -1.22 8.79
N GLY A 67 1.74 -1.26 7.84
CA GLY A 67 0.51 -0.45 7.91
C GLY A 67 -0.69 -1.18 7.31
N THR A 68 -1.90 -0.85 7.81
CA THR A 68 -3.15 -1.45 7.31
C THR A 68 -3.58 -0.78 6.00
N VAL A 69 -4.11 -1.57 5.08
CA VAL A 69 -4.64 -1.04 3.80
C VAL A 69 -6.04 -0.47 4.08
N ALA A 70 -6.16 0.86 3.94
CA ALA A 70 -7.41 1.59 4.22
C ALA A 70 -8.03 2.13 2.93
N ASP A 71 -7.23 2.18 1.85
CA ASP A 71 -7.64 2.79 0.58
C ASP A 71 -7.36 1.86 -0.60
N GLU A 72 -7.83 2.30 -1.77
CA GLU A 72 -7.55 1.66 -3.05
C GLU A 72 -7.06 2.71 -4.05
N CYS A 73 -6.68 2.24 -5.24
CA CYS A 73 -6.21 3.08 -6.34
C CYS A 73 -6.44 2.35 -7.68
N PRO A 74 -7.56 2.68 -8.41
CA PRO A 74 -7.84 2.16 -9.78
C PRO A 74 -6.67 2.34 -10.78
N GLY A 75 -5.90 3.43 -10.61
CA GLY A 75 -4.76 3.77 -11.48
C GLY A 75 -3.43 3.26 -10.95
N CYS A 76 -3.45 2.32 -9.99
CA CYS A 76 -2.25 1.69 -9.41
C CYS A 76 -2.30 0.17 -9.65
N GLY A 77 -1.27 -0.35 -10.36
CA GLY A 77 -1.22 -1.75 -10.83
C GLY A 77 -1.03 -2.79 -9.71
N PRO A 78 -1.27 -4.11 -9.99
CA PRO A 78 -1.14 -5.20 -8.97
C PRO A 78 0.19 -5.23 -8.14
N ASN A 79 1.32 -4.70 -8.68
CA ASN A 79 2.61 -4.56 -7.90
C ASN A 79 2.84 -3.08 -7.47
N ASP A 80 2.11 -2.17 -8.11
CA ASP A 80 2.23 -0.74 -7.91
C ASP A 80 1.18 -0.28 -6.89
N ILE A 81 1.65 0.08 -5.70
CA ILE A 81 0.78 0.50 -4.59
C ILE A 81 1.00 1.98 -4.28
N ASP A 82 0.12 2.50 -3.45
CA ASP A 82 0.10 3.88 -3.00
C ASP A 82 0.02 3.84 -1.46
N MET A 83 0.54 4.87 -0.77
CA MET A 83 0.70 4.85 0.72
C MET A 83 0.53 6.27 1.28
N THR A 84 0.25 6.38 2.59
CA THR A 84 0.19 7.68 3.29
C THR A 84 1.56 8.43 3.27
N PRO A 85 1.56 9.79 3.42
CA PRO A 85 2.81 10.57 3.50
C PRO A 85 3.62 10.16 4.75
N GLY A 86 2.87 10.00 5.87
CA GLY A 86 3.44 9.59 7.15
C GLY A 86 4.21 8.28 7.08
N LEU A 87 3.70 7.34 6.26
CA LEU A 87 4.35 6.04 6.03
C LEU A 87 5.56 6.22 5.08
N PHE A 88 5.32 6.85 3.92
CA PHE A 88 6.29 6.91 2.81
C PHE A 88 7.57 7.70 3.16
N GLN A 89 7.45 8.71 4.03
CA GLN A 89 8.61 9.49 4.53
C GLN A 89 9.50 8.63 5.47
N GLN A 90 8.87 7.68 6.19
CA GLN A 90 9.60 6.72 7.05
C GLN A 90 10.26 5.63 6.18
N LEU A 91 9.58 5.26 5.07
CA LEU A 91 10.13 4.33 4.06
C LEU A 91 11.29 4.98 3.27
N GLY A 92 11.25 6.31 3.08
CA GLY A 92 12.28 7.02 2.32
C GLY A 92 12.15 8.53 2.42
N SER A 93 11.61 9.15 1.36
CA SER A 93 11.37 10.61 1.28
C SER A 93 10.15 10.86 0.39
N LEU A 94 9.35 11.88 0.74
CA LEU A 94 8.16 12.27 -0.05
C LEU A 94 8.58 12.90 -1.39
N ASP A 95 9.80 13.48 -1.42
CA ASP A 95 10.34 14.16 -2.60
C ASP A 95 10.60 13.18 -3.77
N GLU A 96 10.75 11.88 -3.42
CA GLU A 96 10.93 10.80 -4.41
C GLU A 96 9.65 10.60 -5.24
N GLY A 97 8.49 10.74 -4.55
CA GLY A 97 7.17 10.51 -5.16
C GLY A 97 6.81 9.03 -5.18
N VAL A 98 7.64 8.25 -5.91
CA VAL A 98 7.56 6.79 -5.98
C VAL A 98 8.91 6.16 -5.56
N LEU A 99 8.85 5.07 -4.79
CA LEU A 99 10.01 4.23 -4.42
C LEU A 99 9.63 2.76 -4.61
N THR A 100 10.60 1.91 -5.00
CA THR A 100 10.38 0.46 -5.11
C THR A 100 10.38 -0.15 -3.69
N VAL A 101 9.20 -0.64 -3.27
CA VAL A 101 8.99 -1.21 -1.93
C VAL A 101 8.64 -2.71 -2.07
N SER A 102 9.08 -3.50 -1.09
CA SER A 102 8.81 -4.93 -1.02
C SER A 102 7.70 -5.13 0.01
N TRP A 103 6.51 -5.50 -0.48
CA TRP A 103 5.30 -5.60 0.34
C TRP A 103 4.74 -7.02 0.22
N THR A 104 3.94 -7.43 1.21
CA THR A 104 3.43 -8.81 1.29
C THR A 104 1.90 -8.86 1.50
N LEU A 105 1.22 -9.32 0.44
CA LEU A 105 -0.24 -9.60 0.39
C LEU A 105 -0.53 -10.20 -1.00
N GLY A 1 -12.92 -29.49 0.32
CA GLY A 1 -12.72 -29.92 -1.07
C GLY A 1 -11.32 -29.62 -1.57
N HIS A 2 -11.05 -30.01 -2.84
CA HIS A 2 -9.75 -29.77 -3.50
C HIS A 2 -9.62 -28.29 -3.86
N ALA A 3 -9.14 -27.48 -2.90
CA ALA A 3 -9.02 -26.03 -3.03
C ALA A 3 -7.65 -25.56 -2.52
N PRO A 4 -7.06 -24.47 -3.11
CA PRO A 4 -5.91 -23.76 -2.51
C PRO A 4 -6.28 -23.13 -1.15
N ALA A 5 -6.17 -23.94 -0.09
CA ALA A 5 -6.47 -23.53 1.30
C ALA A 5 -5.24 -22.81 1.90
N GLU A 6 -5.01 -21.59 1.41
CA GLU A 6 -3.82 -20.80 1.72
C GLU A 6 -4.12 -19.31 1.51
N LYS A 7 -3.60 -18.44 2.40
CA LYS A 7 -3.68 -16.99 2.22
C LYS A 7 -2.76 -16.56 1.06
N ARG A 8 -1.64 -17.32 0.90
CA ARG A 8 -0.61 -17.08 -0.11
C ARG A 8 -0.05 -15.63 0.01
N SER A 9 0.65 -15.38 1.13
CA SER A 9 1.27 -14.09 1.42
C SER A 9 2.46 -13.86 0.48
N THR A 10 2.34 -12.91 -0.47
CA THR A 10 3.30 -12.75 -1.55
C THR A 10 4.38 -11.73 -1.18
N THR A 11 5.56 -12.25 -0.76
CA THR A 11 6.76 -11.43 -0.58
C THR A 11 7.27 -11.05 -1.98
N ARG A 12 7.07 -9.79 -2.37
CA ARG A 12 7.41 -9.32 -3.72
C ARG A 12 7.64 -7.81 -3.69
N GLU A 13 8.44 -7.31 -4.62
CA GLU A 13 8.68 -5.87 -4.79
C GLU A 13 7.64 -5.25 -5.72
N GLY A 14 7.47 -3.93 -5.60
CA GLY A 14 6.52 -3.16 -6.40
C GLY A 14 6.79 -1.68 -6.27
N ARG A 15 6.08 -0.88 -7.07
CA ARG A 15 6.27 0.59 -7.12
C ARG A 15 5.30 1.25 -6.13
N GLY A 16 5.83 1.83 -5.04
CA GLY A 16 5.02 2.43 -3.98
C GLY A 16 5.01 3.96 -4.06
N THR A 17 3.82 4.55 -4.25
CA THR A 17 3.61 6.02 -4.28
C THR A 17 2.99 6.52 -2.96
N TRP A 18 3.01 7.85 -2.70
CA TRP A 18 2.31 8.43 -1.52
C TRP A 18 1.11 9.31 -1.94
N TYR A 19 -0.02 9.20 -1.23
CA TYR A 19 -1.22 10.07 -1.40
C TYR A 19 -1.44 10.92 -0.16
N ASP A 20 -2.28 11.97 -0.28
CA ASP A 20 -2.70 12.81 0.85
C ASP A 20 -3.92 12.15 1.51
N THR A 21 -3.74 11.78 2.77
CA THR A 21 -4.69 10.98 3.55
C THR A 21 -5.88 11.82 4.07
N GLY A 22 -7.04 11.17 4.20
CA GLY A 22 -8.26 11.80 4.69
C GLY A 22 -9.32 10.73 5.00
N LEU A 23 -10.39 10.67 4.20
CA LEU A 23 -11.43 9.64 4.34
C LEU A 23 -11.08 8.45 3.43
N GLY A 24 -10.79 7.29 4.05
CA GLY A 24 -10.38 6.08 3.33
C GLY A 24 -11.39 5.60 2.29
N ALA A 25 -10.90 4.90 1.25
CA ALA A 25 -11.77 4.25 0.23
C ALA A 25 -12.50 3.03 0.83
N CYS A 26 -12.00 2.57 1.98
CA CYS A 26 -12.68 1.63 2.87
C CYS A 26 -13.22 2.43 4.07
N GLY A 27 -13.92 1.76 5.00
CA GLY A 27 -14.52 2.43 6.16
C GLY A 27 -13.49 2.86 7.22
N TRP A 28 -12.72 3.92 6.91
CA TRP A 28 -11.70 4.51 7.80
C TRP A 28 -11.63 6.03 7.56
N ASN A 29 -11.09 6.75 8.56
CA ASN A 29 -10.81 8.20 8.47
C ASN A 29 -9.53 8.50 9.25
N ASN A 30 -8.46 8.88 8.55
CA ASN A 30 -7.13 9.13 9.12
C ASN A 30 -6.48 10.40 8.52
N VAL A 31 -5.42 10.89 9.17
CA VAL A 31 -4.65 12.07 8.71
C VAL A 31 -3.31 11.61 8.08
N ASN A 32 -2.53 12.59 7.56
CA ASN A 32 -1.23 12.34 6.89
C ASN A 32 -0.19 11.70 7.84
N SER A 33 -0.32 12.01 9.14
CA SER A 33 0.59 11.49 10.19
C SER A 33 0.34 9.99 10.45
N ASP A 34 -0.87 9.50 10.08
CA ASP A 34 -1.21 8.08 10.17
C ASP A 34 -0.53 7.29 9.07
N THR A 35 -0.39 5.96 9.31
CA THR A 35 0.34 5.05 8.44
C THR A 35 -0.59 3.94 7.91
N VAL A 36 -1.48 4.33 6.99
CA VAL A 36 -2.36 3.38 6.26
C VAL A 36 -1.94 3.33 4.76
N ILE A 37 -2.58 2.45 3.99
CA ILE A 37 -2.16 2.10 2.62
C ILE A 37 -3.37 2.14 1.66
N ALA A 38 -3.07 2.50 0.40
CA ALA A 38 -3.99 2.41 -0.74
C ALA A 38 -3.54 1.30 -1.69
N LEU A 39 -4.31 0.20 -1.75
CA LEU A 39 -3.99 -0.97 -2.62
C LEU A 39 -4.88 -0.95 -3.85
N SER A 40 -4.58 -1.77 -4.87
CA SER A 40 -5.43 -1.93 -6.08
C SER A 40 -6.91 -2.21 -5.67
N PRO A 41 -7.93 -1.60 -6.38
CA PRO A 41 -9.34 -1.54 -5.90
C PRO A 41 -9.92 -2.90 -5.48
N SER A 42 -10.80 -2.89 -4.47
CA SER A 42 -11.38 -4.10 -3.84
C SER A 42 -12.21 -4.95 -4.83
N VAL A 43 -12.66 -4.36 -5.94
CA VAL A 43 -13.29 -5.11 -7.04
C VAL A 43 -12.24 -5.98 -7.77
N TYR A 44 -11.02 -5.43 -7.93
CA TYR A 44 -9.91 -6.08 -8.64
C TYR A 44 -9.21 -7.11 -7.72
N SER A 45 -9.13 -6.77 -6.43
CA SER A 45 -8.43 -7.60 -5.41
C SER A 45 -9.38 -8.66 -4.80
N GLY A 46 -10.69 -8.58 -5.12
CA GLY A 46 -11.71 -9.45 -4.50
C GLY A 46 -12.07 -9.01 -3.07
N GLY A 47 -11.55 -7.83 -2.65
CA GLY A 47 -11.70 -7.35 -1.28
C GLY A 47 -10.64 -7.93 -0.34
N SER A 48 -9.62 -8.59 -0.92
CA SER A 48 -8.59 -9.30 -0.17
C SER A 48 -7.66 -8.34 0.60
N HIS A 49 -7.27 -7.22 -0.03
CA HIS A 49 -6.27 -6.31 0.55
C HIS A 49 -6.93 -5.29 1.50
N CYS A 50 -8.12 -4.76 1.13
CA CYS A 50 -8.84 -3.76 1.94
C CYS A 50 -9.22 -4.31 3.31
N GLY A 51 -8.67 -3.71 4.38
CA GLY A 51 -8.97 -4.11 5.75
C GLY A 51 -7.77 -4.70 6.47
N GLN A 52 -6.85 -5.31 5.70
CA GLN A 52 -5.70 -6.05 6.24
C GLN A 52 -4.47 -5.13 6.38
N THR A 53 -3.33 -5.71 6.83
CA THR A 53 -2.05 -4.99 6.98
C THR A 53 -1.02 -5.53 5.99
N VAL A 54 -0.13 -4.63 5.52
CA VAL A 54 0.99 -4.95 4.64
C VAL A 54 2.29 -4.40 5.23
N THR A 55 3.34 -5.24 5.28
CA THR A 55 4.69 -4.83 5.62
C THR A 55 5.45 -4.51 4.32
N VAL A 56 5.73 -3.22 4.11
CA VAL A 56 6.43 -2.69 2.93
C VAL A 56 7.90 -2.39 3.29
N THR A 57 8.87 -2.88 2.48
CA THR A 57 10.31 -2.66 2.74
C THR A 57 11.00 -2.00 1.51
N ASN A 58 11.24 -0.68 1.60
CA ASN A 58 11.83 0.11 0.52
C ASN A 58 13.28 -0.32 0.28
N VAL A 59 13.50 -1.07 -0.81
CA VAL A 59 14.82 -1.63 -1.17
C VAL A 59 15.83 -0.54 -1.60
N VAL A 60 15.34 0.70 -1.80
CA VAL A 60 16.19 1.84 -2.22
C VAL A 60 17.13 2.28 -1.07
N THR A 61 16.60 2.32 0.16
CA THR A 61 17.40 2.70 1.36
C THR A 61 17.45 1.54 2.39
N GLY A 62 16.69 0.46 2.11
CA GLY A 62 16.61 -0.69 3.02
C GLY A 62 15.80 -0.42 4.29
N ALA A 63 14.76 0.44 4.18
CA ALA A 63 13.87 0.78 5.31
C ALA A 63 12.59 -0.06 5.26
N LYS A 64 12.13 -0.54 6.43
CA LYS A 64 10.98 -1.44 6.57
C LYS A 64 9.93 -0.76 7.48
N ALA A 65 8.68 -0.72 7.01
CA ALA A 65 7.54 -0.17 7.77
C ALA A 65 6.28 -0.99 7.46
N THR A 66 5.25 -0.87 8.31
CA THR A 66 4.01 -1.66 8.20
C THR A 66 2.79 -0.73 8.36
N GLY A 67 1.81 -0.89 7.46
CA GLY A 67 0.58 -0.08 7.49
C GLY A 67 -0.63 -0.90 7.08
N THR A 68 -1.84 -0.47 7.46
CA THR A 68 -3.09 -1.18 7.10
C THR A 68 -3.72 -0.56 5.84
N VAL A 69 -4.12 -1.43 4.89
CA VAL A 69 -4.85 -0.98 3.70
C VAL A 69 -6.23 -0.44 4.12
N ALA A 70 -6.39 0.88 4.04
CA ALA A 70 -7.62 1.59 4.39
C ALA A 70 -8.20 2.28 3.16
N ASP A 71 -7.39 2.30 2.08
CA ASP A 71 -7.71 2.98 0.83
C ASP A 71 -7.46 2.07 -0.37
N GLU A 72 -7.95 2.56 -1.51
CA GLU A 72 -7.84 1.89 -2.80
C GLU A 72 -7.22 2.88 -3.81
N CYS A 73 -6.59 2.35 -4.85
CA CYS A 73 -5.87 3.12 -5.85
C CYS A 73 -6.15 2.53 -7.26
N PRO A 74 -6.99 3.23 -8.10
CA PRO A 74 -7.41 2.73 -9.43
C PRO A 74 -6.23 2.44 -10.38
N GLY A 75 -5.34 3.44 -10.51
CA GLY A 75 -4.17 3.36 -11.39
C GLY A 75 -3.09 2.42 -10.87
N CYS A 76 -3.19 2.04 -9.59
CA CYS A 76 -2.30 1.05 -8.99
C CYS A 76 -2.69 -0.37 -9.42
N GLY A 77 -1.81 -0.99 -10.22
CA GLY A 77 -1.90 -2.41 -10.61
C GLY A 77 -1.38 -3.33 -9.51
N PRO A 78 -1.40 -4.68 -9.67
CA PRO A 78 -0.90 -5.64 -8.64
C PRO A 78 0.61 -5.44 -8.33
N ASN A 79 1.34 -4.79 -9.27
CA ASN A 79 2.79 -4.50 -9.14
C ASN A 79 3.04 -3.04 -8.69
N ASP A 80 1.96 -2.32 -8.37
CA ASP A 80 2.02 -0.90 -7.99
C ASP A 80 1.07 -0.66 -6.82
N ILE A 81 1.59 -0.10 -5.72
CA ILE A 81 0.78 0.24 -4.55
C ILE A 81 0.97 1.72 -4.21
N ASP A 82 0.10 2.22 -3.33
CA ASP A 82 0.06 3.62 -2.89
C ASP A 82 -0.03 3.62 -1.35
N MET A 83 0.53 4.63 -0.68
CA MET A 83 0.71 4.63 0.81
C MET A 83 0.56 6.05 1.37
N THR A 84 0.28 6.17 2.67
CA THR A 84 0.21 7.49 3.35
C THR A 84 1.57 8.23 3.33
N PRO A 85 1.60 9.59 3.55
CA PRO A 85 2.86 10.34 3.66
C PRO A 85 3.64 9.87 4.91
N GLY A 86 2.90 9.63 6.01
CA GLY A 86 3.47 9.16 7.27
C GLY A 86 4.22 7.84 7.14
N LEU A 87 3.65 6.92 6.36
CA LEU A 87 4.30 5.63 6.06
C LEU A 87 5.49 5.84 5.12
N PHE A 88 5.25 6.62 4.04
CA PHE A 88 6.23 6.84 2.96
C PHE A 88 7.49 7.58 3.47
N GLN A 89 7.34 8.34 4.57
CA GLN A 89 8.47 8.98 5.27
C GLN A 89 9.37 7.94 5.95
N GLN A 90 8.73 6.90 6.53
CA GLN A 90 9.44 5.78 7.18
C GLN A 90 10.08 4.87 6.11
N LEU A 91 9.48 4.81 4.91
CA LEU A 91 10.10 4.13 3.74
C LEU A 91 11.25 4.96 3.14
N GLY A 92 11.09 6.28 3.04
CA GLY A 92 12.06 7.15 2.36
C GLY A 92 11.62 8.60 2.31
N SER A 93 12.03 9.34 1.26
CA SER A 93 11.66 10.77 1.08
C SER A 93 10.36 10.91 0.27
N LEU A 94 9.49 11.87 0.67
CA LEU A 94 8.24 12.19 -0.05
C LEU A 94 8.51 12.73 -1.47
N ASP A 95 9.63 13.48 -1.61
CA ASP A 95 10.05 14.09 -2.90
C ASP A 95 10.40 13.06 -3.98
N GLU A 96 10.65 11.80 -3.55
CA GLU A 96 10.85 10.66 -4.47
C GLU A 96 9.58 10.40 -5.30
N GLY A 97 8.42 10.53 -4.63
CA GLY A 97 7.12 10.27 -5.24
C GLY A 97 6.81 8.78 -5.26
N VAL A 98 7.67 8.01 -5.93
CA VAL A 98 7.58 6.55 -6.00
C VAL A 98 8.93 5.91 -5.57
N LEU A 99 8.84 4.90 -4.68
CA LEU A 99 9.97 4.13 -4.16
C LEU A 99 9.70 2.63 -4.33
N THR A 100 10.74 1.86 -4.66
CA THR A 100 10.62 0.41 -4.86
C THR A 100 10.54 -0.28 -3.48
N VAL A 101 9.34 -0.76 -3.13
CA VAL A 101 9.07 -1.34 -1.81
C VAL A 101 8.73 -2.83 -1.96
N SER A 102 9.15 -3.62 -0.97
CA SER A 102 8.98 -5.06 -0.93
C SER A 102 7.86 -5.36 0.05
N TRP A 103 6.66 -5.59 -0.50
CA TRP A 103 5.43 -5.72 0.27
C TRP A 103 5.02 -7.20 0.36
N THR A 104 4.17 -7.54 1.34
CA THR A 104 3.69 -8.93 1.53
C THR A 104 2.21 -8.96 1.93
N LEU A 105 1.36 -9.46 1.00
CA LEU A 105 -0.04 -9.79 1.24
C LEU A 105 -0.56 -10.50 -0.03
N GLY A 1 0.66 -16.31 -18.09
CA GLY A 1 -0.27 -17.13 -17.29
C GLY A 1 -0.23 -16.81 -15.80
N HIS A 2 -0.74 -17.75 -14.98
CA HIS A 2 -0.80 -17.61 -13.51
C HIS A 2 -0.68 -19.01 -12.87
N ALA A 3 0.21 -19.13 -11.88
CA ALA A 3 0.42 -20.39 -11.12
C ALA A 3 -0.33 -20.34 -9.78
N PRO A 4 -0.82 -21.52 -9.25
CA PRO A 4 -1.41 -21.59 -7.88
C PRO A 4 -0.47 -21.09 -6.76
N ALA A 5 -1.03 -20.34 -5.80
CA ALA A 5 -0.29 -19.84 -4.64
C ALA A 5 -0.36 -20.86 -3.48
N GLU A 6 0.78 -21.46 -3.16
CA GLU A 6 0.94 -22.36 -1.99
C GLU A 6 0.85 -21.54 -0.69
N LYS A 7 1.28 -20.27 -0.80
CA LYS A 7 1.23 -19.27 0.28
C LYS A 7 0.54 -18.00 -0.26
N ARG A 8 -0.43 -17.48 0.51
CA ARG A 8 -1.24 -16.29 0.12
C ARG A 8 -0.74 -15.02 0.83
N SER A 9 0.46 -15.09 1.42
CA SER A 9 1.11 -13.98 2.11
C SER A 9 2.61 -14.02 1.83
N THR A 10 3.02 -13.49 0.66
CA THR A 10 4.38 -13.56 0.16
C THR A 10 4.83 -12.18 -0.38
N THR A 11 6.08 -11.82 -0.06
CA THR A 11 6.69 -10.57 -0.50
C THR A 11 7.03 -10.61 -2.01
N ARG A 12 6.80 -9.48 -2.68
CA ARG A 12 7.07 -9.32 -4.11
C ARG A 12 7.46 -7.86 -4.37
N GLU A 13 8.15 -7.62 -5.49
CA GLU A 13 8.65 -6.28 -5.83
C GLU A 13 7.53 -5.46 -6.46
N GLY A 14 7.42 -4.22 -5.99
CA GLY A 14 6.44 -3.28 -6.50
C GLY A 14 6.86 -1.85 -6.29
N ARG A 15 6.06 -0.92 -6.78
CA ARG A 15 6.27 0.53 -6.54
C ARG A 15 5.14 1.04 -5.63
N GLY A 16 5.42 2.15 -4.91
CA GLY A 16 4.44 2.76 -4.02
C GLY A 16 4.59 4.26 -3.98
N THR A 17 3.49 5.00 -4.16
CA THR A 17 3.47 6.48 -4.06
C THR A 17 2.85 6.94 -2.72
N TRP A 18 3.04 8.22 -2.35
CA TRP A 18 2.28 8.83 -1.22
C TRP A 18 1.15 9.72 -1.76
N TYR A 19 -0.01 9.70 -1.09
CA TYR A 19 -1.12 10.64 -1.37
C TYR A 19 -1.41 11.47 -0.12
N ASP A 20 -2.07 12.64 -0.29
CA ASP A 20 -2.45 13.50 0.84
C ASP A 20 -3.75 12.97 1.42
N THR A 21 -3.58 12.20 2.49
CA THR A 21 -4.61 11.32 3.04
C THR A 21 -5.70 12.11 3.78
N GLY A 22 -6.97 11.79 3.44
CA GLY A 22 -8.15 12.42 4.05
C GLY A 22 -9.26 11.38 4.28
N LEU A 23 -9.41 10.44 3.34
CA LEU A 23 -10.46 9.40 3.38
C LEU A 23 -9.91 8.06 2.82
N GLY A 24 -10.40 6.94 3.40
CA GLY A 24 -10.14 5.60 2.87
C GLY A 24 -11.30 5.10 2.01
N ALA A 25 -10.97 4.25 1.03
CA ALA A 25 -11.96 3.58 0.15
C ALA A 25 -12.85 2.60 0.93
N CYS A 26 -12.27 2.01 1.99
CA CYS A 26 -13.00 1.14 2.92
C CYS A 26 -13.25 1.93 4.22
N GLY A 27 -14.01 1.34 5.18
CA GLY A 27 -14.57 2.06 6.35
C GLY A 27 -13.55 2.69 7.30
N TRP A 28 -12.93 3.79 6.84
CA TRP A 28 -11.88 4.55 7.54
C TRP A 28 -11.83 5.97 6.95
N ASN A 29 -11.63 6.96 7.83
CA ASN A 29 -11.15 8.30 7.45
C ASN A 29 -9.83 8.51 8.18
N ASN A 30 -8.78 8.86 7.43
CA ASN A 30 -7.41 8.94 7.96
C ASN A 30 -6.79 10.26 7.54
N VAL A 31 -5.96 10.86 8.40
CA VAL A 31 -5.25 12.11 8.07
C VAL A 31 -3.88 11.79 7.44
N ASN A 32 -3.20 12.86 6.99
CA ASN A 32 -1.90 12.80 6.30
C ASN A 32 -0.80 12.13 7.18
N SER A 33 -0.95 12.26 8.53
CA SER A 33 0.02 11.74 9.52
C SER A 33 -0.15 10.22 9.81
N ASP A 34 -1.25 9.60 9.32
CA ASP A 34 -1.53 8.14 9.50
C ASP A 34 -0.50 7.26 8.78
N THR A 35 -0.58 5.95 9.00
CA THR A 35 0.31 4.95 8.40
C THR A 35 -0.50 3.84 7.67
N VAL A 36 -1.56 4.27 6.95
CA VAL A 36 -2.43 3.34 6.19
C VAL A 36 -2.06 3.33 4.69
N ILE A 37 -2.50 2.28 3.99
CA ILE A 37 -2.12 2.03 2.58
C ILE A 37 -3.35 2.07 1.65
N ALA A 38 -3.08 2.49 0.39
CA ALA A 38 -4.00 2.42 -0.74
C ALA A 38 -3.52 1.32 -1.72
N LEU A 39 -4.25 0.21 -1.82
CA LEU A 39 -3.80 -0.99 -2.57
C LEU A 39 -4.46 -1.02 -3.96
N SER A 40 -3.93 -1.89 -4.86
CA SER A 40 -4.53 -2.16 -6.19
C SER A 40 -6.06 -2.39 -6.10
N PRO A 41 -6.87 -1.90 -7.11
CA PRO A 41 -8.36 -1.70 -7.02
C PRO A 41 -9.10 -2.78 -6.22
N SER A 42 -9.89 -2.37 -5.22
CA SER A 42 -10.46 -3.26 -4.19
C SER A 42 -11.22 -4.47 -4.78
N VAL A 43 -12.09 -4.22 -5.80
CA VAL A 43 -12.87 -5.28 -6.47
C VAL A 43 -11.95 -6.27 -7.23
N TYR A 44 -10.78 -5.78 -7.66
CA TYR A 44 -9.80 -6.57 -8.43
C TYR A 44 -8.98 -7.45 -7.47
N SER A 45 -8.75 -6.92 -6.26
CA SER A 45 -7.98 -7.60 -5.20
C SER A 45 -8.90 -8.38 -4.24
N GLY A 46 -10.21 -8.42 -4.55
CA GLY A 46 -11.20 -9.17 -3.77
C GLY A 46 -11.83 -8.37 -2.63
N GLY A 47 -11.17 -7.25 -2.24
CA GLY A 47 -11.62 -6.43 -1.10
C GLY A 47 -11.07 -6.92 0.22
N SER A 48 -10.38 -8.08 0.18
CA SER A 48 -9.84 -8.75 1.37
C SER A 48 -8.56 -8.08 1.90
N HIS A 49 -8.15 -6.95 1.28
CA HIS A 49 -6.92 -6.23 1.63
C HIS A 49 -7.17 -5.19 2.73
N CYS A 50 -8.37 -4.54 2.68
CA CYS A 50 -8.78 -3.56 3.70
C CYS A 50 -8.91 -4.25 5.09
N GLY A 51 -8.25 -3.67 6.11
CA GLY A 51 -8.22 -4.25 7.46
C GLY A 51 -7.01 -5.12 7.70
N GLN A 52 -6.29 -5.48 6.61
CA GLN A 52 -5.12 -6.36 6.65
C GLN A 52 -3.85 -5.51 6.52
N THR A 53 -2.82 -5.84 7.32
CA THR A 53 -1.58 -5.06 7.36
C THR A 53 -0.51 -5.69 6.43
N VAL A 54 -0.06 -4.89 5.44
CA VAL A 54 0.95 -5.29 4.45
C VAL A 54 2.34 -4.81 4.91
N THR A 55 3.32 -5.73 4.92
CA THR A 55 4.71 -5.44 5.25
C THR A 55 5.44 -4.98 3.98
N VAL A 56 5.70 -3.66 3.91
CA VAL A 56 6.39 -3.03 2.76
C VAL A 56 7.87 -2.76 3.12
N THR A 57 8.80 -3.11 2.22
CA THR A 57 10.25 -2.88 2.43
C THR A 57 10.85 -2.14 1.24
N ASN A 58 11.12 -0.83 1.39
CA ASN A 58 11.70 -0.02 0.30
C ASN A 58 13.13 -0.48 0.02
N VAL A 59 13.32 -1.07 -1.17
CA VAL A 59 14.59 -1.71 -1.56
C VAL A 59 15.72 -0.68 -1.79
N VAL A 60 15.36 0.60 -1.98
CA VAL A 60 16.31 1.68 -2.31
C VAL A 60 17.25 1.99 -1.12
N THR A 61 16.67 2.23 0.07
CA THR A 61 17.44 2.53 1.29
C THR A 61 17.48 1.30 2.24
N GLY A 62 16.57 0.33 2.01
CA GLY A 62 16.50 -0.89 2.82
C GLY A 62 15.55 -0.77 4.02
N ALA A 63 14.75 0.32 4.05
CA ALA A 63 13.84 0.60 5.17
C ALA A 63 12.57 -0.26 5.09
N LYS A 64 12.11 -0.76 6.25
CA LYS A 64 10.95 -1.65 6.34
C LYS A 64 9.93 -1.06 7.32
N ALA A 65 8.65 -1.17 6.95
CA ALA A 65 7.52 -0.80 7.82
C ALA A 65 6.30 -1.65 7.41
N THR A 66 5.34 -1.79 8.33
CA THR A 66 4.12 -2.58 8.10
C THR A 66 2.89 -1.69 8.33
N GLY A 67 2.11 -1.47 7.26
CA GLY A 67 0.97 -0.54 7.29
C GLY A 67 -0.33 -1.23 6.92
N THR A 68 -1.43 -0.85 7.56
CA THR A 68 -2.76 -1.42 7.32
C THR A 68 -3.41 -0.79 6.09
N VAL A 69 -3.97 -1.61 5.18
CA VAL A 69 -4.71 -1.10 4.01
C VAL A 69 -6.08 -0.56 4.45
N ALA A 70 -6.36 0.69 4.10
CA ALA A 70 -7.65 1.37 4.40
C ALA A 70 -8.28 1.89 3.11
N ASP A 71 -7.44 2.07 2.08
CA ASP A 71 -7.81 2.74 0.84
C ASP A 71 -7.40 1.88 -0.38
N GLU A 72 -7.83 2.30 -1.57
CA GLU A 72 -7.46 1.65 -2.83
C GLU A 72 -6.86 2.69 -3.81
N CYS A 73 -6.37 2.20 -4.95
CA CYS A 73 -5.82 3.01 -6.02
C CYS A 73 -6.25 2.39 -7.36
N PRO A 74 -7.42 2.83 -7.93
CA PRO A 74 -8.01 2.19 -9.15
C PRO A 74 -7.10 2.28 -10.40
N GLY A 75 -6.26 3.32 -10.47
CA GLY A 75 -5.31 3.50 -11.58
C GLY A 75 -3.99 2.77 -11.35
N CYS A 76 -3.70 2.41 -10.08
CA CYS A 76 -2.50 1.62 -9.72
C CYS A 76 -2.64 0.17 -10.21
N GLY A 77 -1.56 -0.36 -10.80
CA GLY A 77 -1.51 -1.74 -11.29
C GLY A 77 -1.29 -2.76 -10.16
N PRO A 78 -1.27 -4.09 -10.47
CA PRO A 78 -1.15 -5.17 -9.44
C PRO A 78 0.17 -5.15 -8.66
N ASN A 79 1.21 -4.51 -9.24
CA ASN A 79 2.53 -4.34 -8.59
C ASN A 79 2.86 -2.85 -8.42
N ASP A 80 1.81 -2.02 -8.32
CA ASP A 80 1.94 -0.60 -8.01
C ASP A 80 0.88 -0.26 -6.96
N ILE A 81 1.27 0.51 -5.95
CA ILE A 81 0.43 0.85 -4.81
C ILE A 81 0.67 2.32 -4.43
N ASP A 82 -0.08 2.76 -3.45
CA ASP A 82 -0.06 4.11 -2.90
C ASP A 82 -0.18 3.98 -1.37
N MET A 83 0.20 5.02 -0.60
CA MET A 83 0.12 4.99 0.87
C MET A 83 0.15 6.40 1.46
N THR A 84 -0.03 6.46 2.78
CA THR A 84 0.11 7.69 3.56
C THR A 84 1.55 8.24 3.53
N PRO A 85 1.71 9.60 3.59
CA PRO A 85 3.04 10.23 3.70
C PRO A 85 3.72 9.88 5.04
N GLY A 86 2.89 9.70 6.10
CA GLY A 86 3.37 9.27 7.41
C GLY A 86 4.08 7.92 7.39
N LEU A 87 3.62 7.01 6.50
CA LEU A 87 4.26 5.70 6.29
C LEU A 87 5.43 5.84 5.28
N PHE A 88 5.21 6.65 4.24
CA PHE A 88 6.16 6.82 3.11
C PHE A 88 7.51 7.41 3.58
N GLN A 89 7.45 8.31 4.58
CA GLN A 89 8.67 8.91 5.17
C GLN A 89 9.40 7.92 6.10
N GLN A 90 8.70 6.84 6.50
CA GLN A 90 9.32 5.72 7.25
C GLN A 90 9.97 4.74 6.27
N LEU A 91 9.38 4.61 5.07
CA LEU A 91 10.01 3.85 3.96
C LEU A 91 11.19 4.60 3.32
N GLY A 92 11.21 5.95 3.44
CA GLY A 92 12.31 6.76 2.89
C GLY A 92 12.04 8.26 2.95
N SER A 93 12.09 8.95 1.79
CA SER A 93 11.88 10.40 1.68
C SER A 93 10.61 10.71 0.89
N LEU A 94 9.86 11.75 1.31
CA LEU A 94 8.63 12.20 0.60
C LEU A 94 8.96 12.78 -0.79
N ASP A 95 10.16 13.36 -0.89
CA ASP A 95 10.69 13.98 -2.11
C ASP A 95 10.82 12.96 -3.28
N GLU A 96 10.92 11.66 -2.93
CA GLU A 96 11.02 10.57 -3.91
C GLU A 96 9.76 10.48 -4.79
N GLY A 97 8.59 10.69 -4.17
CA GLY A 97 7.30 10.60 -4.87
C GLY A 97 6.83 9.17 -5.00
N VAL A 98 7.67 8.33 -5.64
CA VAL A 98 7.48 6.88 -5.72
C VAL A 98 8.70 6.15 -5.12
N LEU A 99 8.44 5.31 -4.12
CA LEU A 99 9.44 4.39 -3.53
C LEU A 99 9.16 2.96 -4.00
N THR A 100 10.20 2.30 -4.53
CA THR A 100 10.14 0.90 -4.95
C THR A 100 10.19 -0.01 -3.71
N VAL A 101 9.03 -0.60 -3.37
CA VAL A 101 8.88 -1.38 -2.13
C VAL A 101 8.55 -2.85 -2.45
N SER A 102 9.06 -3.74 -1.62
CA SER A 102 8.74 -5.16 -1.67
C SER A 102 7.65 -5.41 -0.61
N TRP A 103 6.44 -5.67 -1.10
CA TRP A 103 5.22 -5.70 -0.26
C TRP A 103 4.67 -7.15 -0.18
N THR A 104 4.13 -7.50 1.01
CA THR A 104 3.79 -8.89 1.36
C THR A 104 2.28 -9.09 1.53
N LEU A 105 1.66 -9.76 0.53
CA LEU A 105 0.27 -10.22 0.57
C LEU A 105 0.06 -11.13 -0.68
N GLY A 1 -16.89 -14.97 -5.15
CA GLY A 1 -16.65 -15.59 -6.47
C GLY A 1 -15.20 -16.00 -6.65
N HIS A 2 -14.45 -15.27 -7.51
CA HIS A 2 -13.05 -15.55 -7.81
C HIS A 2 -12.38 -14.30 -8.43
N ALA A 3 -11.89 -13.42 -7.55
CA ALA A 3 -11.15 -12.21 -7.93
C ALA A 3 -9.77 -12.58 -8.52
N PRO A 4 -9.30 -11.89 -9.61
CA PRO A 4 -8.00 -12.19 -10.25
C PRO A 4 -6.78 -11.65 -9.45
N ALA A 5 -7.03 -11.14 -8.23
CA ALA A 5 -5.95 -10.75 -7.28
C ALA A 5 -5.74 -11.87 -6.24
N GLU A 6 -4.49 -11.97 -5.77
CA GLU A 6 -4.09 -12.98 -4.77
C GLU A 6 -4.39 -12.45 -3.36
N LYS A 7 -5.28 -13.14 -2.64
CA LYS A 7 -5.53 -12.90 -1.20
C LYS A 7 -4.64 -13.83 -0.33
N ARG A 8 -3.58 -14.34 -0.97
CA ARG A 8 -2.53 -15.15 -0.33
C ARG A 8 -1.33 -14.24 -0.04
N SER A 9 -0.72 -14.40 1.14
CA SER A 9 0.43 -13.59 1.56
C SER A 9 1.65 -13.87 0.64
N THR A 10 1.79 -13.03 -0.39
CA THR A 10 2.81 -13.19 -1.44
C THR A 10 3.72 -11.95 -1.45
N THR A 11 5.05 -12.20 -1.32
CA THR A 11 6.08 -11.16 -1.32
C THR A 11 6.22 -10.55 -2.73
N ARG A 12 5.73 -9.31 -2.85
CA ARG A 12 5.78 -8.52 -4.09
C ARG A 12 6.95 -7.56 -4.04
N GLU A 13 7.29 -7.04 -5.20
CA GLU A 13 8.29 -5.97 -5.36
C GLU A 13 7.88 -5.13 -6.57
N GLY A 14 8.00 -3.82 -6.42
CA GLY A 14 7.64 -2.88 -7.47
C GLY A 14 7.63 -1.47 -6.95
N ARG A 15 6.56 -0.72 -7.25
CA ARG A 15 6.51 0.73 -6.95
C ARG A 15 5.61 1.00 -5.74
N GLY A 16 5.91 2.11 -5.04
CA GLY A 16 5.09 2.60 -3.93
C GLY A 16 5.04 4.11 -3.95
N THR A 17 3.85 4.70 -3.95
CA THR A 17 3.63 6.16 -3.98
C THR A 17 2.95 6.64 -2.69
N TRP A 18 2.96 7.98 -2.42
CA TRP A 18 2.22 8.57 -1.29
C TRP A 18 0.95 9.32 -1.79
N TYR A 19 -0.13 9.29 -0.97
CA TYR A 19 -1.38 10.06 -1.25
C TYR A 19 -1.73 10.94 -0.04
N ASP A 20 -2.52 11.98 -0.28
CA ASP A 20 -3.05 12.86 0.78
C ASP A 20 -4.30 12.19 1.38
N THR A 21 -4.15 11.75 2.63
CA THR A 21 -5.11 10.87 3.31
C THR A 21 -6.22 11.68 4.01
N GLY A 22 -7.42 11.09 4.12
CA GLY A 22 -8.58 11.74 4.69
C GLY A 22 -9.69 10.72 4.93
N LEU A 23 -10.09 10.08 3.84
CA LEU A 23 -11.18 9.08 3.85
C LEU A 23 -10.72 7.82 3.10
N GLY A 24 -10.88 6.66 3.76
CA GLY A 24 -10.59 5.36 3.15
C GLY A 24 -11.54 5.01 2.01
N ALA A 25 -11.05 4.28 1.00
CA ALA A 25 -11.92 3.72 -0.07
C ALA A 25 -12.86 2.67 0.54
N CYS A 26 -12.33 1.93 1.53
CA CYS A 26 -13.09 0.98 2.33
C CYS A 26 -13.33 1.64 3.71
N GLY A 27 -14.35 1.16 4.45
CA GLY A 27 -14.85 1.80 5.70
C GLY A 27 -13.75 2.15 6.70
N TRP A 28 -13.20 3.37 6.57
CA TRP A 28 -12.01 3.81 7.30
C TRP A 28 -11.87 5.35 7.15
N ASN A 29 -11.30 6.01 8.17
CA ASN A 29 -10.93 7.45 8.12
C ASN A 29 -9.64 7.69 8.92
N ASN A 30 -8.71 8.50 8.37
CA ASN A 30 -7.41 8.82 9.01
C ASN A 30 -6.78 10.06 8.34
N VAL A 31 -5.71 10.60 8.97
CA VAL A 31 -4.92 11.73 8.42
C VAL A 31 -3.65 11.21 7.73
N ASN A 32 -2.90 12.14 7.08
CA ASN A 32 -1.66 11.82 6.33
C ASN A 32 -0.58 11.20 7.23
N SER A 33 -0.55 11.65 8.50
CA SER A 33 0.49 11.26 9.48
C SER A 33 0.31 9.81 10.00
N ASP A 34 -0.88 9.22 9.77
CA ASP A 34 -1.14 7.81 10.11
C ASP A 34 -0.39 6.88 9.16
N THR A 35 -0.42 5.57 9.44
CA THR A 35 0.19 4.55 8.60
C THR A 35 -0.92 3.65 8.00
N VAL A 36 -1.68 4.21 7.04
CA VAL A 36 -2.66 3.45 6.24
C VAL A 36 -2.25 3.46 4.75
N ILE A 37 -2.74 2.47 4.01
CA ILE A 37 -2.24 2.13 2.66
C ILE A 37 -3.40 2.06 1.64
N ALA A 38 -3.08 2.43 0.40
CA ALA A 38 -3.95 2.30 -0.78
C ALA A 38 -3.40 1.18 -1.68
N LEU A 39 -4.14 0.07 -1.77
CA LEU A 39 -3.70 -1.17 -2.48
C LEU A 39 -4.35 -1.22 -3.89
N SER A 40 -3.84 -2.11 -4.76
CA SER A 40 -4.45 -2.44 -6.07
C SER A 40 -6.01 -2.59 -5.95
N PRO A 41 -6.81 -2.01 -6.93
CA PRO A 41 -8.27 -1.73 -6.83
C PRO A 41 -9.09 -2.74 -5.97
N SER A 42 -9.82 -2.22 -4.97
CA SER A 42 -10.50 -3.04 -3.94
C SER A 42 -11.52 -4.01 -4.58
N VAL A 43 -12.21 -3.57 -5.64
CA VAL A 43 -13.14 -4.43 -6.42
C VAL A 43 -12.39 -5.60 -7.10
N TYR A 44 -11.13 -5.32 -7.50
CA TYR A 44 -10.27 -6.32 -8.20
C TYR A 44 -9.71 -7.32 -7.17
N SER A 45 -9.56 -6.86 -5.91
CA SER A 45 -9.07 -7.68 -4.77
C SER A 45 -10.25 -8.37 -4.03
N GLY A 46 -11.49 -7.99 -4.37
CA GLY A 46 -12.69 -8.51 -3.71
C GLY A 46 -12.92 -7.90 -2.32
N GLY A 47 -12.17 -6.82 -2.00
CA GLY A 47 -12.27 -6.14 -0.69
C GLY A 47 -11.48 -6.86 0.39
N SER A 48 -10.76 -7.93 -0.01
CA SER A 48 -10.05 -8.83 0.91
C SER A 48 -8.78 -8.18 1.48
N HIS A 49 -8.24 -7.16 0.78
CA HIS A 49 -7.02 -6.44 1.21
C HIS A 49 -7.36 -5.29 2.17
N CYS A 50 -8.58 -4.72 2.07
CA CYS A 50 -9.04 -3.65 2.98
C CYS A 50 -9.17 -4.19 4.42
N GLY A 51 -8.39 -3.61 5.35
CA GLY A 51 -8.37 -4.07 6.75
C GLY A 51 -7.17 -4.97 7.06
N GLN A 52 -6.39 -5.33 6.02
CA GLN A 52 -5.18 -6.18 6.18
C GLN A 52 -3.94 -5.28 6.30
N THR A 53 -3.05 -5.67 7.22
CA THR A 53 -1.82 -4.93 7.50
C THR A 53 -0.69 -5.40 6.54
N VAL A 54 -0.01 -4.45 5.88
CA VAL A 54 1.09 -4.71 4.93
C VAL A 54 2.43 -4.31 5.54
N THR A 55 3.41 -5.22 5.48
CA THR A 55 4.79 -4.94 5.82
C THR A 55 5.52 -4.50 4.53
N VAL A 56 5.79 -3.19 4.42
CA VAL A 56 6.43 -2.58 3.23
C VAL A 56 7.93 -2.32 3.52
N THR A 57 8.78 -2.51 2.50
CA THR A 57 10.24 -2.42 2.62
C THR A 57 10.85 -1.81 1.35
N ASN A 58 11.31 -0.54 1.44
CA ASN A 58 12.00 0.13 0.33
C ASN A 58 13.28 -0.65 0.01
N VAL A 59 13.31 -1.32 -1.15
CA VAL A 59 14.39 -2.23 -1.54
C VAL A 59 15.71 -1.49 -1.84
N VAL A 60 15.63 -0.17 -2.08
CA VAL A 60 16.80 0.65 -2.38
C VAL A 60 17.64 0.89 -1.12
N THR A 61 16.98 1.37 -0.05
CA THR A 61 17.67 1.79 1.21
C THR A 61 17.48 0.75 2.35
N GLY A 62 16.64 -0.28 2.11
CA GLY A 62 16.39 -1.34 3.11
C GLY A 62 15.45 -0.95 4.25
N ALA A 63 14.89 0.27 4.18
CA ALA A 63 13.97 0.79 5.21
C ALA A 63 12.63 0.04 5.16
N LYS A 64 12.17 -0.44 6.32
CA LYS A 64 10.93 -1.25 6.40
C LYS A 64 10.03 -0.74 7.53
N ALA A 65 8.73 -0.63 7.22
CA ALA A 65 7.70 -0.23 8.16
C ALA A 65 6.40 -0.98 7.82
N THR A 66 5.38 -0.79 8.65
CA THR A 66 4.11 -1.49 8.51
C THR A 66 2.93 -0.50 8.54
N GLY A 67 1.97 -0.71 7.64
CA GLY A 67 0.72 0.06 7.59
C GLY A 67 -0.46 -0.87 7.42
N THR A 68 -1.67 -0.33 7.30
CA THR A 68 -2.90 -1.15 7.07
C THR A 68 -3.73 -0.53 5.95
N VAL A 69 -4.25 -1.37 5.04
CA VAL A 69 -5.00 -0.91 3.86
C VAL A 69 -6.36 -0.29 4.25
N ALA A 70 -6.50 1.00 3.97
CA ALA A 70 -7.74 1.75 4.14
C ALA A 70 -8.35 2.06 2.78
N ASP A 71 -7.48 2.19 1.78
CA ASP A 71 -7.85 2.72 0.45
C ASP A 71 -7.45 1.76 -0.67
N GLU A 72 -7.88 2.12 -1.88
CA GLU A 72 -7.45 1.49 -3.12
C GLU A 72 -6.77 2.53 -4.01
N CYS A 73 -6.12 2.05 -5.05
CA CYS A 73 -5.44 2.88 -6.04
C CYS A 73 -5.68 2.24 -7.42
N PRO A 74 -6.73 2.70 -8.18
CA PRO A 74 -7.06 2.18 -9.54
C PRO A 74 -5.88 2.31 -10.53
N GLY A 75 -5.10 3.41 -10.37
CA GLY A 75 -3.90 3.67 -11.18
C GLY A 75 -2.68 2.83 -10.76
N CYS A 76 -2.85 2.01 -9.72
CA CYS A 76 -1.80 1.10 -9.22
C CYS A 76 -2.10 -0.34 -9.67
N GLY A 77 -1.13 -0.93 -10.41
CA GLY A 77 -1.17 -2.33 -10.83
C GLY A 77 -0.84 -3.30 -9.68
N PRO A 78 -0.85 -4.65 -9.94
CA PRO A 78 -0.63 -5.70 -8.89
C PRO A 78 0.76 -5.66 -8.18
N ASN A 79 1.71 -4.87 -8.73
CA ASN A 79 3.07 -4.67 -8.14
C ASN A 79 3.32 -3.17 -7.86
N ASP A 80 2.25 -2.38 -7.93
CA ASP A 80 2.23 -0.96 -7.56
C ASP A 80 1.34 -0.80 -6.33
N ILE A 81 1.78 0.01 -5.37
CA ILE A 81 0.95 0.42 -4.24
C ILE A 81 1.06 1.93 -4.03
N ASP A 82 0.22 2.40 -3.14
CA ASP A 82 0.14 3.78 -2.71
C ASP A 82 -0.04 3.75 -1.18
N MET A 83 0.38 4.80 -0.45
CA MET A 83 0.36 4.77 1.04
C MET A 83 0.42 6.19 1.61
N THR A 84 0.18 6.29 2.92
CA THR A 84 0.28 7.56 3.66
C THR A 84 1.68 8.20 3.54
N PRO A 85 1.78 9.57 3.53
CA PRO A 85 3.06 10.28 3.58
C PRO A 85 3.80 10.05 4.92
N GLY A 86 3.00 9.84 5.98
CA GLY A 86 3.51 9.51 7.32
C GLY A 86 4.26 8.16 7.35
N LEU A 87 3.87 7.24 6.45
CA LEU A 87 4.54 5.94 6.27
C LEU A 87 5.69 6.09 5.26
N PHE A 88 5.41 6.82 4.17
CA PHE A 88 6.33 6.98 3.01
C PHE A 88 7.61 7.73 3.41
N GLN A 89 7.51 8.62 4.41
CA GLN A 89 8.65 9.36 4.97
C GLN A 89 9.58 8.41 5.76
N GLN A 90 9.00 7.33 6.30
CA GLN A 90 9.74 6.30 7.07
C GLN A 90 10.39 5.30 6.11
N LEU A 91 9.71 5.05 4.97
CA LEU A 91 10.27 4.25 3.85
C LEU A 91 11.39 5.03 3.10
N GLY A 92 11.28 6.37 3.04
CA GLY A 92 12.25 7.20 2.31
C GLY A 92 11.95 8.68 2.42
N SER A 93 11.56 9.33 1.30
CA SER A 93 11.33 10.79 1.22
C SER A 93 10.18 11.12 0.26
N LEU A 94 9.29 12.04 0.68
CA LEU A 94 8.10 12.45 -0.11
C LEU A 94 8.51 13.13 -1.43
N ASP A 95 9.70 13.78 -1.41
CA ASP A 95 10.28 14.50 -2.57
C ASP A 95 10.49 13.56 -3.78
N GLU A 96 10.77 12.27 -3.49
CA GLU A 96 11.02 11.26 -4.53
C GLU A 96 9.74 10.96 -5.33
N GLY A 97 8.59 11.05 -4.63
CA GLY A 97 7.29 10.76 -5.22
C GLY A 97 6.96 9.28 -5.18
N VAL A 98 7.84 8.48 -5.80
CA VAL A 98 7.75 7.01 -5.79
C VAL A 98 9.08 6.41 -5.27
N LEU A 99 8.95 5.30 -4.54
CA LEU A 99 10.08 4.45 -4.10
C LEU A 99 9.83 3.03 -4.61
N THR A 100 10.92 2.30 -4.87
CA THR A 100 10.83 0.88 -5.25
C THR A 100 10.72 0.05 -3.95
N VAL A 101 9.52 -0.48 -3.67
CA VAL A 101 9.22 -1.16 -2.40
C VAL A 101 8.80 -2.63 -2.62
N SER A 102 9.13 -3.46 -1.65
CA SER A 102 8.72 -4.86 -1.54
C SER A 102 7.65 -4.94 -0.45
N TRP A 103 6.56 -5.66 -0.72
CA TRP A 103 5.39 -5.66 0.18
C TRP A 103 4.67 -7.03 0.11
N THR A 104 4.40 -7.63 1.28
CA THR A 104 3.72 -8.93 1.37
C THR A 104 2.21 -8.73 1.61
N LEU A 105 1.43 -8.83 0.52
CA LEU A 105 -0.04 -8.88 0.54
C LEU A 105 -0.48 -9.48 -0.84
N GLY A 1 -15.26 -11.92 -11.63
CA GLY A 1 -15.37 -10.76 -10.71
C GLY A 1 -15.41 -11.18 -9.24
N HIS A 2 -16.63 -11.44 -8.71
CA HIS A 2 -16.83 -11.78 -7.28
C HIS A 2 -16.29 -13.19 -6.92
N ALA A 3 -14.99 -13.24 -6.65
CA ALA A 3 -14.27 -14.45 -6.22
C ALA A 3 -12.89 -14.01 -5.70
N PRO A 4 -12.79 -13.58 -4.39
CA PRO A 4 -11.52 -13.09 -3.79
C PRO A 4 -10.40 -14.15 -3.87
N ALA A 5 -9.58 -14.03 -4.93
CA ALA A 5 -8.41 -14.89 -5.13
C ALA A 5 -7.41 -14.67 -4.01
N GLU A 6 -7.46 -15.56 -3.01
CA GLU A 6 -6.61 -15.49 -1.81
C GLU A 6 -5.14 -15.65 -2.20
N LYS A 7 -4.49 -14.50 -2.41
CA LYS A 7 -3.10 -14.42 -2.87
C LYS A 7 -2.16 -14.91 -1.76
N ARG A 8 -1.32 -15.92 -2.08
CA ARG A 8 -0.29 -16.43 -1.17
C ARG A 8 0.62 -15.27 -0.74
N SER A 9 0.73 -15.04 0.59
CA SER A 9 1.52 -13.93 1.15
C SER A 9 3.00 -14.06 0.73
N THR A 10 3.34 -13.32 -0.34
CA THR A 10 4.64 -13.41 -1.03
C THR A 10 5.34 -12.05 -0.95
N THR A 11 6.65 -12.08 -0.58
CA THR A 11 7.49 -10.87 -0.57
C THR A 11 7.81 -10.48 -2.03
N ARG A 12 7.02 -9.52 -2.55
CA ARG A 12 7.17 -9.01 -3.92
C ARG A 12 7.34 -7.49 -3.86
N GLU A 13 8.00 -6.93 -4.88
CA GLU A 13 8.17 -5.48 -4.98
C GLU A 13 6.90 -4.85 -5.56
N GLY A 14 6.71 -3.58 -5.26
CA GLY A 14 5.58 -2.81 -5.72
C GLY A 14 5.90 -1.34 -5.62
N ARG A 15 5.63 -0.58 -6.70
CA ARG A 15 5.92 0.85 -6.71
C ARG A 15 4.84 1.58 -5.87
N GLY A 16 5.23 1.96 -4.64
CA GLY A 16 4.36 2.63 -3.70
C GLY A 16 4.52 4.13 -3.77
N THR A 17 3.43 4.84 -4.11
CA THR A 17 3.36 6.31 -4.16
C THR A 17 2.79 6.85 -2.84
N TRP A 18 2.94 8.16 -2.56
CA TRP A 18 2.19 8.83 -1.47
C TRP A 18 0.92 9.51 -2.03
N TYR A 19 -0.17 9.49 -1.24
CA TYR A 19 -1.37 10.32 -1.53
C TYR A 19 -1.65 11.25 -0.35
N ASP A 20 -2.51 12.26 -0.55
CA ASP A 20 -2.92 13.19 0.51
C ASP A 20 -4.07 12.54 1.27
N THR A 21 -3.81 12.18 2.52
CA THR A 21 -4.71 11.37 3.36
C THR A 21 -5.84 12.22 3.96
N GLY A 22 -7.02 11.60 4.08
CA GLY A 22 -8.20 12.22 4.68
C GLY A 22 -9.25 11.19 5.03
N LEU A 23 -9.71 10.46 3.99
CA LEU A 23 -10.79 9.46 4.11
C LEU A 23 -10.46 8.28 3.17
N GLY A 24 -10.43 7.05 3.74
CA GLY A 24 -10.11 5.84 2.99
C GLY A 24 -11.33 5.21 2.32
N ALA A 25 -11.10 4.39 1.28
CA ALA A 25 -12.19 3.71 0.53
C ALA A 25 -12.87 2.62 1.37
N CYS A 26 -12.16 2.17 2.43
CA CYS A 26 -12.74 1.29 3.47
C CYS A 26 -13.01 2.13 4.73
N GLY A 27 -13.60 1.51 5.77
CA GLY A 27 -14.09 2.23 6.97
C GLY A 27 -12.98 2.78 7.87
N TRP A 28 -12.34 3.86 7.41
CA TRP A 28 -11.20 4.53 8.07
C TRP A 28 -11.15 6.01 7.62
N ASN A 29 -10.63 6.85 8.52
CA ASN A 29 -10.34 8.26 8.26
C ASN A 29 -9.05 8.60 9.03
N ASN A 30 -8.02 9.05 8.31
CA ASN A 30 -6.65 9.15 8.86
C ASN A 30 -6.00 10.48 8.48
N VAL A 31 -5.01 10.90 9.29
CA VAL A 31 -4.20 12.10 9.03
C VAL A 31 -3.05 11.77 8.06
N ASN A 32 -2.37 12.81 7.56
CA ASN A 32 -1.23 12.67 6.62
C ASN A 32 0.03 12.12 7.32
N SER A 33 0.04 12.16 8.66
CA SER A 33 1.14 11.62 9.50
C SER A 33 0.88 10.15 9.91
N ASP A 34 -0.27 9.60 9.46
CA ASP A 34 -0.70 8.22 9.77
C ASP A 34 0.03 7.21 8.83
N THR A 35 -0.14 5.90 9.08
CA THR A 35 0.55 4.83 8.33
C THR A 35 -0.45 3.81 7.74
N VAL A 36 -1.36 4.27 6.86
CA VAL A 36 -2.25 3.34 6.12
C VAL A 36 -1.90 3.31 4.62
N ILE A 37 -2.45 2.31 3.91
CA ILE A 37 -2.10 1.99 2.51
C ILE A 37 -3.35 2.06 1.61
N ALA A 38 -3.11 2.47 0.35
CA ALA A 38 -4.09 2.42 -0.75
C ALA A 38 -3.65 1.33 -1.75
N LEU A 39 -4.44 0.26 -1.87
CA LEU A 39 -4.13 -0.91 -2.73
C LEU A 39 -4.91 -0.82 -4.04
N SER A 40 -4.52 -1.66 -5.02
CA SER A 40 -5.21 -1.81 -6.33
C SER A 40 -6.75 -1.92 -6.18
N PRO A 41 -7.55 -1.56 -7.25
CA PRO A 41 -9.03 -1.63 -7.19
C PRO A 41 -9.53 -3.01 -6.70
N SER A 42 -10.52 -2.99 -5.80
CA SER A 42 -11.08 -4.20 -5.14
C SER A 42 -11.63 -5.22 -6.16
N VAL A 43 -11.90 -4.75 -7.38
CA VAL A 43 -12.23 -5.59 -8.54
C VAL A 43 -11.11 -6.62 -8.81
N TYR A 44 -9.85 -6.13 -8.82
CA TYR A 44 -8.65 -6.95 -9.09
C TYR A 44 -8.16 -7.62 -7.79
N SER A 45 -8.10 -6.82 -6.72
CA SER A 45 -7.62 -7.25 -5.39
C SER A 45 -8.62 -8.21 -4.68
N GLY A 46 -9.82 -8.38 -5.28
CA GLY A 46 -10.85 -9.29 -4.75
C GLY A 46 -11.58 -8.74 -3.53
N GLY A 47 -11.28 -7.48 -3.15
CA GLY A 47 -11.82 -6.85 -1.94
C GLY A 47 -11.03 -7.18 -0.67
N SER A 48 -10.51 -8.42 -0.60
CA SER A 48 -9.88 -8.99 0.60
C SER A 48 -8.42 -8.53 0.79
N HIS A 49 -7.95 -7.58 -0.06
CA HIS A 49 -6.64 -6.91 0.15
C HIS A 49 -6.78 -5.69 1.08
N CYS A 50 -8.02 -5.15 1.21
CA CYS A 50 -8.30 -4.02 2.12
C CYS A 50 -8.68 -4.56 3.50
N GLY A 51 -8.39 -3.75 4.55
CA GLY A 51 -8.57 -4.16 5.94
C GLY A 51 -7.46 -5.10 6.42
N GLN A 52 -6.34 -5.15 5.66
CA GLN A 52 -5.23 -6.09 5.89
C GLN A 52 -3.95 -5.31 6.21
N THR A 53 -3.33 -5.61 7.36
CA THR A 53 -2.07 -4.98 7.77
C THR A 53 -0.88 -5.67 7.05
N VAL A 54 -0.16 -4.89 6.22
CA VAL A 54 0.94 -5.40 5.38
C VAL A 54 2.26 -4.69 5.74
N THR A 55 3.34 -5.48 5.92
CA THR A 55 4.70 -4.93 6.10
C THR A 55 5.31 -4.61 4.72
N VAL A 56 5.59 -3.31 4.50
CA VAL A 56 6.29 -2.82 3.28
C VAL A 56 7.78 -2.58 3.63
N THR A 57 8.69 -3.11 2.79
CA THR A 57 10.16 -3.00 2.99
C THR A 57 10.83 -2.46 1.72
N ASN A 58 11.14 -1.14 1.72
CA ASN A 58 11.78 -0.45 0.57
C ASN A 58 13.12 -1.16 0.23
N VAL A 59 13.18 -1.74 -0.99
CA VAL A 59 14.33 -2.56 -1.43
C VAL A 59 15.61 -1.71 -1.66
N VAL A 60 15.43 -0.38 -1.81
CA VAL A 60 16.53 0.57 -2.06
C VAL A 60 17.27 0.93 -0.75
N THR A 61 16.52 1.41 0.25
CA THR A 61 17.11 1.93 1.53
C THR A 61 17.09 0.87 2.65
N GLY A 62 16.30 -0.20 2.47
CA GLY A 62 16.16 -1.26 3.49
C GLY A 62 15.30 -0.85 4.67
N ALA A 63 14.47 0.19 4.48
CA ALA A 63 13.51 0.65 5.48
C ALA A 63 12.27 -0.23 5.44
N LYS A 64 11.80 -0.67 6.61
CA LYS A 64 10.63 -1.53 6.74
C LYS A 64 9.68 -0.95 7.78
N ALA A 65 8.38 -1.01 7.47
CA ALA A 65 7.31 -0.56 8.37
C ALA A 65 6.00 -1.27 8.00
N THR A 66 5.14 -1.47 9.00
CA THR A 66 3.86 -2.16 8.84
C THR A 66 2.73 -1.12 8.73
N GLY A 67 2.06 -1.10 7.57
CA GLY A 67 0.93 -0.20 7.33
C GLY A 67 -0.32 -1.00 6.97
N THR A 68 -1.48 -0.63 7.53
CA THR A 68 -2.75 -1.31 7.25
C THR A 68 -3.40 -0.72 6.01
N VAL A 69 -3.85 -1.58 5.09
CA VAL A 69 -4.55 -1.16 3.89
C VAL A 69 -5.96 -0.67 4.31
N ALA A 70 -6.22 0.63 4.08
CA ALA A 70 -7.49 1.27 4.48
C ALA A 70 -8.16 1.93 3.27
N ASP A 71 -7.40 2.09 2.18
CA ASP A 71 -7.85 2.85 1.00
C ASP A 71 -7.64 2.04 -0.29
N GLU A 72 -8.34 2.46 -1.34
CA GLU A 72 -8.24 1.92 -2.69
C GLU A 72 -7.72 3.02 -3.63
N CYS A 73 -6.69 2.68 -4.38
CA CYS A 73 -6.18 3.49 -5.48
C CYS A 73 -6.56 2.80 -6.81
N PRO A 74 -7.62 3.30 -7.54
CA PRO A 74 -8.00 2.80 -8.89
C PRO A 74 -6.82 2.83 -9.88
N GLY A 75 -6.05 3.95 -9.87
CA GLY A 75 -4.86 4.11 -10.71
C GLY A 75 -3.60 3.49 -10.10
N CYS A 76 -3.73 2.23 -9.66
CA CYS A 76 -2.65 1.45 -9.03
C CYS A 76 -2.84 -0.04 -9.38
N GLY A 77 -1.73 -0.70 -9.75
CA GLY A 77 -1.75 -2.11 -10.15
C GLY A 77 -1.17 -3.04 -9.08
N PRO A 78 -1.17 -4.39 -9.30
CA PRO A 78 -0.61 -5.40 -8.33
C PRO A 78 0.90 -5.22 -8.00
N ASN A 79 1.63 -4.53 -8.89
CA ASN A 79 3.08 -4.25 -8.72
C ASN A 79 3.30 -2.71 -8.67
N ASP A 80 2.23 -1.96 -8.37
CA ASP A 80 2.25 -0.49 -8.29
C ASP A 80 1.16 -0.04 -7.31
N ILE A 81 1.54 0.26 -6.06
CA ILE A 81 0.61 0.55 -4.95
C ILE A 81 0.74 2.01 -4.49
N ASP A 82 -0.08 2.40 -3.52
CA ASP A 82 -0.10 3.77 -2.97
C ASP A 82 -0.13 3.70 -1.42
N MET A 83 0.33 4.75 -0.73
CA MET A 83 0.53 4.77 0.75
C MET A 83 0.33 6.21 1.27
N THR A 84 0.12 6.35 2.60
CA THR A 84 0.09 7.65 3.29
C THR A 84 1.47 8.33 3.29
N PRO A 85 1.53 9.71 3.40
CA PRO A 85 2.82 10.46 3.47
C PRO A 85 3.64 10.11 4.74
N GLY A 86 2.92 9.79 5.83
CA GLY A 86 3.54 9.40 7.10
C GLY A 86 4.31 8.09 7.00
N LEU A 87 3.70 7.10 6.31
CA LEU A 87 4.35 5.80 6.05
C LEU A 87 5.49 5.99 5.03
N PHE A 88 5.17 6.73 3.97
CA PHE A 88 6.06 6.94 2.81
C PHE A 88 7.34 7.70 3.20
N GLN A 89 7.24 8.65 4.16
CA GLN A 89 8.41 9.45 4.62
C GLN A 89 9.33 8.63 5.55
N GLN A 90 8.79 7.52 6.08
CA GLN A 90 9.56 6.53 6.86
C GLN A 90 10.22 5.50 5.93
N LEU A 91 9.51 5.15 4.84
CA LEU A 91 10.04 4.25 3.79
C LEU A 91 11.08 4.96 2.89
N GLY A 92 10.93 6.29 2.75
CA GLY A 92 11.79 7.08 1.85
C GLY A 92 11.49 8.57 1.96
N SER A 93 11.66 9.31 0.85
CA SER A 93 11.40 10.77 0.80
C SER A 93 10.16 11.05 -0.04
N LEU A 94 9.32 12.00 0.41
CA LEU A 94 8.12 12.46 -0.34
C LEU A 94 8.51 13.08 -1.70
N ASP A 95 9.77 13.57 -1.77
CA ASP A 95 10.37 14.14 -3.00
C ASP A 95 10.48 13.10 -4.13
N GLU A 96 10.61 11.81 -3.74
CA GLU A 96 10.69 10.69 -4.70
C GLU A 96 9.39 10.58 -5.51
N GLY A 97 8.25 10.75 -4.81
CA GLY A 97 6.92 10.59 -5.40
C GLY A 97 6.45 9.14 -5.40
N VAL A 98 7.37 8.25 -5.82
CA VAL A 98 7.18 6.80 -5.79
C VAL A 98 8.42 6.11 -5.16
N LEU A 99 8.22 4.92 -4.58
CA LEU A 99 9.29 4.07 -3.98
C LEU A 99 9.09 2.64 -4.47
N THR A 100 10.15 1.82 -4.43
CA THR A 100 10.07 0.40 -4.75
C THR A 100 10.11 -0.39 -3.43
N VAL A 101 8.93 -0.82 -2.95
CA VAL A 101 8.79 -1.45 -1.62
C VAL A 101 8.33 -2.92 -1.77
N SER A 102 8.82 -3.77 -0.88
CA SER A 102 8.52 -5.20 -0.86
C SER A 102 7.37 -5.43 0.13
N TRP A 103 6.18 -5.68 -0.41
CA TRP A 103 4.96 -5.88 0.37
C TRP A 103 4.54 -7.36 0.28
N THR A 104 4.09 -7.92 1.41
CA THR A 104 3.79 -9.35 1.52
C THR A 104 2.27 -9.57 1.71
N LEU A 105 1.57 -9.88 0.60
CA LEU A 105 0.14 -10.24 0.61
C LEU A 105 -0.26 -10.71 -0.82
N GLY A 1 -20.98 -9.24 -11.53
CA GLY A 1 -20.81 -10.47 -10.75
C GLY A 1 -19.62 -10.41 -9.80
N HIS A 2 -19.79 -10.97 -8.58
CA HIS A 2 -18.75 -11.02 -7.55
C HIS A 2 -17.70 -12.09 -7.91
N ALA A 3 -16.41 -11.71 -7.92
CA ALA A 3 -15.29 -12.61 -8.28
C ALA A 3 -14.35 -12.85 -7.08
N PRO A 4 -14.45 -14.04 -6.38
CA PRO A 4 -13.48 -14.43 -5.33
C PRO A 4 -12.05 -14.61 -5.91
N ALA A 5 -11.29 -13.50 -5.90
CA ALA A 5 -9.93 -13.44 -6.44
C ALA A 5 -8.94 -13.04 -5.32
N GLU A 6 -8.28 -14.06 -4.74
CA GLU A 6 -7.26 -13.89 -3.69
C GLU A 6 -5.89 -13.63 -4.34
N LYS A 7 -4.85 -13.45 -3.49
CA LYS A 7 -3.47 -13.27 -3.95
C LYS A 7 -2.52 -13.66 -2.82
N ARG A 8 -1.44 -14.37 -3.18
CA ARG A 8 -0.56 -15.03 -2.20
C ARG A 8 0.33 -14.01 -1.47
N SER A 9 0.17 -13.93 -0.13
CA SER A 9 0.97 -13.05 0.71
C SER A 9 2.41 -13.58 0.82
N THR A 10 3.31 -12.96 0.06
CA THR A 10 4.73 -13.36 -0.02
C THR A 10 5.58 -12.09 -0.13
N THR A 11 6.86 -12.17 0.28
CA THR A 11 7.81 -11.06 0.15
C THR A 11 8.10 -10.81 -1.36
N ARG A 12 7.38 -9.83 -1.92
CA ARG A 12 7.45 -9.49 -3.34
C ARG A 12 7.69 -7.99 -3.46
N GLU A 13 8.45 -7.61 -4.48
CA GLU A 13 8.78 -6.20 -4.74
C GLU A 13 7.60 -5.55 -5.49
N GLY A 14 7.44 -4.25 -5.31
CA GLY A 14 6.38 -3.51 -5.98
C GLY A 14 6.54 -2.04 -5.78
N ARG A 15 6.01 -1.28 -6.74
CA ARG A 15 6.00 0.18 -6.70
C ARG A 15 5.01 0.67 -5.62
N GLY A 16 5.39 1.75 -4.95
CA GLY A 16 4.56 2.39 -3.94
C GLY A 16 4.72 3.89 -4.03
N THR A 17 3.70 4.57 -4.57
CA THR A 17 3.60 6.04 -4.57
C THR A 17 3.02 6.52 -3.22
N TRP A 18 3.14 7.82 -2.92
CA TRP A 18 2.47 8.42 -1.75
C TRP A 18 1.28 9.28 -2.18
N TYR A 19 0.28 9.39 -1.29
CA TYR A 19 -0.90 10.27 -1.49
C TYR A 19 -1.25 10.92 -0.14
N ASP A 20 -1.99 12.05 -0.18
CA ASP A 20 -2.44 12.72 1.06
C ASP A 20 -3.73 12.04 1.54
N THR A 21 -3.89 11.95 2.85
CA THR A 21 -4.88 11.08 3.49
C THR A 21 -6.24 11.78 3.66
N GLY A 22 -7.30 10.98 3.84
CA GLY A 22 -8.63 11.47 4.12
C GLY A 22 -9.58 10.33 4.41
N LEU A 23 -10.71 10.30 3.70
CA LEU A 23 -11.73 9.25 3.84
C LEU A 23 -11.35 8.09 2.90
N GLY A 24 -10.94 6.95 3.51
CA GLY A 24 -10.54 5.74 2.77
C GLY A 24 -11.72 5.00 2.18
N ALA A 25 -11.44 4.16 1.16
CA ALA A 25 -12.44 3.33 0.46
C ALA A 25 -13.07 2.28 1.40
N CYS A 26 -12.29 1.84 2.41
CA CYS A 26 -12.78 0.97 3.49
C CYS A 26 -12.95 1.81 4.76
N GLY A 27 -13.63 1.23 5.79
CA GLY A 27 -14.06 1.98 6.99
C GLY A 27 -12.91 2.53 7.84
N TRP A 28 -12.35 3.65 7.36
CA TRP A 28 -11.20 4.36 7.94
C TRP A 28 -11.23 5.83 7.46
N ASN A 29 -11.00 6.75 8.39
CA ASN A 29 -10.77 8.18 8.11
C ASN A 29 -9.56 8.59 8.94
N ASN A 30 -8.43 8.91 8.27
CA ASN A 30 -7.11 9.05 8.92
C ASN A 30 -6.44 10.37 8.55
N VAL A 31 -5.41 10.73 9.35
CA VAL A 31 -4.56 11.92 9.11
C VAL A 31 -3.32 11.52 8.27
N ASN A 32 -2.60 12.54 7.75
CA ASN A 32 -1.36 12.34 6.94
C ASN A 32 -0.20 11.72 7.76
N SER A 33 -0.28 11.79 9.10
CA SER A 33 0.72 11.18 10.00
C SER A 33 0.49 9.67 10.21
N ASP A 34 -0.71 9.16 9.83
CA ASP A 34 -1.03 7.71 9.93
C ASP A 34 -0.25 6.91 8.89
N THR A 35 -0.14 5.60 9.15
CA THR A 35 0.53 4.63 8.29
C THR A 35 -0.53 3.76 7.61
N VAL A 36 -1.32 4.35 6.69
CA VAL A 36 -2.35 3.59 5.96
C VAL A 36 -2.04 3.57 4.45
N ILE A 37 -2.61 2.58 3.76
CA ILE A 37 -2.24 2.23 2.38
C ILE A 37 -3.50 2.25 1.49
N ALA A 38 -3.29 2.59 0.22
CA ALA A 38 -4.25 2.46 -0.85
C ALA A 38 -3.80 1.33 -1.79
N LEU A 39 -4.60 0.27 -1.91
CA LEU A 39 -4.27 -0.91 -2.77
C LEU A 39 -5.04 -0.79 -4.09
N SER A 40 -4.67 -1.61 -5.08
CA SER A 40 -5.37 -1.72 -6.38
C SER A 40 -6.92 -1.77 -6.22
N PRO A 41 -7.73 -1.23 -7.19
CA PRO A 41 -9.21 -1.09 -7.04
C PRO A 41 -9.88 -2.36 -6.47
N SER A 42 -10.73 -2.19 -5.45
CA SER A 42 -11.19 -3.28 -4.56
C SER A 42 -11.90 -4.42 -5.33
N VAL A 43 -12.51 -4.12 -6.49
CA VAL A 43 -13.11 -5.14 -7.38
C VAL A 43 -12.00 -6.03 -8.01
N TYR A 44 -10.88 -5.39 -8.40
CA TYR A 44 -9.72 -6.03 -9.05
C TYR A 44 -8.94 -6.87 -8.03
N SER A 45 -8.86 -6.33 -6.80
CA SER A 45 -8.20 -6.97 -5.66
C SER A 45 -9.12 -7.98 -4.94
N GLY A 46 -10.40 -7.99 -5.33
CA GLY A 46 -11.42 -8.88 -4.75
C GLY A 46 -11.86 -8.48 -3.35
N GLY A 47 -11.40 -7.30 -2.86
CA GLY A 47 -11.72 -6.80 -1.52
C GLY A 47 -10.78 -7.34 -0.43
N SER A 48 -10.19 -8.53 -0.68
CA SER A 48 -9.35 -9.26 0.30
C SER A 48 -7.95 -8.63 0.47
N HIS A 49 -7.68 -7.55 -0.29
CA HIS A 49 -6.46 -6.73 -0.14
C HIS A 49 -6.67 -5.58 0.84
N CYS A 50 -7.93 -5.12 0.94
CA CYS A 50 -8.28 -4.00 1.84
C CYS A 50 -8.59 -4.55 3.24
N GLY A 51 -8.23 -3.77 4.27
CA GLY A 51 -8.33 -4.21 5.66
C GLY A 51 -7.14 -5.05 6.12
N GLN A 52 -6.15 -5.22 5.22
CA GLN A 52 -4.94 -6.03 5.50
C GLN A 52 -3.83 -5.15 6.07
N THR A 53 -3.00 -5.74 6.94
CA THR A 53 -1.82 -5.07 7.47
C THR A 53 -0.59 -5.51 6.65
N VAL A 54 -0.12 -4.60 5.76
CA VAL A 54 0.97 -4.87 4.79
C VAL A 54 2.30 -4.27 5.28
N THR A 55 3.35 -5.11 5.39
CA THR A 55 4.71 -4.68 5.78
C THR A 55 5.55 -4.44 4.52
N VAL A 56 5.80 -3.16 4.23
CA VAL A 56 6.55 -2.71 3.04
C VAL A 56 8.05 -2.46 3.42
N THR A 57 8.99 -3.02 2.61
CA THR A 57 10.46 -2.90 2.86
C THR A 57 11.18 -2.27 1.65
N ASN A 58 11.41 -0.95 1.69
CA ASN A 58 12.07 -0.21 0.61
C ASN A 58 13.46 -0.79 0.26
N VAL A 59 13.57 -1.34 -0.96
CA VAL A 59 14.78 -2.02 -1.46
C VAL A 59 15.97 -1.05 -1.71
N VAL A 60 15.70 0.27 -1.72
CA VAL A 60 16.69 1.31 -2.10
C VAL A 60 17.54 1.73 -0.88
N THR A 61 16.89 1.94 0.28
CA THR A 61 17.56 2.39 1.53
C THR A 61 17.56 1.30 2.63
N GLY A 62 16.67 0.30 2.47
CA GLY A 62 16.55 -0.81 3.44
C GLY A 62 15.48 -0.58 4.49
N ALA A 63 14.78 0.57 4.41
CA ALA A 63 13.78 0.98 5.41
C ALA A 63 12.52 0.09 5.34
N LYS A 64 12.16 -0.52 6.47
CA LYS A 64 10.95 -1.36 6.60
C LYS A 64 9.93 -0.65 7.49
N ALA A 65 8.64 -0.86 7.20
CA ALA A 65 7.53 -0.34 8.02
C ALA A 65 6.22 -1.03 7.63
N THR A 66 5.27 -1.10 8.57
CA THR A 66 3.96 -1.75 8.35
C THR A 66 2.86 -0.67 8.28
N GLY A 67 1.84 -0.92 7.44
CA GLY A 67 0.68 -0.05 7.31
C GLY A 67 -0.56 -0.82 6.87
N THR A 68 -1.73 -0.48 7.43
CA THR A 68 -3.02 -1.11 7.06
C THR A 68 -3.59 -0.46 5.79
N VAL A 69 -4.03 -1.30 4.84
CA VAL A 69 -4.75 -0.87 3.65
C VAL A 69 -6.14 -0.34 4.09
N ALA A 70 -6.29 0.96 4.04
CA ALA A 70 -7.52 1.66 4.45
C ALA A 70 -8.31 2.11 3.21
N ASP A 71 -7.60 2.23 2.07
CA ASP A 71 -8.13 2.84 0.86
C ASP A 71 -7.81 1.98 -0.37
N GLU A 72 -8.46 2.30 -1.49
CA GLU A 72 -8.12 1.74 -2.80
C GLU A 72 -7.60 2.87 -3.70
N CYS A 73 -6.38 2.68 -4.21
CA CYS A 73 -5.83 3.46 -5.32
C CYS A 73 -6.58 3.05 -6.61
N PRO A 74 -7.36 4.00 -7.26
CA PRO A 74 -8.17 3.68 -8.46
C PRO A 74 -7.31 3.30 -9.69
N GLY A 75 -6.47 4.24 -10.17
CA GLY A 75 -5.67 4.07 -11.38
C GLY A 75 -4.26 3.61 -11.07
N CYS A 76 -4.06 2.28 -10.96
CA CYS A 76 -2.75 1.67 -10.67
C CYS A 76 -2.79 0.13 -10.86
N GLY A 77 -1.64 -0.52 -10.61
CA GLY A 77 -1.47 -1.97 -10.83
C GLY A 77 -1.43 -2.80 -9.53
N PRO A 78 -1.48 -4.17 -9.61
CA PRO A 78 -1.47 -5.05 -8.40
C PRO A 78 -0.15 -4.97 -7.61
N ASN A 79 0.94 -4.68 -8.33
CA ASN A 79 2.28 -4.47 -7.78
C ASN A 79 2.63 -2.95 -7.75
N ASP A 80 1.61 -2.09 -7.85
CA ASP A 80 1.78 -0.64 -7.93
C ASP A 80 0.69 0.02 -7.09
N ILE A 81 1.05 0.40 -5.85
CA ILE A 81 0.09 0.87 -4.84
C ILE A 81 0.43 2.31 -4.42
N ASP A 82 -0.42 2.87 -3.55
CA ASP A 82 -0.15 4.14 -2.87
C ASP A 82 -0.07 3.91 -1.35
N MET A 83 0.60 4.84 -0.66
CA MET A 83 0.80 4.82 0.81
C MET A 83 0.69 6.27 1.30
N THR A 84 0.30 6.47 2.55
CA THR A 84 0.19 7.83 3.11
C THR A 84 1.58 8.38 3.53
N PRO A 85 1.72 9.75 3.68
CA PRO A 85 3.03 10.38 3.96
C PRO A 85 3.66 9.89 5.26
N GLY A 86 2.80 9.60 6.26
CA GLY A 86 3.23 9.12 7.58
C GLY A 86 3.75 7.69 7.60
N LEU A 87 3.75 7.04 6.41
CA LEU A 87 4.40 5.72 6.19
C LEU A 87 5.60 5.91 5.23
N PHE A 88 5.32 6.60 4.11
CA PHE A 88 6.28 6.80 3.00
C PHE A 88 7.52 7.61 3.45
N GLN A 89 7.37 8.49 4.47
CA GLN A 89 8.49 9.31 5.00
C GLN A 89 9.44 8.46 5.88
N GLN A 90 8.97 7.27 6.30
CA GLN A 90 9.83 6.22 6.92
C GLN A 90 10.45 5.37 5.83
N LEU A 91 9.65 5.01 4.80
CA LEU A 91 10.13 4.25 3.62
C LEU A 91 11.20 5.04 2.82
N GLY A 92 11.22 6.38 2.98
CA GLY A 92 12.22 7.23 2.36
C GLY A 92 11.87 8.71 2.43
N SER A 93 11.88 9.39 1.28
CA SER A 93 11.53 10.82 1.17
C SER A 93 10.39 11.00 0.16
N LEU A 94 9.44 11.91 0.46
CA LEU A 94 8.26 12.19 -0.39
C LEU A 94 8.65 12.74 -1.78
N ASP A 95 9.88 13.28 -1.88
CA ASP A 95 10.44 13.85 -3.15
C ASP A 95 10.57 12.77 -4.25
N GLU A 96 10.68 11.51 -3.83
CA GLU A 96 10.75 10.35 -4.73
C GLU A 96 9.45 10.18 -5.53
N GLY A 97 8.32 10.37 -4.83
CA GLY A 97 7.02 10.10 -5.41
C GLY A 97 6.68 8.63 -5.33
N VAL A 98 7.39 7.80 -6.12
CA VAL A 98 7.26 6.33 -6.11
C VAL A 98 8.54 5.70 -5.51
N LEU A 99 8.38 4.55 -4.83
CA LEU A 99 9.47 3.78 -4.24
C LEU A 99 9.17 2.27 -4.39
N THR A 100 10.21 1.48 -4.75
CA THR A 100 10.11 0.02 -4.83
C THR A 100 10.31 -0.58 -3.43
N VAL A 101 9.20 -1.13 -2.91
CA VAL A 101 9.14 -1.76 -1.60
C VAL A 101 8.84 -3.27 -1.75
N SER A 102 9.41 -4.07 -0.84
CA SER A 102 9.15 -5.50 -0.72
C SER A 102 8.02 -5.65 0.31
N TRP A 103 6.81 -5.88 -0.17
CA TRP A 103 5.60 -5.88 0.64
C TRP A 103 4.99 -7.28 0.78
N THR A 104 4.28 -7.48 1.90
CA THR A 104 3.54 -8.72 2.21
C THR A 104 2.29 -8.35 3.03
N LEU A 105 1.09 -8.76 2.58
CA LEU A 105 -0.18 -8.44 3.28
C LEU A 105 -0.51 -9.47 4.38
N GLY A 1 -5.93 -11.45 -20.81
CA GLY A 1 -5.98 -10.39 -19.78
C GLY A 1 -4.74 -10.41 -18.89
N HIS A 2 -4.91 -10.85 -17.62
CA HIS A 2 -3.81 -11.02 -16.65
C HIS A 2 -4.26 -11.90 -15.48
N ALA A 3 -3.29 -12.34 -14.66
CA ALA A 3 -3.55 -13.09 -13.43
C ALA A 3 -4.10 -12.15 -12.32
N PRO A 4 -5.16 -12.57 -11.55
CA PRO A 4 -5.76 -11.75 -10.44
C PRO A 4 -4.75 -11.28 -9.36
N ALA A 5 -3.56 -11.93 -9.32
CA ALA A 5 -2.47 -11.66 -8.36
C ALA A 5 -2.85 -12.14 -6.94
N GLU A 6 -3.80 -13.07 -6.89
CA GLU A 6 -4.23 -13.74 -5.66
C GLU A 6 -3.11 -14.67 -5.15
N LYS A 7 -2.62 -14.40 -3.93
CA LYS A 7 -1.56 -15.20 -3.31
C LYS A 7 -1.69 -15.10 -1.78
N ARG A 8 -1.06 -16.06 -1.07
CA ARG A 8 -1.23 -16.22 0.39
C ARG A 8 -0.49 -15.12 1.17
N SER A 9 0.85 -15.15 1.13
CA SER A 9 1.72 -14.12 1.75
C SER A 9 3.15 -14.24 1.20
N THR A 10 3.58 -13.21 0.44
CA THR A 10 4.94 -13.11 -0.12
C THR A 10 5.36 -11.64 -0.16
N THR A 11 6.64 -11.36 0.13
CA THR A 11 7.20 -10.02 0.01
C THR A 11 7.27 -9.66 -1.51
N ARG A 12 6.25 -8.90 -1.95
CA ARG A 12 5.95 -8.68 -3.37
C ARG A 12 6.53 -7.34 -3.82
N GLU A 13 7.02 -7.27 -5.07
CA GLU A 13 7.71 -6.07 -5.60
C GLU A 13 6.64 -5.05 -6.05
N GLY A 14 6.86 -3.76 -5.75
CA GLY A 14 5.91 -2.72 -6.15
C GLY A 14 6.45 -1.31 -6.06
N ARG A 15 5.74 -0.41 -6.77
CA ARG A 15 5.98 1.03 -6.75
C ARG A 15 5.00 1.68 -5.76
N GLY A 16 5.52 2.06 -4.58
CA GLY A 16 4.74 2.71 -3.53
C GLY A 16 4.90 4.22 -3.57
N THR A 17 3.82 4.92 -3.94
CA THR A 17 3.75 6.41 -3.94
C THR A 17 2.95 6.88 -2.69
N TRP A 18 3.06 8.19 -2.37
CA TRP A 18 2.26 8.80 -1.27
C TRP A 18 0.99 9.47 -1.81
N TYR A 19 -0.08 9.49 -0.99
CA TYR A 19 -1.32 10.26 -1.29
C TYR A 19 -1.73 11.05 -0.04
N ASP A 20 -2.52 12.11 -0.22
CA ASP A 20 -3.03 12.91 0.90
C ASP A 20 -4.28 12.22 1.44
N THR A 21 -4.16 11.73 2.67
CA THR A 21 -5.09 10.80 3.27
C THR A 21 -6.17 11.54 4.08
N GLY A 22 -7.45 11.18 3.84
CA GLY A 22 -8.60 11.81 4.51
C GLY A 22 -9.68 10.79 4.81
N LEU A 23 -10.07 10.02 3.79
CA LEU A 23 -11.07 8.95 3.90
C LEU A 23 -10.70 7.80 2.97
N GLY A 24 -10.47 6.62 3.56
CA GLY A 24 -10.22 5.40 2.81
C GLY A 24 -11.48 4.90 2.11
N ALA A 25 -11.28 4.17 1.01
CA ALA A 25 -12.35 3.53 0.24
C ALA A 25 -13.13 2.50 1.07
N CYS A 26 -12.43 1.90 2.05
CA CYS A 26 -13.06 1.05 3.07
C CYS A 26 -13.12 1.84 4.40
N GLY A 27 -13.88 1.32 5.39
CA GLY A 27 -14.27 2.09 6.59
C GLY A 27 -13.12 2.49 7.52
N TRP A 28 -12.39 3.55 7.13
CA TRP A 28 -11.26 4.13 7.89
C TRP A 28 -11.11 5.62 7.52
N ASN A 29 -11.51 6.52 8.43
CA ASN A 29 -11.15 7.95 8.36
C ASN A 29 -9.74 8.09 8.94
N ASN A 30 -8.78 8.47 8.09
CA ASN A 30 -7.35 8.54 8.45
C ASN A 30 -6.77 9.85 7.90
N VAL A 31 -5.62 10.28 8.45
CA VAL A 31 -4.90 11.49 8.01
C VAL A 31 -3.51 11.11 7.46
N ASN A 32 -2.78 12.10 6.92
CA ASN A 32 -1.44 11.92 6.32
C ASN A 32 -0.43 11.37 7.35
N SER A 33 -0.65 11.71 8.63
CA SER A 33 0.21 11.30 9.77
C SER A 33 0.07 9.80 10.09
N ASP A 34 -0.99 9.14 9.57
CA ASP A 34 -1.18 7.67 9.67
C ASP A 34 -0.10 6.90 8.88
N THR A 35 -0.12 5.57 9.04
CA THR A 35 0.71 4.64 8.28
C THR A 35 -0.19 3.65 7.51
N VAL A 36 -1.29 4.13 6.89
CA VAL A 36 -2.24 3.26 6.15
C VAL A 36 -1.96 3.31 4.64
N ILE A 37 -2.48 2.29 3.93
CA ILE A 37 -2.16 2.02 2.52
C ILE A 37 -3.44 2.08 1.64
N ALA A 38 -3.22 2.50 0.39
CA ALA A 38 -4.18 2.41 -0.71
C ALA A 38 -3.68 1.34 -1.69
N LEU A 39 -4.47 0.30 -1.89
CA LEU A 39 -4.09 -0.86 -2.73
C LEU A 39 -4.75 -0.72 -4.11
N SER A 40 -4.30 -1.55 -5.07
CA SER A 40 -5.02 -1.81 -6.34
C SER A 40 -6.57 -1.92 -6.12
N PRO A 41 -7.44 -1.57 -7.13
CA PRO A 41 -8.92 -1.49 -6.92
C PRO A 41 -9.53 -2.83 -6.45
N SER A 42 -10.77 -2.77 -5.95
CA SER A 42 -11.46 -3.93 -5.32
C SER A 42 -11.85 -5.00 -6.37
N VAL A 43 -11.70 -4.67 -7.67
CA VAL A 43 -11.82 -5.64 -8.77
C VAL A 43 -10.62 -6.63 -8.78
N TYR A 44 -9.46 -6.17 -8.25
CA TYR A 44 -8.24 -7.00 -8.08
C TYR A 44 -8.13 -7.53 -6.63
N SER A 45 -8.42 -6.63 -5.68
CA SER A 45 -8.29 -6.88 -4.23
C SER A 45 -9.48 -7.66 -3.65
N GLY A 46 -10.56 -7.81 -4.45
CA GLY A 46 -11.76 -8.56 -4.06
C GLY A 46 -12.47 -8.05 -2.80
N GLY A 47 -12.11 -6.83 -2.33
CA GLY A 47 -12.58 -6.30 -1.04
C GLY A 47 -11.83 -6.87 0.17
N SER A 48 -11.15 -8.03 -0.03
CA SER A 48 -10.55 -8.83 1.05
C SER A 48 -9.29 -8.17 1.63
N HIS A 49 -8.75 -7.16 0.93
CA HIS A 49 -7.47 -6.52 1.29
C HIS A 49 -7.68 -5.41 2.33
N CYS A 50 -8.90 -4.87 2.43
CA CYS A 50 -9.24 -3.88 3.46
C CYS A 50 -9.18 -4.54 4.86
N GLY A 51 -8.26 -4.05 5.72
CA GLY A 51 -8.01 -4.64 7.05
C GLY A 51 -6.70 -5.42 7.11
N GLN A 52 -6.11 -5.74 5.94
CA GLN A 52 -4.89 -6.56 5.88
C GLN A 52 -3.66 -5.69 6.16
N THR A 53 -2.90 -6.12 7.18
CA THR A 53 -1.65 -5.49 7.59
C THR A 53 -0.51 -5.96 6.64
N VAL A 54 -0.10 -5.06 5.73
CA VAL A 54 0.93 -5.31 4.70
C VAL A 54 2.28 -4.71 5.14
N THR A 55 3.31 -5.56 5.28
CA THR A 55 4.66 -5.11 5.65
C THR A 55 5.44 -4.66 4.39
N VAL A 56 5.71 -3.35 4.31
CA VAL A 56 6.39 -2.73 3.16
C VAL A 56 7.90 -2.54 3.49
N THR A 57 8.80 -2.91 2.55
CA THR A 57 10.28 -2.76 2.74
C THR A 57 10.92 -2.14 1.49
N ASN A 58 11.37 -0.87 1.62
CA ASN A 58 12.08 -0.16 0.54
C ASN A 58 13.39 -0.91 0.21
N VAL A 59 13.44 -1.47 -1.01
CA VAL A 59 14.54 -2.39 -1.44
C VAL A 59 15.88 -1.64 -1.63
N VAL A 60 15.84 -0.30 -1.75
CA VAL A 60 17.05 0.52 -1.94
C VAL A 60 17.76 0.75 -0.59
N THR A 61 17.11 1.53 0.31
CA THR A 61 17.73 1.95 1.59
C THR A 61 17.64 0.83 2.66
N GLY A 62 16.71 -0.13 2.48
CA GLY A 62 16.52 -1.22 3.44
C GLY A 62 15.45 -0.92 4.48
N ALA A 63 15.06 0.36 4.59
CA ALA A 63 14.06 0.84 5.55
C ALA A 63 12.70 0.18 5.29
N LYS A 64 12.07 -0.31 6.37
CA LYS A 64 10.76 -0.97 6.31
C LYS A 64 9.79 -0.39 7.35
N ALA A 65 8.52 -0.76 7.18
CA ALA A 65 7.43 -0.47 8.12
C ALA A 65 6.23 -1.34 7.74
N THR A 66 5.12 -1.18 8.46
CA THR A 66 3.90 -1.97 8.23
C THR A 66 2.68 -1.04 8.23
N GLY A 67 1.76 -1.30 7.28
CA GLY A 67 0.57 -0.47 7.10
C GLY A 67 -0.65 -1.30 6.71
N THR A 68 -1.80 -1.01 7.34
CA THR A 68 -3.07 -1.66 7.01
C THR A 68 -3.70 -1.01 5.76
N VAL A 69 -4.21 -1.84 4.84
CA VAL A 69 -4.94 -1.34 3.67
C VAL A 69 -6.30 -0.79 4.11
N ALA A 70 -6.47 0.52 3.94
CA ALA A 70 -7.70 1.26 4.30
C ALA A 70 -8.38 1.78 3.02
N ASP A 71 -7.56 2.05 1.99
CA ASP A 71 -8.02 2.77 0.78
C ASP A 71 -7.68 1.97 -0.50
N GLU A 72 -8.22 2.45 -1.64
CA GLU A 72 -7.96 1.88 -2.97
C GLU A 72 -7.28 2.91 -3.89
N CYS A 73 -6.82 2.42 -5.05
CA CYS A 73 -6.24 3.23 -6.12
C CYS A 73 -6.57 2.55 -7.47
N PRO A 74 -7.67 2.98 -8.19
CA PRO A 74 -8.08 2.42 -9.50
C PRO A 74 -6.93 2.30 -10.54
N GLY A 75 -6.19 3.41 -10.70
CA GLY A 75 -5.08 3.50 -11.68
C GLY A 75 -3.85 2.69 -11.30
N CYS A 76 -3.76 2.29 -10.03
CA CYS A 76 -2.67 1.45 -9.53
C CYS A 76 -2.91 -0.02 -9.94
N GLY A 77 -1.97 -0.57 -10.72
CA GLY A 77 -1.96 -2.00 -11.07
C GLY A 77 -1.58 -2.88 -9.87
N PRO A 78 -1.57 -4.23 -10.01
CA PRO A 78 -1.25 -5.15 -8.88
C PRO A 78 0.24 -5.14 -8.47
N ASN A 79 1.06 -4.30 -9.15
CA ASN A 79 2.47 -4.04 -8.77
C ASN A 79 2.65 -2.56 -8.32
N ASP A 80 1.51 -1.89 -8.06
CA ASP A 80 1.48 -0.45 -7.75
C ASP A 80 0.61 -0.24 -6.52
N ILE A 81 1.12 0.54 -5.55
CA ILE A 81 0.38 0.92 -4.34
C ILE A 81 0.60 2.41 -4.03
N ASP A 82 -0.36 2.99 -3.32
CA ASP A 82 -0.23 4.28 -2.64
C ASP A 82 -0.13 4.01 -1.13
N MET A 83 0.44 4.98 -0.40
CA MET A 83 0.64 4.92 1.06
C MET A 83 0.47 6.34 1.62
N THR A 84 0.22 6.44 2.92
CA THR A 84 0.26 7.73 3.63
C THR A 84 1.67 8.38 3.50
N PRO A 85 1.77 9.74 3.42
CA PRO A 85 3.07 10.44 3.32
C PRO A 85 3.94 10.21 4.56
N GLY A 86 3.26 10.05 5.73
CA GLY A 86 3.91 9.72 6.99
C GLY A 86 4.64 8.38 6.96
N LEU A 87 4.02 7.39 6.28
CA LEU A 87 4.62 6.05 6.06
C LEU A 87 5.75 6.15 5.01
N PHE A 88 5.46 6.91 3.94
CA PHE A 88 6.33 7.06 2.76
C PHE A 88 7.69 7.68 3.13
N GLN A 89 7.68 8.70 4.01
CA GLN A 89 8.92 9.36 4.47
C GLN A 89 9.71 8.52 5.50
N GLN A 90 9.09 7.44 6.02
CA GLN A 90 9.79 6.45 6.88
C GLN A 90 10.46 5.39 6.00
N LEU A 91 9.77 4.98 4.92
CA LEU A 91 10.33 4.07 3.91
C LEU A 91 11.49 4.74 3.13
N GLY A 92 11.36 6.04 2.83
CA GLY A 92 12.35 6.80 2.07
C GLY A 92 12.22 8.30 2.30
N SER A 93 11.99 9.07 1.22
CA SER A 93 11.83 10.54 1.29
C SER A 93 10.69 10.97 0.34
N LEU A 94 9.97 12.05 0.69
CA LEU A 94 8.89 12.62 -0.16
C LEU A 94 9.43 13.04 -1.55
N ASP A 95 10.68 13.56 -1.57
CA ASP A 95 11.37 14.00 -2.82
C ASP A 95 11.55 12.86 -3.85
N GLU A 96 11.58 11.61 -3.35
CA GLU A 96 11.71 10.40 -4.19
C GLU A 96 10.53 10.29 -5.19
N GLY A 97 9.34 10.79 -4.78
CA GLY A 97 8.12 10.74 -5.61
C GLY A 97 7.43 9.38 -5.53
N VAL A 98 8.17 8.36 -5.98
CA VAL A 98 7.83 6.94 -5.81
C VAL A 98 8.97 6.25 -5.04
N LEU A 99 8.65 5.15 -4.36
CA LEU A 99 9.63 4.28 -3.70
C LEU A 99 9.51 2.86 -4.25
N THR A 100 10.66 2.25 -4.54
CA THR A 100 10.72 0.84 -4.91
C THR A 100 10.64 0.02 -3.62
N VAL A 101 9.43 -0.48 -3.31
CA VAL A 101 9.13 -1.16 -2.05
C VAL A 101 8.75 -2.62 -2.32
N SER A 102 8.95 -3.44 -1.29
CA SER A 102 8.58 -4.84 -1.31
C SER A 102 7.50 -5.02 -0.23
N TRP A 103 6.26 -5.02 -0.70
CA TRP A 103 5.05 -5.01 0.13
C TRP A 103 4.48 -6.43 0.19
N THR A 104 4.34 -6.97 1.41
CA THR A 104 3.97 -8.38 1.62
C THR A 104 2.46 -8.58 1.38
N LEU A 105 2.15 -9.28 0.27
CA LEU A 105 0.77 -9.64 -0.11
C LEU A 105 0.80 -11.13 -0.55
N GLY A 1 -15.60 -8.66 -7.96
CA GLY A 1 -14.77 -9.65 -8.66
C GLY A 1 -14.46 -10.88 -7.81
N HIS A 2 -14.19 -12.02 -8.49
CA HIS A 2 -14.02 -13.34 -7.85
C HIS A 2 -12.51 -13.66 -7.69
N ALA A 3 -11.77 -12.73 -7.05
CA ALA A 3 -10.35 -12.94 -6.71
C ALA A 3 -10.22 -13.73 -5.39
N PRO A 4 -9.47 -14.88 -5.37
CA PRO A 4 -9.36 -15.76 -4.18
C PRO A 4 -8.69 -15.06 -2.98
N ALA A 5 -9.39 -15.04 -1.82
CA ALA A 5 -8.86 -14.48 -0.57
C ALA A 5 -7.69 -15.33 -0.03
N GLU A 6 -7.68 -16.62 -0.41
CA GLU A 6 -6.64 -17.58 -0.04
C GLU A 6 -5.47 -17.51 -1.05
N LYS A 7 -4.40 -16.81 -0.65
CA LYS A 7 -3.11 -16.81 -1.38
C LYS A 7 -1.99 -17.04 -0.34
N ARG A 8 -0.82 -17.48 -0.81
CA ARG A 8 0.37 -17.61 0.04
C ARG A 8 1.02 -16.23 0.21
N SER A 9 0.86 -15.65 1.42
CA SER A 9 1.38 -14.31 1.75
C SER A 9 2.91 -14.26 1.55
N THR A 10 3.33 -13.51 0.53
CA THR A 10 4.71 -13.53 0.01
C THR A 10 5.24 -12.10 -0.06
N THR A 11 6.55 -11.94 0.21
CA THR A 11 7.20 -10.64 0.05
C THR A 11 7.32 -10.35 -1.47
N ARG A 12 6.37 -9.56 -1.97
CA ARG A 12 6.26 -9.23 -3.39
C ARG A 12 6.86 -7.84 -3.57
N GLU A 13 7.56 -7.61 -4.70
CA GLU A 13 8.22 -6.33 -4.97
C GLU A 13 7.33 -5.49 -5.89
N GLY A 14 7.48 -4.16 -5.81
CA GLY A 14 6.78 -3.26 -6.70
C GLY A 14 7.02 -1.81 -6.36
N ARG A 15 6.33 -0.93 -7.07
CA ARG A 15 6.41 0.52 -6.84
C ARG A 15 5.48 0.91 -5.67
N GLY A 16 5.85 2.00 -4.97
CA GLY A 16 5.05 2.53 -3.86
C GLY A 16 4.97 4.04 -4.00
N THR A 17 3.75 4.59 -3.97
CA THR A 17 3.51 6.05 -4.06
C THR A 17 2.84 6.58 -2.77
N TRP A 18 2.85 7.92 -2.55
CA TRP A 18 2.14 8.57 -1.42
C TRP A 18 0.89 9.33 -1.93
N TYR A 19 -0.23 9.25 -1.18
CA TYR A 19 -1.45 10.05 -1.47
C TYR A 19 -1.71 11.05 -0.34
N ASP A 20 -2.59 12.03 -0.59
CA ASP A 20 -3.02 13.01 0.43
C ASP A 20 -4.18 12.41 1.23
N THR A 21 -3.95 12.19 2.52
CA THR A 21 -4.84 11.39 3.38
C THR A 21 -5.95 12.25 4.05
N GLY A 22 -7.17 11.68 4.13
CA GLY A 22 -8.32 12.33 4.79
C GLY A 22 -9.35 11.30 5.26
N LEU A 23 -10.06 10.69 4.30
CA LEU A 23 -11.04 9.62 4.57
C LEU A 23 -10.59 8.34 3.87
N GLY A 24 -10.64 7.23 4.60
CA GLY A 24 -10.32 5.91 4.08
C GLY A 24 -11.36 5.47 3.05
N ALA A 25 -10.90 5.25 1.79
CA ALA A 25 -11.77 4.76 0.69
C ALA A 25 -12.37 3.38 1.02
N CYS A 26 -11.68 2.63 1.88
CA CYS A 26 -12.23 1.45 2.56
C CYS A 26 -12.52 1.93 4.00
N GLY A 27 -13.64 1.46 4.60
CA GLY A 27 -14.31 2.14 5.75
C GLY A 27 -13.42 2.62 6.90
N TRP A 28 -12.83 3.84 6.75
CA TRP A 28 -11.87 4.43 7.71
C TRP A 28 -11.87 5.97 7.61
N ASN A 29 -11.11 6.59 8.52
CA ASN A 29 -10.77 8.03 8.49
C ASN A 29 -9.34 8.16 9.05
N ASN A 30 -8.46 8.91 8.36
CA ASN A 30 -7.02 8.98 8.71
C ASN A 30 -6.47 10.40 8.43
N VAL A 31 -5.30 10.71 9.02
CA VAL A 31 -4.57 11.99 8.80
C VAL A 31 -3.25 11.71 8.04
N ASN A 32 -2.53 12.81 7.72
CA ASN A 32 -1.24 12.77 6.98
C ASN A 32 -0.18 11.91 7.71
N SER A 33 -0.18 11.99 9.06
CA SER A 33 0.79 11.32 9.94
C SER A 33 0.46 9.81 10.16
N ASP A 34 -0.59 9.31 9.48
CA ASP A 34 -0.98 7.88 9.56
C ASP A 34 -0.04 7.00 8.74
N THR A 35 -0.22 5.68 8.91
CA THR A 35 0.60 4.65 8.27
C THR A 35 -0.30 3.61 7.58
N VAL A 36 -1.39 4.07 6.94
CA VAL A 36 -2.34 3.17 6.25
C VAL A 36 -2.03 3.16 4.74
N ILE A 37 -2.44 2.07 4.09
CA ILE A 37 -2.04 1.76 2.71
C ILE A 37 -3.28 1.83 1.77
N ALA A 38 -3.01 2.25 0.54
CA ALA A 38 -3.96 2.26 -0.58
C ALA A 38 -3.54 1.18 -1.58
N LEU A 39 -4.40 0.19 -1.79
CA LEU A 39 -4.05 -1.01 -2.61
C LEU A 39 -4.85 -1.02 -3.93
N SER A 40 -4.32 -1.80 -4.92
CA SER A 40 -4.93 -2.04 -6.24
C SER A 40 -6.46 -2.32 -6.12
N PRO A 41 -7.29 -1.77 -7.10
CA PRO A 41 -8.78 -1.63 -6.97
C PRO A 41 -9.47 -2.82 -6.28
N SER A 42 -10.34 -2.53 -5.27
CA SER A 42 -10.91 -3.55 -4.36
C SER A 42 -11.62 -4.68 -5.13
N VAL A 43 -12.42 -4.30 -6.14
CA VAL A 43 -13.16 -5.26 -6.98
C VAL A 43 -12.19 -6.16 -7.82
N TYR A 44 -10.98 -5.63 -8.11
CA TYR A 44 -9.95 -6.36 -8.86
C TYR A 44 -9.20 -7.34 -7.93
N SER A 45 -9.02 -6.92 -6.66
CA SER A 45 -8.34 -7.73 -5.62
C SER A 45 -9.35 -8.51 -4.76
N GLY A 46 -10.66 -8.43 -5.12
CA GLY A 46 -11.73 -9.14 -4.41
C GLY A 46 -12.09 -8.53 -3.05
N GLY A 47 -11.42 -7.43 -2.67
CA GLY A 47 -11.56 -6.83 -1.35
C GLY A 47 -10.75 -7.56 -0.28
N SER A 48 -9.87 -8.47 -0.76
CA SER A 48 -9.06 -9.35 0.11
C SER A 48 -7.85 -8.62 0.72
N HIS A 49 -7.65 -7.35 0.34
CA HIS A 49 -6.61 -6.49 0.95
C HIS A 49 -7.22 -5.53 2.01
N CYS A 50 -8.55 -5.25 1.92
CA CYS A 50 -9.26 -4.33 2.86
C CYS A 50 -9.16 -4.83 4.32
N GLY A 51 -8.55 -3.99 5.18
CA GLY A 51 -8.43 -4.28 6.61
C GLY A 51 -7.18 -5.07 6.98
N GLN A 52 -6.54 -5.66 5.97
CA GLN A 52 -5.37 -6.50 6.14
C GLN A 52 -4.12 -5.62 6.25
N THR A 53 -3.27 -5.88 7.28
CA THR A 53 -2.01 -5.17 7.44
C THR A 53 -0.95 -5.77 6.50
N VAL A 54 -0.15 -4.89 5.89
CA VAL A 54 0.87 -5.25 4.91
C VAL A 54 2.20 -4.65 5.36
N THR A 55 3.24 -5.50 5.40
CA THR A 55 4.60 -5.06 5.72
C THR A 55 5.33 -4.63 4.44
N VAL A 56 5.57 -3.32 4.33
CA VAL A 56 6.27 -2.71 3.19
C VAL A 56 7.75 -2.46 3.57
N THR A 57 8.69 -2.84 2.69
CA THR A 57 10.14 -2.72 2.93
C THR A 57 10.83 -2.17 1.67
N ASN A 58 11.21 -0.87 1.70
CA ASN A 58 11.87 -0.19 0.57
C ASN A 58 13.25 -0.81 0.32
N VAL A 59 13.44 -1.34 -0.91
CA VAL A 59 14.65 -2.09 -1.30
C VAL A 59 15.91 -1.18 -1.43
N VAL A 60 15.71 0.15 -1.55
CA VAL A 60 16.80 1.12 -1.81
C VAL A 60 17.58 1.42 -0.52
N THR A 61 16.88 2.00 0.46
CA THR A 61 17.48 2.42 1.76
C THR A 61 17.42 1.27 2.78
N GLY A 62 16.54 0.28 2.54
CA GLY A 62 16.35 -0.85 3.46
C GLY A 62 15.40 -0.53 4.61
N ALA A 63 14.54 0.49 4.41
CA ALA A 63 13.57 0.92 5.44
C ALA A 63 12.34 0.00 5.45
N LYS A 64 11.92 -0.42 6.66
CA LYS A 64 10.80 -1.35 6.86
C LYS A 64 9.72 -0.71 7.74
N ALA A 65 8.46 -0.96 7.40
CA ALA A 65 7.28 -0.50 8.14
C ALA A 65 6.08 -1.39 7.79
N THR A 66 5.01 -1.30 8.60
CA THR A 66 3.79 -2.12 8.42
C THR A 66 2.56 -1.23 8.58
N GLY A 67 1.51 -1.45 7.76
CA GLY A 67 0.30 -0.63 7.82
C GLY A 67 -0.91 -1.31 7.22
N THR A 68 -2.11 -1.02 7.76
CA THR A 68 -3.36 -1.63 7.32
C THR A 68 -3.88 -0.94 6.04
N VAL A 69 -4.27 -1.75 5.05
CA VAL A 69 -4.92 -1.24 3.83
C VAL A 69 -6.30 -0.65 4.20
N ALA A 70 -6.38 0.68 4.13
CA ALA A 70 -7.59 1.44 4.50
C ALA A 70 -8.08 2.25 3.30
N ASP A 71 -7.30 2.26 2.21
CA ASP A 71 -7.66 2.99 0.98
C ASP A 71 -7.56 2.11 -0.27
N GLU A 72 -8.23 2.60 -1.31
CA GLU A 72 -8.29 1.97 -2.63
C GLU A 72 -7.46 2.86 -3.57
N CYS A 73 -6.76 2.23 -4.51
CA CYS A 73 -5.83 2.91 -5.42
C CYS A 73 -6.15 2.50 -6.87
N PRO A 74 -7.05 3.27 -7.56
CA PRO A 74 -7.37 3.04 -8.99
C PRO A 74 -6.17 3.33 -9.91
N GLY A 75 -5.37 4.36 -9.53
CA GLY A 75 -4.25 4.84 -10.34
C GLY A 75 -2.93 4.12 -10.05
N CYS A 76 -2.99 2.78 -10.01
CA CYS A 76 -1.81 1.91 -9.84
C CYS A 76 -2.10 0.51 -10.40
N GLY A 77 -1.07 -0.08 -11.04
CA GLY A 77 -1.14 -1.41 -11.64
C GLY A 77 -0.93 -2.54 -10.63
N PRO A 78 -0.98 -3.84 -11.06
CA PRO A 78 -0.82 -5.01 -10.14
C PRO A 78 0.63 -5.17 -9.59
N ASN A 79 1.55 -4.30 -10.05
CA ASN A 79 2.95 -4.23 -9.55
C ASN A 79 3.21 -2.88 -8.86
N ASP A 80 2.13 -2.13 -8.59
CA ASP A 80 2.19 -0.78 -8.05
C ASP A 80 1.22 -0.66 -6.86
N ILE A 81 1.63 0.01 -5.79
CA ILE A 81 0.78 0.30 -4.63
C ILE A 81 0.94 1.77 -4.21
N ASP A 82 0.08 2.21 -3.30
CA ASP A 82 0.03 3.58 -2.81
C ASP A 82 -0.07 3.53 -1.28
N MET A 83 0.29 4.62 -0.58
CA MET A 83 0.28 4.66 0.90
C MET A 83 0.26 6.11 1.43
N THR A 84 -0.01 6.25 2.73
CA THR A 84 0.04 7.56 3.44
C THR A 84 1.44 8.21 3.36
N PRO A 85 1.53 9.59 3.41
CA PRO A 85 2.83 10.29 3.40
C PRO A 85 3.63 10.05 4.70
N GLY A 86 2.90 9.88 5.82
CA GLY A 86 3.48 9.54 7.12
C GLY A 86 4.19 8.19 7.11
N LEU A 87 3.69 7.27 6.28
CA LEU A 87 4.31 5.95 6.06
C LEU A 87 5.46 6.07 5.05
N PHE A 88 5.18 6.74 3.92
CA PHE A 88 6.07 6.77 2.76
C PHE A 88 7.37 7.55 3.03
N GLN A 89 7.31 8.53 3.97
CA GLN A 89 8.50 9.25 4.44
C GLN A 89 9.42 8.30 5.24
N GLN A 90 8.80 7.34 5.97
CA GLN A 90 9.52 6.31 6.75
C GLN A 90 10.12 5.26 5.80
N LEU A 91 9.42 4.99 4.68
CA LEU A 91 9.95 4.13 3.59
C LEU A 91 11.10 4.82 2.82
N GLY A 92 11.07 6.15 2.71
CA GLY A 92 12.12 6.90 2.01
C GLY A 92 11.85 8.39 1.91
N SER A 93 11.35 8.85 0.73
CA SER A 93 11.19 10.28 0.45
C SER A 93 9.91 10.55 -0.37
N LEU A 94 9.15 11.57 0.08
CA LEU A 94 7.92 12.03 -0.59
C LEU A 94 8.23 12.77 -1.90
N ASP A 95 9.38 13.46 -1.91
CA ASP A 95 9.84 14.31 -3.05
C ASP A 95 10.10 13.47 -4.32
N GLU A 96 10.52 12.20 -4.13
CA GLU A 96 10.74 11.27 -5.24
C GLU A 96 9.38 10.80 -5.81
N GLY A 97 8.37 10.72 -4.92
CA GLY A 97 7.00 10.39 -5.32
C GLY A 97 6.74 8.90 -5.34
N VAL A 98 7.62 8.15 -6.03
CA VAL A 98 7.54 6.69 -6.11
C VAL A 98 8.89 6.06 -5.73
N LEU A 99 8.86 5.07 -4.82
CA LEU A 99 10.02 4.25 -4.43
C LEU A 99 9.66 2.76 -4.54
N THR A 100 10.66 1.92 -4.86
CA THR A 100 10.48 0.47 -4.98
C THR A 100 10.47 -0.17 -3.58
N VAL A 101 9.29 -0.66 -3.19
CA VAL A 101 9.04 -1.30 -1.90
C VAL A 101 8.67 -2.77 -2.11
N SER A 102 8.94 -3.59 -1.10
CA SER A 102 8.61 -5.01 -1.09
C SER A 102 7.55 -5.23 0.00
N TRP A 103 6.32 -5.54 -0.43
CA TRP A 103 5.13 -5.64 0.43
C TRP A 103 4.61 -7.10 0.49
N THR A 104 4.35 -7.60 1.71
CA THR A 104 3.85 -8.99 1.92
C THR A 104 2.31 -9.00 2.07
N LEU A 105 1.62 -9.55 1.04
CA LEU A 105 0.20 -9.95 1.09
C LEU A 105 -0.21 -10.46 -0.32
N GLY A 1 -8.75 -20.37 -18.97
CA GLY A 1 -7.83 -21.16 -18.13
C GLY A 1 -8.44 -22.48 -17.70
N HIS A 2 -7.63 -23.58 -17.75
CA HIS A 2 -8.08 -24.93 -17.36
C HIS A 2 -8.42 -25.01 -15.86
N ALA A 3 -7.63 -24.25 -15.05
CA ALA A 3 -7.79 -24.16 -13.59
C ALA A 3 -6.98 -22.96 -13.07
N PRO A 4 -7.57 -21.72 -13.07
CA PRO A 4 -6.92 -20.52 -12.47
C PRO A 4 -6.75 -20.65 -10.94
N ALA A 5 -5.65 -20.11 -10.40
CA ALA A 5 -5.26 -20.30 -8.99
C ALA A 5 -4.72 -19.00 -8.38
N GLU A 6 -4.80 -18.91 -7.04
CA GLU A 6 -4.37 -17.73 -6.25
C GLU A 6 -3.57 -18.20 -5.03
N LYS A 7 -2.67 -17.36 -4.51
CA LYS A 7 -1.66 -17.75 -3.48
C LYS A 7 -2.02 -17.22 -2.08
N ARG A 8 -3.21 -16.57 -1.95
CA ARG A 8 -3.68 -15.86 -0.74
C ARG A 8 -2.85 -14.57 -0.52
N SER A 9 -1.58 -14.74 -0.16
CA SER A 9 -0.57 -13.67 -0.12
C SER A 9 0.75 -14.22 -0.70
N THR A 10 1.54 -13.33 -1.30
CA THR A 10 2.82 -13.68 -1.90
C THR A 10 3.78 -12.48 -1.79
N THR A 11 4.99 -12.73 -1.26
CA THR A 11 6.00 -11.70 -1.07
C THR A 11 6.50 -11.21 -2.44
N ARG A 12 6.30 -9.92 -2.69
CA ARG A 12 6.57 -9.29 -3.99
C ARG A 12 7.15 -7.89 -3.79
N GLU A 13 7.48 -7.23 -4.90
CA GLU A 13 8.06 -5.89 -4.92
C GLU A 13 7.33 -5.07 -6.00
N GLY A 14 7.45 -3.75 -5.89
CA GLY A 14 6.91 -2.85 -6.89
C GLY A 14 7.03 -1.42 -6.46
N ARG A 15 6.40 -0.52 -7.22
CA ARG A 15 6.31 0.90 -6.89
C ARG A 15 5.39 1.09 -5.67
N GLY A 16 5.70 2.09 -4.86
CA GLY A 16 4.90 2.47 -3.70
C GLY A 16 4.92 3.98 -3.59
N THR A 17 3.78 4.61 -3.85
CA THR A 17 3.66 6.08 -4.00
C THR A 17 2.81 6.64 -2.86
N TRP A 18 2.83 7.97 -2.61
CA TRP A 18 2.00 8.59 -1.54
C TRP A 18 0.81 9.36 -2.12
N TYR A 19 -0.28 9.48 -1.32
CA TYR A 19 -1.46 10.30 -1.68
C TYR A 19 -1.83 11.28 -0.56
N ASP A 20 -2.75 12.21 -0.85
CA ASP A 20 -3.27 13.16 0.13
C ASP A 20 -4.42 12.48 0.90
N THR A 21 -4.12 12.11 2.15
CA THR A 21 -4.98 11.24 2.95
C THR A 21 -6.09 12.03 3.67
N GLY A 22 -7.30 11.42 3.75
CA GLY A 22 -8.44 12.00 4.46
C GLY A 22 -9.37 10.92 5.00
N LEU A 23 -9.89 10.09 4.08
CA LEU A 23 -10.82 9.00 4.39
C LEU A 23 -10.58 7.83 3.41
N GLY A 24 -10.31 6.64 3.96
CA GLY A 24 -10.07 5.41 3.17
C GLY A 24 -11.36 4.80 2.62
N ALA A 25 -11.21 3.89 1.64
CA ALA A 25 -12.33 3.14 1.01
C ALA A 25 -13.01 2.20 2.03
N CYS A 26 -12.24 1.82 3.05
CA CYS A 26 -12.70 1.04 4.19
C CYS A 26 -12.85 1.97 5.42
N GLY A 27 -13.35 1.43 6.54
CA GLY A 27 -13.66 2.23 7.74
C GLY A 27 -12.43 2.75 8.50
N TRP A 28 -11.77 3.78 7.94
CA TRP A 28 -10.58 4.44 8.53
C TRP A 28 -10.56 5.91 8.07
N ASN A 29 -10.60 6.85 9.03
CA ASN A 29 -10.43 8.28 8.75
C ASN A 29 -9.04 8.71 9.29
N ASN A 30 -8.17 9.17 8.39
CA ASN A 30 -6.74 9.39 8.68
C ASN A 30 -6.22 10.64 7.99
N VAL A 31 -5.30 11.36 8.66
CA VAL A 31 -4.58 12.50 8.07
C VAL A 31 -3.33 12.00 7.32
N ASN A 32 -2.65 12.95 6.65
CA ASN A 32 -1.42 12.67 5.86
C ASN A 32 -0.30 12.06 6.73
N SER A 33 -0.21 12.50 8.01
CA SER A 33 0.82 12.03 8.96
C SER A 33 0.60 10.57 9.43
N ASP A 34 -0.62 10.04 9.25
CA ASP A 34 -0.97 8.65 9.65
C ASP A 34 -0.39 7.63 8.65
N THR A 35 -0.50 6.34 8.99
CA THR A 35 0.16 5.24 8.25
C THR A 35 -0.85 4.14 7.84
N VAL A 36 -1.49 4.33 6.67
CA VAL A 36 -2.34 3.31 6.03
C VAL A 36 -1.97 3.20 4.53
N ILE A 37 -2.48 2.14 3.89
CA ILE A 37 -2.15 1.79 2.50
C ILE A 37 -3.42 1.81 1.62
N ALA A 38 -3.23 2.23 0.37
CA ALA A 38 -4.19 2.10 -0.70
C ALA A 38 -3.68 1.03 -1.69
N LEU A 39 -4.35 -0.13 -1.72
CA LEU A 39 -3.92 -1.30 -2.56
C LEU A 39 -4.78 -1.31 -3.84
N SER A 40 -4.39 -2.10 -4.87
CA SER A 40 -5.15 -2.25 -6.14
C SER A 40 -6.69 -2.35 -5.91
N PRO A 41 -7.55 -1.82 -6.85
CA PRO A 41 -9.01 -1.62 -6.59
C PRO A 41 -9.72 -2.94 -6.25
N SER A 42 -10.71 -2.87 -5.35
CA SER A 42 -11.36 -4.04 -4.72
C SER A 42 -11.97 -5.04 -5.75
N VAL A 43 -12.27 -4.56 -6.96
CA VAL A 43 -12.72 -5.40 -8.08
C VAL A 43 -11.62 -6.41 -8.53
N TYR A 44 -10.36 -5.96 -8.53
CA TYR A 44 -9.18 -6.78 -8.88
C TYR A 44 -8.57 -7.43 -7.62
N SER A 45 -8.76 -6.74 -6.48
CA SER A 45 -8.17 -7.11 -5.19
C SER A 45 -9.02 -8.15 -4.44
N GLY A 46 -10.23 -8.42 -4.97
CA GLY A 46 -11.17 -9.39 -4.39
C GLY A 46 -11.78 -8.95 -3.07
N GLY A 47 -11.52 -7.70 -2.66
CA GLY A 47 -11.99 -7.16 -1.38
C GLY A 47 -11.14 -7.60 -0.17
N SER A 48 -10.45 -8.75 -0.29
CA SER A 48 -9.78 -9.43 0.85
C SER A 48 -8.50 -8.71 1.32
N HIS A 49 -8.05 -7.67 0.57
CA HIS A 49 -6.85 -6.91 0.93
C HIS A 49 -7.21 -5.78 1.91
N CYS A 50 -8.52 -5.43 1.98
CA CYS A 50 -9.03 -4.41 2.91
C CYS A 50 -8.84 -4.86 4.38
N GLY A 51 -8.05 -4.09 5.12
CA GLY A 51 -7.87 -4.27 6.57
C GLY A 51 -6.58 -4.98 6.92
N GLN A 52 -5.90 -5.55 5.92
CA GLN A 52 -4.72 -6.39 6.13
C GLN A 52 -3.50 -5.54 6.52
N THR A 53 -2.84 -5.95 7.62
CA THR A 53 -1.65 -5.27 8.15
C THR A 53 -0.40 -5.75 7.37
N VAL A 54 0.12 -4.86 6.49
CA VAL A 54 1.21 -5.17 5.54
C VAL A 54 2.49 -4.41 5.91
N THR A 55 3.60 -5.14 6.04
CA THR A 55 4.91 -4.54 6.29
C THR A 55 5.57 -4.26 4.93
N VAL A 56 5.53 -2.98 4.50
CA VAL A 56 6.15 -2.54 3.25
C VAL A 56 7.63 -2.23 3.53
N THR A 57 8.54 -2.62 2.62
CA THR A 57 9.99 -2.53 2.83
C THR A 57 10.70 -1.90 1.63
N ASN A 58 11.19 -0.66 1.79
CA ASN A 58 11.95 0.04 0.75
C ASN A 58 13.23 -0.75 0.42
N VAL A 59 13.31 -1.25 -0.81
CA VAL A 59 14.39 -2.15 -1.25
C VAL A 59 15.76 -1.43 -1.37
N VAL A 60 15.75 -0.08 -1.31
CA VAL A 60 16.95 0.75 -1.53
C VAL A 60 17.72 0.95 -0.21
N THR A 61 17.04 1.53 0.80
CA THR A 61 17.66 1.86 2.11
C THR A 61 17.37 0.78 3.17
N GLY A 62 16.46 -0.17 2.86
CA GLY A 62 16.13 -1.27 3.77
C GLY A 62 15.12 -0.92 4.85
N ALA A 63 14.68 0.36 4.87
CA ALA A 63 13.70 0.85 5.85
C ALA A 63 12.33 0.22 5.58
N LYS A 64 11.70 -0.31 6.65
CA LYS A 64 10.43 -1.04 6.58
C LYS A 64 9.46 -0.52 7.64
N ALA A 65 8.18 -0.39 7.25
CA ALA A 65 7.10 0.08 8.13
C ALA A 65 5.82 -0.68 7.81
N THR A 66 4.99 -0.87 8.84
CA THR A 66 3.74 -1.63 8.74
C THR A 66 2.54 -0.67 8.69
N GLY A 67 1.72 -0.81 7.65
CA GLY A 67 0.46 -0.08 7.52
C GLY A 67 -0.68 -1.00 7.13
N THR A 68 -1.88 -0.76 7.67
CA THR A 68 -3.10 -1.48 7.28
C THR A 68 -3.64 -0.91 5.97
N VAL A 69 -4.01 -1.77 5.03
CA VAL A 69 -4.69 -1.36 3.80
C VAL A 69 -6.08 -0.81 4.16
N ALA A 70 -6.24 0.51 4.09
CA ALA A 70 -7.50 1.18 4.43
C ALA A 70 -8.20 1.72 3.18
N ASP A 71 -7.50 1.77 2.04
CA ASP A 71 -8.03 2.37 0.81
C ASP A 71 -7.72 1.50 -0.43
N GLU A 72 -8.42 1.79 -1.54
CA GLU A 72 -8.18 1.16 -2.85
C GLU A 72 -7.54 2.18 -3.80
N CYS A 73 -6.82 1.69 -4.80
CA CYS A 73 -6.01 2.50 -5.71
C CYS A 73 -6.28 2.08 -7.17
N PRO A 74 -7.37 2.62 -7.80
CA PRO A 74 -7.69 2.36 -9.23
C PRO A 74 -6.65 2.98 -10.20
N GLY A 75 -6.00 4.08 -9.77
CA GLY A 75 -5.04 4.83 -10.59
C GLY A 75 -3.61 4.30 -10.50
N CYS A 76 -3.46 2.97 -10.38
CA CYS A 76 -2.16 2.29 -10.29
C CYS A 76 -2.30 0.82 -10.70
N GLY A 77 -1.20 0.22 -11.21
CA GLY A 77 -1.17 -1.17 -11.67
C GLY A 77 -0.95 -2.18 -10.53
N PRO A 78 -0.94 -3.52 -10.82
CA PRO A 78 -0.72 -4.57 -9.77
C PRO A 78 0.67 -4.45 -9.09
N ASN A 79 1.66 -3.91 -9.83
CA ASN A 79 3.04 -3.70 -9.34
C ASN A 79 3.24 -2.25 -8.88
N ASP A 80 2.12 -1.55 -8.62
CA ASP A 80 2.15 -0.15 -8.15
C ASP A 80 1.08 -0.01 -7.06
N ILE A 81 1.51 0.32 -5.85
CA ILE A 81 0.59 0.60 -4.73
C ILE A 81 0.69 2.06 -4.33
N ASP A 82 -0.28 2.48 -3.55
CA ASP A 82 -0.40 3.84 -3.05
C ASP A 82 -0.43 3.77 -1.52
N MET A 83 0.08 4.78 -0.84
CA MET A 83 0.27 4.79 0.63
C MET A 83 0.12 6.21 1.17
N THR A 84 -0.06 6.33 2.48
CA THR A 84 -0.03 7.63 3.17
C THR A 84 1.38 8.26 3.13
N PRO A 85 1.48 9.63 3.16
CA PRO A 85 2.78 10.36 3.24
C PRO A 85 3.58 9.97 4.50
N GLY A 86 2.85 9.77 5.61
CA GLY A 86 3.44 9.41 6.90
C GLY A 86 4.14 8.06 6.88
N LEU A 87 3.63 7.14 6.05
CA LEU A 87 4.24 5.82 5.82
C LEU A 87 5.43 5.97 4.85
N PHE A 88 5.14 6.64 3.72
CA PHE A 88 6.07 6.84 2.58
C PHE A 88 7.40 7.50 3.04
N GLN A 89 7.31 8.46 3.97
CA GLN A 89 8.47 9.22 4.46
C GLN A 89 9.31 8.40 5.48
N GLN A 90 8.73 7.30 6.00
CA GLN A 90 9.47 6.32 6.82
C GLN A 90 10.19 5.34 5.91
N LEU A 91 9.49 4.91 4.83
CA LEU A 91 10.09 4.06 3.78
C LEU A 91 11.29 4.77 3.10
N GLY A 92 11.15 6.08 2.88
CA GLY A 92 12.19 6.87 2.22
C GLY A 92 12.00 8.35 2.48
N SER A 93 11.66 9.11 1.44
CA SER A 93 11.44 10.57 1.51
C SER A 93 10.34 10.96 0.52
N LEU A 94 9.51 11.98 0.86
CA LEU A 94 8.43 12.47 -0.02
C LEU A 94 8.98 12.99 -1.37
N ASP A 95 10.21 13.56 -1.32
CA ASP A 95 10.90 14.12 -2.50
C ASP A 95 11.37 13.06 -3.50
N GLU A 96 11.29 11.77 -3.11
CA GLU A 96 11.64 10.64 -4.00
C GLU A 96 10.56 10.43 -5.07
N GLY A 97 9.33 10.90 -4.78
CA GLY A 97 8.19 10.78 -5.70
C GLY A 97 7.51 9.43 -5.60
N VAL A 98 8.27 8.38 -5.94
CA VAL A 98 7.87 6.98 -5.77
C VAL A 98 9.03 6.20 -5.11
N LEU A 99 8.68 5.18 -4.32
CA LEU A 99 9.64 4.29 -3.66
C LEU A 99 9.38 2.85 -4.07
N THR A 100 10.43 2.15 -4.54
CA THR A 100 10.34 0.72 -4.82
C THR A 100 10.34 -0.05 -3.48
N VAL A 101 9.16 -0.55 -3.10
CA VAL A 101 8.93 -1.23 -1.83
C VAL A 101 8.54 -2.70 -2.06
N SER A 102 8.78 -3.53 -1.03
CA SER A 102 8.51 -4.95 -1.01
C SER A 102 7.43 -5.22 0.04
N TRP A 103 6.36 -5.89 -0.37
CA TRP A 103 5.16 -6.11 0.45
C TRP A 103 4.56 -7.49 0.15
N THR A 104 3.88 -8.08 1.14
CA THR A 104 3.30 -9.43 1.00
C THR A 104 1.76 -9.38 1.08
N LEU A 105 1.13 -9.39 -0.10
CA LEU A 105 -0.32 -9.65 -0.30
C LEU A 105 -0.54 -10.24 -1.74
N GLY A 1 -12.41 -14.53 -11.23
CA GLY A 1 -11.96 -15.85 -10.71
C GLY A 1 -10.47 -15.86 -10.39
N HIS A 2 -10.03 -16.91 -9.66
CA HIS A 2 -8.61 -17.10 -9.29
C HIS A 2 -7.78 -17.65 -10.48
N ALA A 3 -6.46 -17.65 -10.31
CA ALA A 3 -5.50 -18.19 -11.29
C ALA A 3 -4.59 -19.22 -10.60
N PRO A 4 -4.22 -20.36 -11.29
CA PRO A 4 -3.44 -21.46 -10.67
C PRO A 4 -2.01 -21.03 -10.24
N ALA A 5 -1.74 -21.11 -8.92
CA ALA A 5 -0.42 -20.80 -8.33
C ALA A 5 -0.10 -21.80 -7.21
N GLU A 6 1.13 -21.70 -6.68
CA GLU A 6 1.61 -22.53 -5.56
C GLU A 6 1.80 -21.65 -4.30
N LYS A 7 2.52 -20.53 -4.51
CA LYS A 7 2.84 -19.56 -3.46
C LYS A 7 1.65 -18.59 -3.28
N ARG A 8 1.15 -18.45 -2.04
CA ARG A 8 0.08 -17.50 -1.69
C ARG A 8 0.70 -16.24 -1.10
N SER A 9 1.35 -16.37 0.06
CA SER A 9 2.08 -15.27 0.70
C SER A 9 3.31 -14.90 -0.16
N THR A 10 3.17 -13.86 -0.98
CA THR A 10 4.16 -13.45 -1.98
C THR A 10 4.73 -12.06 -1.64
N THR A 11 6.02 -12.01 -1.25
CA THR A 11 6.71 -10.73 -1.05
C THR A 11 7.18 -10.21 -2.43
N ARG A 12 6.37 -9.34 -3.02
CA ARG A 12 6.67 -8.77 -4.34
C ARG A 12 7.24 -7.38 -4.16
N GLU A 13 8.21 -7.02 -5.00
CA GLU A 13 8.74 -5.66 -5.06
C GLU A 13 8.04 -4.93 -6.20
N GLY A 14 7.79 -3.64 -6.01
CA GLY A 14 7.18 -2.84 -7.05
C GLY A 14 7.00 -1.41 -6.64
N ARG A 15 6.26 -0.66 -7.44
CA ARG A 15 6.06 0.76 -7.23
C ARG A 15 5.19 1.01 -5.99
N GLY A 16 5.61 1.96 -5.16
CA GLY A 16 4.82 2.45 -4.05
C GLY A 16 4.91 3.96 -4.00
N THR A 17 3.78 4.65 -4.14
CA THR A 17 3.71 6.13 -4.15
C THR A 17 3.08 6.66 -2.86
N TRP A 18 3.22 7.97 -2.58
CA TRP A 18 2.49 8.63 -1.46
C TRP A 18 1.35 9.51 -2.03
N TYR A 19 0.26 9.65 -1.26
CA TYR A 19 -0.86 10.58 -1.61
C TYR A 19 -1.32 11.37 -0.37
N ASP A 20 -2.23 12.34 -0.57
CA ASP A 20 -2.83 13.13 0.52
C ASP A 20 -4.03 12.37 1.11
N THR A 21 -3.93 12.09 2.41
CA THR A 21 -4.87 11.24 3.14
C THR A 21 -6.07 12.07 3.65
N GLY A 22 -7.25 11.42 3.76
CA GLY A 22 -8.46 12.07 4.25
C GLY A 22 -9.50 11.03 4.67
N LEU A 23 -10.07 10.35 3.66
CA LEU A 23 -11.08 9.28 3.84
C LEU A 23 -10.69 8.07 2.98
N GLY A 24 -10.68 6.88 3.60
CA GLY A 24 -10.38 5.62 2.91
C GLY A 24 -11.60 5.02 2.22
N ALA A 25 -11.34 4.12 1.25
CA ALA A 25 -12.37 3.37 0.52
C ALA A 25 -13.04 2.31 1.40
N CYS A 26 -12.34 1.91 2.48
CA CYS A 26 -12.90 1.06 3.53
C CYS A 26 -13.19 1.93 4.77
N GLY A 27 -13.75 1.32 5.84
CA GLY A 27 -14.16 2.06 7.05
C GLY A 27 -13.00 2.63 7.87
N TRP A 28 -12.40 3.71 7.36
CA TRP A 28 -11.31 4.47 8.00
C TRP A 28 -11.28 5.89 7.44
N ASN A 29 -10.84 6.83 8.27
CA ASN A 29 -10.56 8.22 7.86
C ASN A 29 -9.36 8.70 8.69
N ASN A 30 -8.33 9.23 8.03
CA ASN A 30 -7.03 9.53 8.68
C ASN A 30 -6.41 10.80 8.09
N VAL A 31 -5.40 11.33 8.79
CA VAL A 31 -4.59 12.47 8.32
C VAL A 31 -3.32 11.96 7.63
N ASN A 32 -2.58 12.89 6.99
CA ASN A 32 -1.32 12.57 6.25
C ASN A 32 -0.23 12.01 7.18
N SER A 33 -0.33 12.33 8.49
CA SER A 33 0.64 11.92 9.51
C SER A 33 0.47 10.42 9.91
N ASP A 34 -0.68 9.82 9.55
CA ASP A 34 -0.99 8.39 9.86
C ASP A 34 -0.27 7.43 8.89
N THR A 35 -0.38 6.11 9.20
CA THR A 35 0.19 5.03 8.39
C THR A 35 -0.91 4.05 7.91
N VAL A 36 -1.43 4.27 6.68
CA VAL A 36 -2.40 3.36 6.02
C VAL A 36 -2.11 3.31 4.50
N ILE A 37 -2.53 2.19 3.86
CA ILE A 37 -2.22 1.90 2.45
C ILE A 37 -3.49 2.01 1.58
N ALA A 38 -3.27 2.48 0.34
CA ALA A 38 -4.23 2.47 -0.76
C ALA A 38 -3.75 1.44 -1.80
N LEU A 39 -4.50 0.35 -1.93
CA LEU A 39 -4.10 -0.81 -2.76
C LEU A 39 -4.82 -0.73 -4.13
N SER A 40 -4.37 -1.54 -5.10
CA SER A 40 -5.10 -1.75 -6.38
C SER A 40 -6.62 -2.01 -6.12
N PRO A 41 -7.54 -1.62 -7.07
CA PRO A 41 -9.02 -1.62 -6.83
C PRO A 41 -9.55 -3.01 -6.45
N SER A 42 -10.81 -3.06 -5.98
CA SER A 42 -11.48 -4.30 -5.52
C SER A 42 -11.65 -5.34 -6.66
N VAL A 43 -11.36 -4.91 -7.90
CA VAL A 43 -11.22 -5.79 -9.06
C VAL A 43 -9.97 -6.70 -8.91
N TYR A 44 -8.84 -6.07 -8.54
CA TYR A 44 -7.52 -6.74 -8.44
C TYR A 44 -7.25 -7.29 -7.03
N SER A 45 -7.67 -6.54 -6.00
CA SER A 45 -7.43 -6.90 -4.58
C SER A 45 -8.57 -7.77 -4.02
N GLY A 46 -9.67 -7.91 -4.80
CA GLY A 46 -10.84 -8.70 -4.41
C GLY A 46 -11.72 -8.04 -3.36
N GLY A 47 -11.37 -6.80 -2.95
CA GLY A 47 -12.15 -6.05 -1.94
C GLY A 47 -11.79 -6.42 -0.50
N SER A 48 -11.41 -7.69 -0.28
CA SER A 48 -11.09 -8.25 1.05
C SER A 48 -9.72 -7.78 1.59
N HIS A 49 -9.07 -6.82 0.89
CA HIS A 49 -7.71 -6.38 1.21
C HIS A 49 -7.77 -5.26 2.29
N CYS A 50 -8.99 -4.78 2.60
CA CYS A 50 -9.21 -3.89 3.74
C CYS A 50 -8.91 -4.62 5.07
N GLY A 51 -8.26 -3.90 6.00
CA GLY A 51 -7.94 -4.45 7.32
C GLY A 51 -6.70 -5.31 7.34
N GLN A 52 -6.08 -5.54 6.15
CA GLN A 52 -4.86 -6.35 6.02
C GLN A 52 -3.64 -5.47 6.30
N THR A 53 -3.02 -5.69 7.46
CA THR A 53 -1.82 -4.97 7.89
C THR A 53 -0.58 -5.58 7.19
N VAL A 54 -0.13 -4.93 6.11
CA VAL A 54 0.93 -5.44 5.21
C VAL A 54 2.26 -4.71 5.49
N THR A 55 3.35 -5.48 5.50
CA THR A 55 4.70 -4.97 5.77
C THR A 55 5.39 -4.59 4.44
N VAL A 56 5.63 -3.29 4.23
CA VAL A 56 6.32 -2.79 3.03
C VAL A 56 7.82 -2.54 3.35
N THR A 57 8.73 -2.93 2.43
CA THR A 57 10.19 -2.75 2.62
C THR A 57 10.81 -2.02 1.41
N ASN A 58 11.12 -0.74 1.57
CA ASN A 58 11.73 0.07 0.52
C ASN A 58 13.16 -0.41 0.25
N VAL A 59 13.38 -1.02 -0.92
CA VAL A 59 14.68 -1.60 -1.32
C VAL A 59 15.76 -0.53 -1.57
N VAL A 60 15.31 0.73 -1.81
CA VAL A 60 16.19 1.87 -2.12
C VAL A 60 17.10 2.22 -0.91
N THR A 61 16.56 2.08 0.32
CA THR A 61 17.31 2.38 1.57
C THR A 61 17.31 1.18 2.55
N GLY A 62 16.55 0.11 2.21
CA GLY A 62 16.40 -1.07 3.06
C GLY A 62 15.51 -0.85 4.28
N ALA A 63 14.70 0.23 4.24
CA ALA A 63 13.78 0.56 5.36
C ALA A 63 12.52 -0.29 5.28
N LYS A 64 12.06 -0.79 6.44
CA LYS A 64 10.89 -1.68 6.53
C LYS A 64 9.93 -1.15 7.59
N ALA A 65 8.63 -1.14 7.26
CA ALA A 65 7.55 -0.74 8.17
C ALA A 65 6.23 -1.41 7.76
N THR A 66 5.30 -1.55 8.70
CA THR A 66 4.01 -2.23 8.48
C THR A 66 2.86 -1.21 8.51
N GLY A 67 2.08 -1.14 7.41
CA GLY A 67 0.89 -0.28 7.34
C GLY A 67 -0.36 -1.09 6.99
N THR A 68 -1.51 -0.67 7.51
CA THR A 68 -2.79 -1.37 7.26
C THR A 68 -3.47 -0.79 6.02
N VAL A 69 -3.92 -1.67 5.12
CA VAL A 69 -4.65 -1.26 3.92
C VAL A 69 -6.07 -0.82 4.32
N ALA A 70 -6.36 0.47 4.11
CA ALA A 70 -7.62 1.12 4.52
C ALA A 70 -8.33 1.73 3.31
N ASP A 71 -7.56 1.92 2.23
CA ASP A 71 -8.03 2.61 1.04
C ASP A 71 -7.69 1.80 -0.22
N GLU A 72 -8.35 2.16 -1.31
CA GLU A 72 -8.07 1.63 -2.65
C GLU A 72 -7.48 2.75 -3.52
N CYS A 73 -7.07 2.37 -4.72
CA CYS A 73 -6.57 3.28 -5.74
C CYS A 73 -6.90 2.64 -7.10
N PRO A 74 -8.01 3.10 -7.79
CA PRO A 74 -8.46 2.50 -9.08
C PRO A 74 -7.39 2.51 -10.19
N GLY A 75 -6.54 3.57 -10.18
CA GLY A 75 -5.46 3.73 -11.16
C GLY A 75 -4.22 2.90 -10.83
N CYS A 76 -4.12 2.44 -9.58
CA CYS A 76 -2.96 1.67 -9.08
C CYS A 76 -3.11 0.17 -9.44
N GLY A 77 -1.96 -0.50 -9.64
CA GLY A 77 -1.92 -1.90 -10.08
C GLY A 77 -1.42 -2.90 -9.02
N PRO A 78 -1.41 -4.25 -9.32
CA PRO A 78 -0.94 -5.32 -8.38
C PRO A 78 0.50 -5.10 -7.82
N ASN A 79 1.41 -4.55 -8.65
CA ASN A 79 2.80 -4.22 -8.24
C ASN A 79 3.00 -2.70 -8.11
N ASP A 80 1.90 -1.94 -8.15
CA ASP A 80 1.91 -0.47 -8.13
C ASP A 80 0.86 -0.01 -7.13
N ILE A 81 1.30 0.30 -5.92
CA ILE A 81 0.41 0.71 -4.81
C ILE A 81 0.66 2.16 -4.41
N ASP A 82 -0.20 2.65 -3.52
CA ASP A 82 -0.17 4.02 -3.01
C ASP A 82 -0.25 3.95 -1.47
N MET A 83 0.33 4.93 -0.76
CA MET A 83 0.40 4.92 0.72
C MET A 83 0.27 6.34 1.26
N THR A 84 0.00 6.44 2.57
CA THR A 84 0.07 7.72 3.29
C THR A 84 1.50 8.31 3.32
N PRO A 85 1.64 9.66 3.45
CA PRO A 85 2.96 10.31 3.63
C PRO A 85 3.64 9.84 4.93
N GLY A 86 2.81 9.55 5.97
CA GLY A 86 3.30 9.01 7.23
C GLY A 86 4.03 7.68 7.09
N LEU A 87 3.53 6.83 6.18
CA LEU A 87 4.22 5.58 5.79
C LEU A 87 5.49 5.94 5.00
N PHE A 88 5.29 6.67 3.91
CA PHE A 88 6.31 6.92 2.87
C PHE A 88 7.55 7.66 3.42
N GLN A 89 7.34 8.49 4.46
CA GLN A 89 8.43 9.27 5.11
C GLN A 89 9.26 8.41 6.08
N GLN A 90 8.71 7.27 6.52
CA GLN A 90 9.45 6.28 7.34
C GLN A 90 10.09 5.22 6.43
N LEU A 91 9.47 4.97 5.26
CA LEU A 91 10.05 4.10 4.21
C LEU A 91 11.20 4.82 3.47
N GLY A 92 11.12 6.16 3.38
CA GLY A 92 12.14 6.96 2.69
C GLY A 92 11.82 8.44 2.74
N SER A 93 11.78 9.10 1.58
CA SER A 93 11.51 10.56 1.48
C SER A 93 10.37 10.81 0.49
N LEU A 94 9.52 11.83 0.76
CA LEU A 94 8.37 12.19 -0.09
C LEU A 94 8.83 12.70 -1.47
N ASP A 95 10.06 13.27 -1.49
CA ASP A 95 10.73 13.79 -2.70
C ASP A 95 10.90 12.71 -3.79
N GLU A 96 10.98 11.44 -3.36
CA GLU A 96 11.16 10.29 -4.27
C GLU A 96 9.94 10.09 -5.15
N GLY A 97 8.73 10.38 -4.61
CA GLY A 97 7.47 10.21 -5.34
C GLY A 97 7.03 8.76 -5.37
N VAL A 98 7.85 7.90 -6.02
CA VAL A 98 7.69 6.45 -6.03
C VAL A 98 8.96 5.75 -5.49
N LEU A 99 8.77 4.91 -4.47
CA LEU A 99 9.78 4.02 -3.93
C LEU A 99 9.43 2.58 -4.29
N THR A 100 10.44 1.78 -4.69
CA THR A 100 10.27 0.36 -4.92
C THR A 100 10.23 -0.35 -3.56
N VAL A 101 9.04 -0.84 -3.18
CA VAL A 101 8.82 -1.50 -1.88
C VAL A 101 8.46 -2.96 -2.10
N SER A 102 8.91 -3.81 -1.16
CA SER A 102 8.69 -5.25 -1.17
C SER A 102 7.72 -5.57 -0.03
N TRP A 103 6.56 -6.15 -0.39
CA TRP A 103 5.44 -6.35 0.55
C TRP A 103 4.79 -7.72 0.30
N THR A 104 4.56 -8.47 1.41
CA THR A 104 4.01 -9.82 1.36
C THR A 104 2.47 -9.77 1.45
N LEU A 105 1.82 -10.12 0.34
CA LEU A 105 0.38 -10.39 0.29
C LEU A 105 0.16 -11.31 -0.92
N GLY A 1 5.55 -7.28 -22.32
CA GLY A 1 5.94 -8.70 -22.47
C GLY A 1 4.91 -9.64 -21.86
N HIS A 2 5.25 -10.95 -21.86
CA HIS A 2 4.40 -12.01 -21.29
C HIS A 2 4.54 -12.02 -19.75
N ALA A 3 3.76 -11.16 -19.09
CA ALA A 3 3.74 -11.04 -17.63
C ALA A 3 2.37 -10.46 -17.20
N PRO A 4 1.43 -11.30 -16.66
CA PRO A 4 0.11 -10.82 -16.15
C PRO A 4 0.21 -9.94 -14.87
N ALA A 5 1.45 -9.84 -14.31
CA ALA A 5 1.75 -9.13 -13.04
C ALA A 5 1.07 -9.80 -11.83
N GLU A 6 0.64 -11.07 -12.03
CA GLU A 6 -0.10 -11.86 -11.03
C GLU A 6 0.91 -12.56 -10.09
N LYS A 7 1.30 -11.83 -9.05
CA LYS A 7 2.06 -12.36 -7.91
C LYS A 7 1.71 -11.50 -6.69
N ARG A 8 1.03 -12.12 -5.73
CA ARG A 8 0.50 -11.44 -4.55
C ARG A 8 0.32 -12.44 -3.40
N SER A 9 0.17 -11.89 -2.18
CA SER A 9 0.09 -12.64 -0.89
C SER A 9 1.43 -13.36 -0.62
N THR A 10 2.48 -12.75 -1.18
CA THR A 10 3.89 -13.13 -1.04
C THR A 10 4.68 -11.81 -0.92
N THR A 11 5.86 -11.84 -0.29
CA THR A 11 6.72 -10.64 -0.21
C THR A 11 7.28 -10.33 -1.61
N ARG A 12 6.61 -9.39 -2.32
CA ARG A 12 6.91 -9.07 -3.72
C ARG A 12 7.13 -7.57 -3.90
N GLU A 13 7.97 -7.21 -4.88
CA GLU A 13 8.37 -5.82 -5.12
C GLU A 13 7.29 -5.10 -5.95
N GLY A 14 7.02 -3.86 -5.57
CA GLY A 14 6.00 -3.05 -6.20
C GLY A 14 6.26 -1.59 -5.98
N ARG A 15 5.59 -0.74 -6.76
CA ARG A 15 5.74 0.71 -6.63
C ARG A 15 4.98 1.21 -5.39
N GLY A 16 5.70 1.64 -4.35
CA GLY A 16 5.09 2.28 -3.19
C GLY A 16 5.26 3.79 -3.28
N THR A 17 4.24 4.48 -3.83
CA THR A 17 4.19 5.95 -3.90
C THR A 17 3.48 6.53 -2.66
N TRP A 18 3.62 7.84 -2.41
CA TRP A 18 2.79 8.54 -1.40
C TRP A 18 1.56 9.17 -2.08
N TYR A 19 0.52 9.43 -1.27
CA TYR A 19 -0.63 10.28 -1.68
C TYR A 19 -1.08 11.11 -0.47
N ASP A 20 -1.95 12.10 -0.72
CA ASP A 20 -2.50 12.95 0.34
C ASP A 20 -3.73 12.26 0.96
N THR A 21 -3.62 11.90 2.25
CA THR A 21 -4.56 11.01 2.93
C THR A 21 -5.76 11.75 3.55
N GLY A 22 -6.93 11.11 3.47
CA GLY A 22 -8.14 11.55 4.15
C GLY A 22 -9.01 10.36 4.55
N LEU A 23 -10.32 10.44 4.25
CA LEU A 23 -11.26 9.33 4.47
C LEU A 23 -10.94 8.21 3.45
N GLY A 24 -10.55 7.02 3.94
CA GLY A 24 -10.21 5.87 3.08
C GLY A 24 -11.39 5.40 2.22
N ALA A 25 -11.07 4.77 1.07
CA ALA A 25 -12.06 4.27 0.11
C ALA A 25 -12.77 3.01 0.61
N CYS A 26 -12.15 2.35 1.61
CA CYS A 26 -12.76 1.24 2.34
C CYS A 26 -13.20 1.77 3.73
N GLY A 27 -13.84 0.92 4.55
CA GLY A 27 -14.37 1.33 5.86
C GLY A 27 -13.28 1.75 6.86
N TRP A 28 -12.81 3.01 6.71
CA TRP A 28 -11.70 3.56 7.48
C TRP A 28 -11.59 5.08 7.20
N ASN A 29 -11.36 5.88 8.24
CA ASN A 29 -11.09 7.33 8.12
C ASN A 29 -9.74 7.64 8.78
N ASN A 30 -8.83 8.26 8.03
CA ASN A 30 -7.44 8.49 8.46
C ASN A 30 -7.03 9.94 8.22
N VAL A 31 -5.94 10.36 8.87
CA VAL A 31 -5.30 11.66 8.66
C VAL A 31 -3.94 11.46 7.97
N ASN A 32 -3.27 12.56 7.63
CA ASN A 32 -1.97 12.52 6.92
C ASN A 32 -0.83 12.02 7.82
N SER A 33 -1.06 12.06 9.15
CA SER A 33 -0.10 11.57 10.17
C SER A 33 -0.18 10.03 10.32
N ASP A 34 -1.28 9.43 9.80
CA ASP A 34 -1.49 7.96 9.84
C ASP A 34 -0.42 7.20 9.04
N THR A 35 -0.43 5.88 9.23
CA THR A 35 0.44 4.94 8.52
C THR A 35 -0.43 3.84 7.89
N VAL A 36 -1.28 4.25 6.94
CA VAL A 36 -2.15 3.32 6.19
C VAL A 36 -1.81 3.39 4.69
N ILE A 37 -2.46 2.50 3.91
CA ILE A 37 -2.12 2.25 2.52
C ILE A 37 -3.38 2.33 1.61
N ALA A 38 -3.11 2.75 0.37
CA ALA A 38 -4.04 2.73 -0.74
C ALA A 38 -3.57 1.64 -1.69
N LEU A 39 -4.29 0.52 -1.68
CA LEU A 39 -3.90 -0.70 -2.39
C LEU A 39 -4.69 -0.74 -3.71
N SER A 40 -4.21 -1.52 -4.68
CA SER A 40 -4.98 -1.85 -5.89
C SER A 40 -6.42 -2.27 -5.49
N PRO A 41 -7.48 -1.71 -6.14
CA PRO A 41 -8.87 -1.78 -5.61
C PRO A 41 -9.41 -3.21 -5.50
N SER A 42 -10.57 -3.35 -4.86
CA SER A 42 -11.27 -4.64 -4.67
C SER A 42 -11.55 -5.38 -6.00
N VAL A 43 -11.56 -4.61 -7.11
CA VAL A 43 -11.59 -5.14 -8.48
C VAL A 43 -10.40 -6.12 -8.72
N TYR A 44 -9.20 -5.69 -8.31
CA TYR A 44 -7.94 -6.46 -8.49
C TYR A 44 -7.66 -7.36 -7.28
N SER A 45 -8.06 -6.93 -6.08
CA SER A 45 -7.65 -7.54 -4.79
C SER A 45 -8.80 -8.24 -4.06
N GLY A 46 -9.94 -8.45 -4.78
CA GLY A 46 -11.06 -9.27 -4.30
C GLY A 46 -11.71 -8.82 -2.98
N GLY A 47 -11.50 -7.56 -2.60
CA GLY A 47 -12.11 -6.96 -1.41
C GLY A 47 -11.42 -7.32 -0.09
N SER A 48 -10.93 -8.57 0.02
CA SER A 48 -10.47 -9.15 1.30
C SER A 48 -9.09 -8.60 1.76
N HIS A 49 -8.51 -7.68 0.98
CA HIS A 49 -7.20 -7.07 1.30
C HIS A 49 -7.35 -5.86 2.24
N CYS A 50 -8.57 -5.30 2.31
CA CYS A 50 -8.87 -4.18 3.21
C CYS A 50 -8.88 -4.65 4.67
N GLY A 51 -8.38 -3.78 5.58
CA GLY A 51 -8.30 -4.07 7.00
C GLY A 51 -7.15 -5.01 7.35
N GLN A 52 -6.22 -5.25 6.39
CA GLN A 52 -5.06 -6.13 6.59
C GLN A 52 -3.76 -5.33 6.61
N THR A 53 -2.82 -5.77 7.45
CA THR A 53 -1.52 -5.12 7.63
C THR A 53 -0.55 -5.52 6.49
N VAL A 54 0.25 -4.56 6.00
CA VAL A 54 1.16 -4.75 4.85
C VAL A 54 2.57 -4.27 5.21
N THR A 55 3.53 -5.19 5.24
CA THR A 55 4.91 -4.92 5.59
C THR A 55 5.67 -4.46 4.34
N VAL A 56 5.82 -3.14 4.18
CA VAL A 56 6.46 -2.53 3.00
C VAL A 56 7.96 -2.32 3.30
N THR A 57 8.80 -3.07 2.57
CA THR A 57 10.26 -3.05 2.76
C THR A 57 10.95 -2.51 1.49
N ASN A 58 11.22 -1.20 1.47
CA ASN A 58 11.84 -0.52 0.33
C ASN A 58 13.22 -1.11 0.04
N VAL A 59 13.32 -1.81 -1.10
CA VAL A 59 14.52 -2.54 -1.50
C VAL A 59 15.67 -1.58 -1.87
N VAL A 60 15.31 -0.35 -2.27
CA VAL A 60 16.28 0.67 -2.74
C VAL A 60 17.27 1.05 -1.61
N THR A 61 16.74 1.44 -0.44
CA THR A 61 17.56 1.89 0.70
C THR A 61 17.55 0.87 1.86
N GLY A 62 16.70 -0.17 1.76
CA GLY A 62 16.59 -1.23 2.78
C GLY A 62 15.64 -0.86 3.93
N ALA A 63 14.76 0.14 3.68
CA ALA A 63 13.83 0.66 4.69
C ALA A 63 12.67 -0.32 4.94
N LYS A 64 12.33 -0.56 6.22
CA LYS A 64 11.22 -1.45 6.59
C LYS A 64 10.19 -0.64 7.39
N ALA A 65 8.93 -0.74 6.98
CA ALA A 65 7.79 -0.18 7.72
C ALA A 65 6.53 -1.00 7.39
N THR A 66 5.42 -0.70 8.08
CA THR A 66 4.19 -1.46 7.94
C THR A 66 2.97 -0.51 7.98
N GLY A 67 1.97 -0.79 7.13
CA GLY A 67 0.74 0.00 7.06
C GLY A 67 -0.46 -0.85 6.69
N THR A 68 -1.64 -0.50 7.19
CA THR A 68 -2.89 -1.24 6.95
C THR A 68 -3.65 -0.67 5.73
N VAL A 69 -4.21 -1.56 4.89
CA VAL A 69 -5.01 -1.15 3.73
C VAL A 69 -6.33 -0.51 4.20
N ALA A 70 -6.47 0.78 3.92
CA ALA A 70 -7.66 1.58 4.29
C ALA A 70 -8.33 2.15 3.03
N ASP A 71 -7.50 2.36 1.99
CA ASP A 71 -7.91 3.07 0.78
C ASP A 71 -7.62 2.22 -0.47
N GLU A 72 -8.26 2.58 -1.57
CA GLU A 72 -8.14 1.91 -2.87
C GLU A 72 -7.55 2.88 -3.89
N CYS A 73 -6.79 2.34 -4.85
CA CYS A 73 -6.08 3.12 -5.88
C CYS A 73 -6.42 2.54 -7.27
N PRO A 74 -7.55 3.00 -7.90
CA PRO A 74 -8.03 2.45 -9.20
C PRO A 74 -7.18 2.90 -10.42
N GLY A 75 -6.32 3.90 -10.19
CA GLY A 75 -5.44 4.42 -11.23
C GLY A 75 -4.18 3.59 -11.42
N CYS A 76 -3.74 2.93 -10.35
CA CYS A 76 -2.50 2.12 -10.34
C CYS A 76 -2.82 0.61 -10.50
N GLY A 77 -1.81 -0.14 -10.96
CA GLY A 77 -1.93 -1.57 -11.27
C GLY A 77 -1.74 -2.49 -10.06
N PRO A 78 -1.86 -3.86 -10.23
CA PRO A 78 -1.84 -4.82 -9.09
C PRO A 78 -0.48 -4.88 -8.34
N ASN A 79 0.56 -4.32 -8.96
CA ASN A 79 1.94 -4.24 -8.41
C ASN A 79 2.32 -2.78 -8.08
N ASP A 80 1.32 -1.91 -8.01
CA ASP A 80 1.52 -0.47 -7.84
C ASP A 80 0.48 0.05 -6.84
N ILE A 81 0.94 0.78 -5.82
CA ILE A 81 0.12 1.22 -4.68
C ILE A 81 0.58 2.60 -4.20
N ASP A 82 -0.29 3.25 -3.42
CA ASP A 82 0.05 4.49 -2.69
C ASP A 82 0.08 4.19 -1.19
N MET A 83 0.71 5.08 -0.42
CA MET A 83 0.81 5.01 1.05
C MET A 83 0.62 6.44 1.61
N THR A 84 0.29 6.54 2.91
CA THR A 84 0.22 7.84 3.60
C THR A 84 1.58 8.59 3.54
N PRO A 85 1.58 9.96 3.59
CA PRO A 85 2.85 10.73 3.60
C PRO A 85 3.63 10.46 4.91
N GLY A 86 2.86 10.18 6.00
CA GLY A 86 3.42 9.81 7.30
C GLY A 86 4.16 8.47 7.30
N LEU A 87 3.72 7.53 6.44
CA LEU A 87 4.37 6.21 6.29
C LEU A 87 5.55 6.32 5.31
N PHE A 88 5.31 7.04 4.21
CA PHE A 88 6.27 7.18 3.10
C PHE A 88 7.53 7.97 3.55
N GLN A 89 7.33 8.95 4.46
CA GLN A 89 8.47 9.71 5.04
C GLN A 89 9.31 8.82 5.99
N GLN A 90 8.77 7.66 6.38
CA GLN A 90 9.50 6.64 7.15
C GLN A 90 10.20 5.68 6.18
N LEU A 91 9.54 5.36 5.04
CA LEU A 91 10.18 4.57 3.94
C LEU A 91 11.33 5.36 3.27
N GLY A 92 11.27 6.69 3.33
CA GLY A 92 12.29 7.55 2.70
C GLY A 92 11.92 9.02 2.73
N SER A 93 11.99 9.69 1.57
CA SER A 93 11.67 11.11 1.42
C SER A 93 10.52 11.29 0.42
N LEU A 94 9.61 12.26 0.65
CA LEU A 94 8.47 12.54 -0.26
C LEU A 94 8.95 12.92 -1.68
N ASP A 95 10.16 13.52 -1.72
CA ASP A 95 10.82 13.99 -2.96
C ASP A 95 11.22 12.81 -3.88
N GLU A 96 11.29 11.57 -3.31
CA GLU A 96 11.53 10.35 -4.11
C GLU A 96 10.36 10.09 -5.07
N GLY A 97 9.13 10.35 -4.57
CA GLY A 97 7.91 10.13 -5.33
C GLY A 97 7.45 8.68 -5.28
N VAL A 98 8.24 7.79 -5.90
CA VAL A 98 8.03 6.33 -5.84
C VAL A 98 9.21 5.66 -5.12
N LEU A 99 8.87 4.69 -4.27
CA LEU A 99 9.84 3.83 -3.58
C LEU A 99 9.45 2.37 -3.81
N THR A 100 10.34 1.59 -4.46
CA THR A 100 10.09 0.19 -4.75
C THR A 100 10.20 -0.62 -3.45
N VAL A 101 9.05 -1.11 -2.97
CA VAL A 101 8.91 -1.79 -1.68
C VAL A 101 8.51 -3.25 -1.90
N SER A 102 9.00 -4.12 -1.01
CA SER A 102 8.69 -5.55 -1.00
C SER A 102 7.63 -5.78 0.08
N TRP A 103 6.45 -6.27 -0.32
CA TRP A 103 5.27 -6.30 0.55
C TRP A 103 4.40 -7.53 0.27
N THR A 104 3.82 -8.09 1.35
CA THR A 104 2.95 -9.27 1.27
C THR A 104 1.47 -8.85 1.34
N LEU A 105 0.85 -8.79 0.16
CA LEU A 105 -0.62 -8.74 -0.04
C LEU A 105 -0.92 -8.97 -1.52
N GLY A 1 -20.89 -20.00 -0.25
CA GLY A 1 -20.39 -18.67 -0.64
C GLY A 1 -18.92 -18.70 -1.03
N HIS A 2 -18.03 -18.52 -0.03
CA HIS A 2 -16.57 -18.47 -0.22
C HIS A 2 -15.84 -18.85 1.10
N ALA A 3 -15.32 -20.08 1.16
CA ALA A 3 -14.60 -20.59 2.34
C ALA A 3 -13.19 -19.96 2.41
N PRO A 4 -12.83 -19.25 3.53
CA PRO A 4 -11.48 -18.63 3.70
C PRO A 4 -10.33 -19.66 3.61
N ALA A 5 -9.53 -19.56 2.54
CA ALA A 5 -8.39 -20.46 2.27
C ALA A 5 -7.16 -20.04 3.09
N GLU A 6 -6.16 -20.93 3.14
CA GLU A 6 -4.87 -20.68 3.81
C GLU A 6 -4.05 -19.66 2.99
N LYS A 7 -4.25 -18.35 3.27
CA LYS A 7 -3.53 -17.28 2.59
C LYS A 7 -2.06 -17.26 3.06
N ARG A 8 -1.17 -17.39 2.10
CA ARG A 8 0.29 -17.41 2.30
C ARG A 8 0.81 -15.97 2.17
N SER A 9 1.60 -15.53 3.16
CA SER A 9 2.18 -14.18 3.19
C SER A 9 3.22 -14.04 2.06
N THR A 10 2.78 -13.44 0.95
CA THR A 10 3.59 -13.29 -0.26
C THR A 10 4.17 -11.87 -0.33
N THR A 11 5.44 -11.73 0.06
CA THR A 11 6.18 -10.48 -0.07
C THR A 11 6.48 -10.23 -1.56
N ARG A 12 5.63 -9.42 -2.19
CA ARG A 12 5.77 -9.02 -3.59
C ARG A 12 6.41 -7.64 -3.64
N GLU A 13 7.28 -7.40 -4.62
CA GLU A 13 7.91 -6.09 -4.81
C GLU A 13 7.00 -5.25 -5.72
N GLY A 14 6.94 -3.94 -5.45
CA GLY A 14 6.00 -3.06 -6.13
C GLY A 14 6.36 -1.58 -5.98
N ARG A 15 6.11 -0.82 -7.04
CA ARG A 15 6.31 0.63 -7.09
C ARG A 15 5.33 1.33 -6.10
N GLY A 16 5.88 1.85 -4.98
CA GLY A 16 5.08 2.60 -4.01
C GLY A 16 5.01 4.09 -4.35
N THR A 17 3.82 4.68 -4.19
CA THR A 17 3.58 6.13 -4.40
C THR A 17 2.82 6.69 -3.17
N TRP A 18 2.78 8.04 -2.97
CA TRP A 18 2.12 8.62 -1.76
C TRP A 18 0.85 9.45 -2.08
N TYR A 19 -0.18 9.33 -1.21
CA TYR A 19 -1.44 10.10 -1.30
C TYR A 19 -1.69 10.86 0.01
N ASP A 20 -2.53 11.90 -0.06
CA ASP A 20 -2.97 12.67 1.13
C ASP A 20 -4.17 11.95 1.77
N THR A 21 -4.07 11.70 3.08
CA THR A 21 -5.05 10.89 3.83
C THR A 21 -6.32 11.71 4.18
N GLY A 22 -7.43 11.00 4.40
CA GLY A 22 -8.72 11.61 4.77
C GLY A 22 -9.71 10.52 5.18
N LEU A 23 -10.77 10.34 4.37
CA LEU A 23 -11.72 9.22 4.52
C LEU A 23 -11.29 8.06 3.62
N GLY A 24 -11.04 6.90 4.24
CA GLY A 24 -10.62 5.69 3.54
C GLY A 24 -11.68 5.14 2.59
N ALA A 25 -11.27 4.27 1.65
CA ALA A 25 -12.20 3.48 0.82
C ALA A 25 -12.93 2.43 1.68
N CYS A 26 -12.27 2.07 2.77
CA CYS A 26 -12.79 1.21 3.83
C CYS A 26 -13.15 2.09 5.05
N GLY A 27 -13.69 1.48 6.11
CA GLY A 27 -14.11 2.20 7.32
C GLY A 27 -12.94 2.69 8.18
N TRP A 28 -12.27 3.75 7.69
CA TRP A 28 -11.13 4.41 8.35
C TRP A 28 -11.25 5.93 8.11
N ASN A 29 -10.75 6.73 9.06
CA ASN A 29 -10.62 8.21 8.92
C ASN A 29 -9.35 8.62 9.67
N ASN A 30 -8.31 9.08 8.94
CA ASN A 30 -6.98 9.39 9.52
C ASN A 30 -6.34 10.61 8.83
N VAL A 31 -5.26 11.12 9.44
CA VAL A 31 -4.45 12.22 8.89
C VAL A 31 -3.22 11.66 8.16
N ASN A 32 -2.51 12.56 7.46
CA ASN A 32 -1.29 12.25 6.67
C ASN A 32 -0.19 11.58 7.52
N SER A 33 -0.17 11.86 8.84
CA SER A 33 0.83 11.32 9.78
C SER A 33 0.63 9.82 10.05
N ASP A 34 -0.63 9.33 9.93
CA ASP A 34 -0.94 7.89 10.11
C ASP A 34 -0.44 7.08 8.94
N THR A 35 -0.16 5.80 9.21
CA THR A 35 0.45 4.87 8.25
C THR A 35 -0.60 3.90 7.69
N VAL A 36 -1.40 4.36 6.72
CA VAL A 36 -2.35 3.48 5.98
C VAL A 36 -2.02 3.46 4.48
N ILE A 37 -2.58 2.47 3.76
CA ILE A 37 -2.20 2.15 2.36
C ILE A 37 -3.44 2.11 1.44
N ALA A 38 -3.21 2.51 0.18
CA ALA A 38 -4.18 2.41 -0.92
C ALA A 38 -3.73 1.33 -1.92
N LEU A 39 -4.56 0.30 -2.10
CA LEU A 39 -4.21 -0.87 -2.97
C LEU A 39 -4.95 -0.81 -4.32
N SER A 40 -4.46 -1.63 -5.28
CA SER A 40 -5.07 -1.86 -6.60
C SER A 40 -6.58 -2.21 -6.46
N PRO A 41 -7.42 -1.87 -7.50
CA PRO A 41 -8.91 -1.84 -7.35
C PRO A 41 -9.50 -3.18 -6.85
N SER A 42 -10.46 -3.09 -5.93
CA SER A 42 -11.11 -4.25 -5.29
C SER A 42 -11.83 -5.15 -6.31
N VAL A 43 -12.24 -4.57 -7.46
CA VAL A 43 -12.84 -5.33 -8.58
C VAL A 43 -11.79 -6.28 -9.22
N TYR A 44 -10.52 -5.87 -9.13
CA TYR A 44 -9.38 -6.61 -9.67
C TYR A 44 -8.77 -7.54 -8.58
N SER A 45 -8.78 -7.06 -7.33
CA SER A 45 -8.06 -7.67 -6.19
C SER A 45 -8.98 -8.54 -5.30
N GLY A 46 -10.28 -8.64 -5.66
CA GLY A 46 -11.24 -9.48 -4.93
C GLY A 46 -11.83 -8.84 -3.67
N GLY A 47 -11.33 -7.62 -3.31
CA GLY A 47 -11.77 -6.93 -2.09
C GLY A 47 -11.09 -7.44 -0.82
N SER A 48 -10.25 -8.49 -0.97
CA SER A 48 -9.54 -9.17 0.13
C SER A 48 -8.38 -8.31 0.69
N HIS A 49 -8.02 -7.25 -0.06
CA HIS A 49 -6.86 -6.40 0.24
C HIS A 49 -7.25 -5.29 1.23
N CYS A 50 -8.56 -5.01 1.37
CA CYS A 50 -9.09 -4.04 2.35
C CYS A 50 -8.90 -4.58 3.79
N GLY A 51 -8.31 -3.75 4.67
CA GLY A 51 -8.10 -4.08 6.08
C GLY A 51 -6.98 -5.10 6.30
N GLN A 52 -5.84 -4.88 5.62
CA GLN A 52 -4.68 -5.79 5.67
C GLN A 52 -3.44 -5.07 6.23
N THR A 53 -2.92 -5.57 7.36
CA THR A 53 -1.63 -5.11 7.91
C THR A 53 -0.48 -5.56 6.98
N VAL A 54 -0.03 -4.61 6.14
CA VAL A 54 0.93 -4.84 5.06
C VAL A 54 2.30 -4.23 5.41
N THR A 55 3.30 -5.10 5.62
CA THR A 55 4.67 -4.67 5.93
C THR A 55 5.43 -4.37 4.62
N VAL A 56 5.66 -3.09 4.37
CA VAL A 56 6.36 -2.58 3.17
C VAL A 56 7.88 -2.47 3.47
N THR A 57 8.74 -3.04 2.59
CA THR A 57 10.20 -3.01 2.76
C THR A 57 10.88 -2.33 1.55
N ASN A 58 11.17 -1.02 1.69
CA ASN A 58 11.74 -0.22 0.59
C ASN A 58 13.16 -0.70 0.25
N VAL A 59 13.29 -1.32 -0.92
CA VAL A 59 14.54 -1.93 -1.39
C VAL A 59 15.61 -0.88 -1.74
N VAL A 60 15.19 0.40 -1.85
CA VAL A 60 16.07 1.51 -2.27
C VAL A 60 17.11 1.86 -1.18
N THR A 61 16.62 2.30 -0.01
CA THR A 61 17.48 2.67 1.15
C THR A 61 17.61 1.50 2.15
N GLY A 62 16.70 0.52 2.05
CA GLY A 62 16.66 -0.63 2.98
C GLY A 62 15.80 -0.36 4.19
N ALA A 63 14.75 0.47 4.02
CA ALA A 63 13.79 0.81 5.09
C ALA A 63 12.67 -0.24 5.13
N LYS A 64 12.06 -0.44 6.31
CA LYS A 64 11.03 -1.46 6.53
C LYS A 64 10.07 -1.03 7.64
N ALA A 65 8.77 -1.02 7.31
CA ALA A 65 7.70 -0.60 8.24
C ALA A 65 6.35 -1.19 7.79
N THR A 66 5.28 -0.93 8.54
CA THR A 66 3.96 -1.56 8.33
C THR A 66 2.84 -0.51 8.30
N GLY A 67 1.85 -0.75 7.41
CA GLY A 67 0.62 0.04 7.35
C GLY A 67 -0.56 -0.81 6.92
N THR A 68 -1.74 -0.54 7.48
CA THR A 68 -3.00 -1.20 7.11
C THR A 68 -3.56 -0.59 5.82
N VAL A 69 -3.95 -1.43 4.85
CA VAL A 69 -4.66 -0.98 3.66
C VAL A 69 -6.05 -0.49 4.08
N ALA A 70 -6.28 0.81 3.94
CA ALA A 70 -7.54 1.46 4.30
C ALA A 70 -8.20 2.09 3.07
N ASP A 71 -7.44 2.17 1.96
CA ASP A 71 -7.86 2.92 0.76
C ASP A 71 -7.73 2.10 -0.53
N GLU A 72 -8.34 2.71 -1.57
CA GLU A 72 -8.41 2.18 -2.92
C GLU A 72 -7.49 2.99 -3.84
N CYS A 73 -7.05 2.38 -4.93
CA CYS A 73 -6.34 3.07 -6.01
C CYS A 73 -6.63 2.33 -7.33
N PRO A 74 -7.74 2.75 -8.07
CA PRO A 74 -8.11 2.17 -9.40
C PRO A 74 -6.98 2.22 -10.44
N GLY A 75 -6.16 3.29 -10.36
CA GLY A 75 -5.01 3.49 -11.26
C GLY A 75 -3.83 2.60 -10.91
N CYS A 76 -3.78 2.13 -9.66
CA CYS A 76 -2.69 1.27 -9.17
C CYS A 76 -2.86 -0.19 -9.62
N GLY A 77 -1.72 -0.91 -9.68
CA GLY A 77 -1.64 -2.31 -10.13
C GLY A 77 -1.09 -3.25 -9.05
N PRO A 78 -0.98 -4.59 -9.31
CA PRO A 78 -0.50 -5.56 -8.28
C PRO A 78 0.98 -5.33 -7.93
N ASN A 79 1.74 -4.78 -8.89
CA ASN A 79 3.15 -4.40 -8.71
C ASN A 79 3.28 -2.87 -8.56
N ASP A 80 2.18 -2.18 -8.17
CA ASP A 80 2.17 -0.71 -8.05
C ASP A 80 1.13 -0.30 -7.00
N ILE A 81 1.60 0.12 -5.81
CA ILE A 81 0.71 0.49 -4.69
C ILE A 81 0.88 1.97 -4.32
N ASP A 82 -0.13 2.51 -3.64
CA ASP A 82 -0.18 3.89 -3.17
C ASP A 82 -0.22 3.84 -1.62
N MET A 83 0.31 4.86 -0.94
CA MET A 83 0.59 4.78 0.53
C MET A 83 0.61 6.18 1.16
N THR A 84 0.31 6.30 2.47
CA THR A 84 0.34 7.61 3.18
C THR A 84 1.76 8.21 3.25
N PRO A 85 1.90 9.59 3.32
CA PRO A 85 3.21 10.28 3.36
C PRO A 85 3.91 10.07 4.71
N GLY A 86 3.13 9.84 5.77
CA GLY A 86 3.64 9.53 7.10
C GLY A 86 4.48 8.26 7.09
N LEU A 87 4.01 7.23 6.36
CA LEU A 87 4.74 5.97 6.19
C LEU A 87 5.83 6.12 5.11
N PHE A 88 5.47 6.82 4.02
CA PHE A 88 6.32 6.97 2.81
C PHE A 88 7.65 7.71 3.13
N GLN A 89 7.59 8.69 4.05
CA GLN A 89 8.80 9.43 4.49
C GLN A 89 9.70 8.54 5.38
N GLN A 90 9.08 7.59 6.11
CA GLN A 90 9.81 6.63 6.95
C GLN A 90 10.46 5.55 6.08
N LEU A 91 9.82 5.24 4.92
CA LEU A 91 10.36 4.32 3.90
C LEU A 91 11.40 5.01 2.98
N GLY A 92 11.45 6.35 2.99
CA GLY A 92 12.43 7.09 2.18
C GLY A 92 12.27 8.58 2.31
N SER A 93 11.75 9.23 1.26
CA SER A 93 11.47 10.69 1.26
C SER A 93 10.26 10.98 0.37
N LEU A 94 9.56 12.10 0.67
CA LEU A 94 8.46 12.61 -0.19
C LEU A 94 9.03 13.19 -1.49
N ASP A 95 10.32 13.58 -1.44
CA ASP A 95 11.11 14.08 -2.59
C ASP A 95 11.24 13.01 -3.67
N GLU A 96 11.31 11.73 -3.23
CA GLU A 96 11.43 10.56 -4.11
C GLU A 96 10.22 10.47 -5.05
N GLY A 97 9.00 10.55 -4.46
CA GLY A 97 7.72 10.39 -5.19
C GLY A 97 7.38 8.93 -5.49
N VAL A 98 8.42 8.14 -5.84
CA VAL A 98 8.36 6.70 -6.07
C VAL A 98 9.39 5.98 -5.14
N LEU A 99 8.91 4.96 -4.41
CA LEU A 99 9.71 4.09 -3.54
C LEU A 99 9.32 2.63 -3.78
N THR A 100 10.20 1.87 -4.41
CA THR A 100 9.97 0.44 -4.69
C THR A 100 10.08 -0.39 -3.39
N VAL A 101 8.94 -0.90 -2.92
CA VAL A 101 8.82 -1.62 -1.64
C VAL A 101 8.42 -3.10 -1.85
N SER A 102 8.91 -3.99 -0.98
CA SER A 102 8.51 -5.39 -0.92
C SER A 102 7.48 -5.52 0.21
N TRP A 103 6.22 -5.67 -0.20
CA TRP A 103 5.05 -5.64 0.69
C TRP A 103 4.34 -7.02 0.71
N THR A 104 3.87 -7.46 1.89
CA THR A 104 3.08 -8.70 2.03
C THR A 104 1.61 -8.36 2.33
N LEU A 105 0.69 -9.08 1.66
CA LEU A 105 -0.76 -8.89 1.83
C LEU A 105 -1.25 -9.79 2.99
N GLY A 1 -13.44 -9.82 -20.59
CA GLY A 1 -14.21 -10.25 -19.40
C GLY A 1 -13.34 -10.29 -18.16
N HIS A 2 -13.99 -10.42 -16.97
CA HIS A 2 -13.29 -10.47 -15.67
C HIS A 2 -12.59 -11.84 -15.53
N ALA A 3 -11.25 -11.82 -15.63
CA ALA A 3 -10.41 -13.02 -15.51
C ALA A 3 -10.22 -13.41 -14.01
N PRO A 4 -10.04 -14.74 -13.69
CA PRO A 4 -9.88 -15.21 -12.29
C PRO A 4 -8.58 -14.68 -11.65
N ALA A 5 -8.72 -13.57 -10.89
CA ALA A 5 -7.62 -12.95 -10.12
C ALA A 5 -7.12 -13.92 -9.05
N GLU A 6 -6.01 -14.61 -9.36
CA GLU A 6 -5.47 -15.68 -8.52
C GLU A 6 -4.78 -15.07 -7.28
N LYS A 7 -5.51 -15.07 -6.15
CA LYS A 7 -5.00 -14.59 -4.86
C LYS A 7 -3.85 -15.49 -4.39
N ARG A 8 -2.68 -14.89 -4.15
CA ARG A 8 -1.50 -15.60 -3.70
C ARG A 8 -0.64 -14.61 -2.89
N SER A 9 -0.80 -14.66 -1.55
CA SER A 9 -0.18 -13.70 -0.63
C SER A 9 1.34 -13.94 -0.54
N THR A 10 2.10 -13.09 -1.26
CA THR A 10 3.55 -13.23 -1.40
C THR A 10 4.23 -11.86 -1.36
N THR A 11 5.50 -11.86 -0.97
CA THR A 11 6.33 -10.66 -0.92
C THR A 11 6.70 -10.24 -2.35
N ARG A 12 5.94 -9.31 -2.89
CA ARG A 12 6.19 -8.76 -4.23
C ARG A 12 6.92 -7.43 -4.09
N GLU A 13 7.87 -7.19 -5.00
CA GLU A 13 8.58 -5.93 -5.11
C GLU A 13 7.94 -5.13 -6.24
N GLY A 14 7.41 -3.97 -5.89
CA GLY A 14 6.72 -3.12 -6.83
C GLY A 14 6.84 -1.65 -6.48
N ARG A 15 5.95 -0.84 -7.04
CA ARG A 15 6.05 0.62 -6.99
C ARG A 15 5.17 1.18 -5.86
N GLY A 16 5.82 1.77 -4.84
CA GLY A 16 5.14 2.47 -3.77
C GLY A 16 5.17 3.97 -3.99
N THR A 17 4.02 4.55 -4.37
CA THR A 17 3.87 6.00 -4.51
C THR A 17 3.26 6.56 -3.22
N TRP A 18 3.44 7.87 -2.91
CA TRP A 18 2.74 8.50 -1.76
C TRP A 18 1.56 9.36 -2.21
N TYR A 19 0.50 9.38 -1.40
CA TYR A 19 -0.65 10.27 -1.57
C TYR A 19 -0.91 10.98 -0.24
N ASP A 20 -1.65 12.10 -0.28
CA ASP A 20 -2.11 12.79 0.94
C ASP A 20 -3.38 12.11 1.44
N THR A 21 -3.45 11.87 2.75
CA THR A 21 -4.52 11.09 3.37
C THR A 21 -5.89 11.82 3.32
N GLY A 22 -6.97 11.07 3.55
CA GLY A 22 -8.30 11.64 3.66
C GLY A 22 -9.29 10.61 4.16
N LEU A 23 -10.37 10.40 3.42
CA LEU A 23 -11.33 9.33 3.67
C LEU A 23 -10.83 8.04 2.98
N GLY A 24 -10.73 6.94 3.74
CA GLY A 24 -10.35 5.63 3.19
C GLY A 24 -11.47 5.05 2.32
N ALA A 25 -11.08 4.36 1.23
CA ALA A 25 -12.04 3.70 0.32
C ALA A 25 -12.71 2.50 1.00
N CYS A 26 -12.01 1.91 1.97
CA CYS A 26 -12.59 0.89 2.87
C CYS A 26 -12.84 1.58 4.23
N GLY A 27 -13.65 0.95 5.12
CA GLY A 27 -14.22 1.59 6.33
C GLY A 27 -13.19 2.18 7.32
N TRP A 28 -12.63 3.33 6.95
CA TRP A 28 -11.53 4.03 7.65
C TRP A 28 -11.59 5.54 7.34
N ASN A 29 -11.22 6.35 8.34
CA ASN A 29 -11.07 7.81 8.20
C ASN A 29 -9.77 8.18 8.92
N ASN A 30 -8.76 8.66 8.18
CA ASN A 30 -7.38 8.76 8.70
C ASN A 30 -6.81 10.18 8.49
N VAL A 31 -5.77 10.53 9.26
CA VAL A 31 -5.09 11.85 9.16
C VAL A 31 -3.79 11.73 8.35
N ASN A 32 -3.21 12.90 7.97
CA ASN A 32 -2.00 13.00 7.10
C ASN A 32 -0.77 12.29 7.73
N SER A 33 -0.66 12.39 9.06
CA SER A 33 0.43 11.76 9.84
C SER A 33 0.18 10.25 10.06
N ASP A 34 -1.10 9.83 9.98
CA ASP A 34 -1.47 8.40 10.15
C ASP A 34 -0.97 7.58 8.96
N THR A 35 -0.66 6.31 9.22
CA THR A 35 0.13 5.46 8.33
C THR A 35 -0.70 4.29 7.76
N VAL A 36 -1.54 4.57 6.75
CA VAL A 36 -2.32 3.54 6.02
C VAL A 36 -1.94 3.50 4.54
N ILE A 37 -2.44 2.46 3.84
CA ILE A 37 -2.09 2.17 2.44
C ILE A 37 -3.37 2.06 1.56
N ALA A 38 -3.17 2.41 0.29
CA ALA A 38 -4.14 2.29 -0.80
C ALA A 38 -3.65 1.18 -1.74
N LEU A 39 -4.43 0.10 -1.85
CA LEU A 39 -4.10 -1.07 -2.70
C LEU A 39 -4.86 -1.00 -4.02
N SER A 40 -4.46 -1.84 -5.01
CA SER A 40 -5.21 -2.04 -6.26
C SER A 40 -6.73 -2.25 -5.99
N PRO A 41 -7.66 -1.69 -6.84
CA PRO A 41 -9.11 -1.57 -6.51
C PRO A 41 -9.77 -2.91 -6.10
N SER A 42 -10.82 -2.81 -5.28
CA SER A 42 -11.58 -3.98 -4.75
C SER A 42 -12.30 -4.76 -5.87
N VAL A 43 -12.39 -4.15 -7.05
CA VAL A 43 -12.87 -4.81 -8.27
C VAL A 43 -11.91 -5.95 -8.68
N TYR A 44 -10.59 -5.72 -8.48
CA TYR A 44 -9.53 -6.70 -8.80
C TYR A 44 -9.04 -7.48 -7.56
N SER A 45 -9.08 -6.85 -6.37
CA SER A 45 -8.62 -7.47 -5.11
C SER A 45 -9.76 -8.25 -4.40
N GLY A 46 -11.00 -8.10 -4.93
CA GLY A 46 -12.19 -8.73 -4.37
C GLY A 46 -12.59 -8.19 -3.00
N GLY A 47 -11.95 -7.07 -2.57
CA GLY A 47 -12.17 -6.50 -1.23
C GLY A 47 -11.43 -7.26 -0.13
N SER A 48 -10.81 -8.38 -0.50
CA SER A 48 -10.26 -9.40 0.41
C SER A 48 -8.88 -9.03 0.96
N HIS A 49 -8.40 -7.81 0.64
CA HIS A 49 -7.12 -7.27 1.14
C HIS A 49 -7.35 -6.10 2.12
N CYS A 50 -8.61 -5.65 2.26
CA CYS A 50 -8.98 -4.59 3.20
C CYS A 50 -8.83 -5.06 4.66
N GLY A 51 -8.11 -4.26 5.46
CA GLY A 51 -7.95 -4.52 6.89
C GLY A 51 -6.74 -5.37 7.21
N GLN A 52 -5.95 -5.74 6.18
CA GLN A 52 -4.75 -6.54 6.36
C GLN A 52 -3.53 -5.61 6.52
N THR A 53 -2.75 -5.85 7.58
CA THR A 53 -1.56 -5.06 7.91
C THR A 53 -0.37 -5.53 7.04
N VAL A 54 0.23 -4.60 6.29
CA VAL A 54 1.23 -4.91 5.26
C VAL A 54 2.62 -4.38 5.64
N THR A 55 3.55 -5.30 5.90
CA THR A 55 4.96 -4.95 6.11
C THR A 55 5.60 -4.57 4.75
N VAL A 56 5.82 -3.26 4.55
CA VAL A 56 6.43 -2.69 3.33
C VAL A 56 7.93 -2.41 3.61
N THR A 57 8.80 -2.67 2.63
CA THR A 57 10.25 -2.49 2.80
C THR A 57 10.87 -1.82 1.56
N ASN A 58 11.35 -0.58 1.72
CA ASN A 58 12.04 0.15 0.65
C ASN A 58 13.40 -0.52 0.41
N VAL A 59 13.51 -1.26 -0.72
CA VAL A 59 14.70 -2.08 -1.03
C VAL A 59 15.93 -1.18 -1.37
N VAL A 60 15.68 0.11 -1.70
CA VAL A 60 16.73 1.07 -2.06
C VAL A 60 17.60 1.42 -0.83
N THR A 61 16.96 1.94 0.24
CA THR A 61 17.65 2.38 1.48
C THR A 61 17.65 1.28 2.56
N GLY A 62 16.77 0.29 2.41
CA GLY A 62 16.64 -0.83 3.36
C GLY A 62 15.74 -0.53 4.56
N ALA A 63 14.91 0.53 4.46
CA ALA A 63 13.97 0.93 5.53
C ALA A 63 12.71 0.04 5.48
N LYS A 64 12.33 -0.54 6.63
CA LYS A 64 11.19 -1.47 6.74
C LYS A 64 10.13 -0.89 7.70
N ALA A 65 8.91 -0.69 7.20
CA ALA A 65 7.77 -0.21 7.98
C ALA A 65 6.53 -1.09 7.73
N THR A 66 5.44 -0.78 8.42
CA THR A 66 4.15 -1.49 8.24
C THR A 66 3.00 -0.47 8.16
N GLY A 67 2.00 -0.78 7.31
CA GLY A 67 0.79 0.02 7.17
C GLY A 67 -0.37 -0.86 6.71
N THR A 68 -1.55 -0.64 7.29
CA THR A 68 -2.76 -1.44 6.97
C THR A 68 -3.43 -0.93 5.68
N VAL A 69 -3.96 -1.87 4.87
CA VAL A 69 -4.79 -1.52 3.70
C VAL A 69 -6.11 -0.92 4.20
N ALA A 70 -6.31 0.39 3.96
CA ALA A 70 -7.51 1.11 4.39
C ALA A 70 -8.19 1.78 3.20
N ASP A 71 -7.42 1.99 2.12
CA ASP A 71 -7.87 2.74 0.96
C ASP A 71 -7.57 1.95 -0.34
N GLU A 72 -8.13 2.43 -1.45
CA GLU A 72 -7.92 1.86 -2.79
C GLU A 72 -7.21 2.88 -3.68
N CYS A 73 -6.57 2.37 -4.72
CA CYS A 73 -5.83 3.13 -5.71
C CYS A 73 -6.22 2.56 -7.08
N PRO A 74 -7.30 3.12 -7.73
CA PRO A 74 -7.82 2.61 -9.02
C PRO A 74 -6.80 2.75 -10.19
N GLY A 75 -5.88 3.72 -10.06
CA GLY A 75 -4.80 3.92 -11.02
C GLY A 75 -3.67 2.92 -10.84
N CYS A 76 -3.52 2.40 -9.62
CA CYS A 76 -2.49 1.41 -9.27
C CYS A 76 -2.81 0.04 -9.89
N GLY A 77 -1.81 -0.49 -10.63
CA GLY A 77 -1.82 -1.86 -11.14
C GLY A 77 -1.48 -2.89 -10.04
N PRO A 78 -1.47 -4.22 -10.39
CA PRO A 78 -1.22 -5.33 -9.41
C PRO A 78 0.00 -5.11 -8.47
N ASN A 79 1.17 -4.71 -9.05
CA ASN A 79 2.43 -4.52 -8.29
C ASN A 79 2.62 -3.06 -7.84
N ASP A 80 1.55 -2.26 -7.87
CA ASP A 80 1.62 -0.83 -7.49
C ASP A 80 0.73 -0.60 -6.26
N ILE A 81 1.29 0.08 -5.25
CA ILE A 81 0.58 0.53 -4.03
C ILE A 81 0.81 2.03 -3.81
N ASP A 82 -0.05 2.66 -3.01
CA ASP A 82 -0.03 4.11 -2.79
C ASP A 82 -0.26 4.37 -1.29
N MET A 83 0.74 4.87 -0.55
CA MET A 83 0.65 4.96 0.94
C MET A 83 0.65 6.42 1.39
N THR A 84 0.17 6.63 2.63
CA THR A 84 0.16 7.94 3.28
C THR A 84 1.58 8.56 3.40
N PRO A 85 1.69 9.94 3.50
CA PRO A 85 3.00 10.62 3.53
C PRO A 85 3.77 10.32 4.83
N GLY A 86 3.00 10.15 5.94
CA GLY A 86 3.54 9.75 7.24
C GLY A 86 4.28 8.43 7.20
N LEU A 87 3.79 7.50 6.34
CA LEU A 87 4.41 6.17 6.14
C LEU A 87 5.58 6.26 5.15
N PHE A 88 5.36 6.96 4.02
CA PHE A 88 6.34 7.03 2.91
C PHE A 88 7.62 7.79 3.31
N GLN A 89 7.49 8.75 4.26
CA GLN A 89 8.66 9.48 4.81
C GLN A 89 9.48 8.58 5.77
N GLN A 90 8.84 7.51 6.30
CA GLN A 90 9.51 6.46 7.11
C GLN A 90 10.22 5.47 6.18
N LEU A 91 9.57 5.14 5.03
CA LEU A 91 10.21 4.30 3.98
C LEU A 91 11.40 5.03 3.32
N GLY A 92 11.26 6.35 3.13
CA GLY A 92 12.28 7.15 2.44
C GLY A 92 12.00 8.65 2.53
N SER A 93 11.78 9.30 1.38
CA SER A 93 11.51 10.75 1.29
C SER A 93 10.33 10.99 0.36
N LEU A 94 9.51 12.03 0.65
CA LEU A 94 8.36 12.39 -0.21
C LEU A 94 8.83 12.99 -1.55
N ASP A 95 10.08 13.51 -1.56
CA ASP A 95 10.74 14.04 -2.76
C ASP A 95 10.90 12.95 -3.83
N GLU A 96 11.03 11.68 -3.38
CA GLU A 96 11.21 10.52 -4.24
C GLU A 96 9.97 10.26 -5.13
N GLY A 97 8.78 10.51 -4.57
CA GLY A 97 7.53 10.28 -5.28
C GLY A 97 7.13 8.80 -5.29
N VAL A 98 7.90 8.00 -6.03
CA VAL A 98 7.82 6.52 -6.03
C VAL A 98 9.12 5.91 -5.47
N LEU A 99 9.00 4.79 -4.74
CA LEU A 99 10.12 4.01 -4.19
C LEU A 99 9.87 2.53 -4.45
N THR A 100 10.96 1.81 -4.77
CA THR A 100 10.93 0.38 -5.03
C THR A 100 10.79 -0.37 -3.67
N VAL A 101 9.58 -0.86 -3.38
CA VAL A 101 9.23 -1.46 -2.06
C VAL A 101 8.76 -2.91 -2.22
N SER A 102 9.06 -3.76 -1.21
CA SER A 102 8.61 -5.16 -1.14
C SER A 102 7.51 -5.27 -0.05
N TRP A 103 6.42 -5.96 -0.38
CA TRP A 103 5.16 -5.96 0.40
C TRP A 103 4.34 -7.23 0.11
N THR A 104 3.56 -7.72 1.10
CA THR A 104 2.83 -9.01 1.00
C THR A 104 1.31 -8.82 0.88
N LEU A 105 0.80 -8.95 -0.35
CA LEU A 105 -0.65 -9.16 -0.65
C LEU A 105 -0.81 -10.31 -1.67
#